data_5WKC
#
_entry.id   5WKC
#
_cell.length_a   218.213
_cell.length_b   218.213
_cell.length_c   361.940
_cell.angle_alpha   90.00
_cell.angle_beta   90.00
_cell.angle_gamma   90.00
#
_symmetry.space_group_name_H-M   'I 4 2 2'
#
loop_
_entity.id
_entity.type
_entity.pdbx_description
1 polymer 'Acetolactate synthase catalytic subunit, mitochondrial'
2 polymer 'Acetolactate synthase catalytic subunit, mitochondrial'
3 non-polymer 'MAGNESIUM ION'
4 non-polymer 2-(2,2-difluoroethoxy)-N-(5,8-dimethoxy[1,2,4]triazolo[1,5-c]pyrimidin-2-yl)-6-(trifluoromethyl)benzenesulfonamide
5 non-polymer 'FLAVIN-ADENINE DINUCLEOTIDE'
6 non-polymer 'ETHANEPEROXOIC ACID'
7 non-polymer '2-[3-[(4-azanyl-2-methyl-pyrimidin-5-yl)methyl]-2-[(1~{S})-1-(dioxidanyl)-1-oxidanyl-ethyl]-4-methyl-1,3-thiazol-5-yl]ethyl phosphono hydrogen phosphate'
8 non-polymer '(3Z)-4-{[(4-AMINO-2-METHYLPYRIMIDIN-5-YL)METHYL]AMINO}-3-MERCAPTOPENT-3-EN-1-YL TRIHYDROGEN DIPHOSPHATE'
9 water water
#
loop_
_entity_poly.entity_id
_entity_poly.type
_entity_poly.pdbx_seq_one_letter_code
_entity_poly.pdbx_strand_id
1 'polypeptide(L)'
;MHHHHHHSSGLVPRGSGMKETAAAKFERQHMDSPDLGTDDDDKAMGSAPSFNVDPLEQPAEPSKLAKKLRAEPDMDTSFV
GLTGGQIFNEMMSRQNVDTVFGYPGGAILPVYDAIHNSDKFNFVLPKHEQGAGHMAEGYARASGKPGVVLVTSGPGATNV
VTPMADAFADGIPMVVFTGQVPTSAIGTDAFQEADVVGISRSCTKWNVMVKSVEELPLRINEAFEIATSGRPGPVLVDLP
KDVTAAILRNPIPTKTTLPSNALNQLTSRAQDEFVMQSINKAADLINLAKKPVLYVGAGILNHADGPRLLKELSDRAQIP
VTTTLQGLGSFDQEDPKSLDMLGMHGCATANLAVQNADLIIAVGARFDDRVTGNISKFAPEARRAAAEGRGGIIHFEVSP
KNINKVVQTQIAVEGDATTNLGKMMSKIFPVKERSEWFAQINKWKKEYPYAYMEETPGSKIKPQTVIKKLSKVANDTGRH
VIVTTGVGQHQMWAAQHWTWRNPHTFITSGGLGTMGYGLPAAIGAQVAKPESLVIDIDGDASFNMTLTELSSAVQAGTPV
KILILNNEEQGMVTQWQSLFYEHRYSHTHQLNPDFIKLAEAMGLKGLRVKKQEELDAKLKEFVSTKGPVLLEVEVDKKVP
VLPMVAGGSGLDEFINFDPEVERQQTELRHKRTGGKH
;
A,B,E
2 'polypeptide(L)'
;MHHHHHHSSGLVPRGSGMKETAAAKFERQHMDSPDLGTDDDDKAMGSAPSFNVDPLEQPAEPSKLAKKLRAEPDMDTSFV
GLTGGQIFNEMMSRQNVDTVFGYPGGAILPVYDAIHNSDKFNFVLPKHEQGAGHMAEGYARASGKPGVVLVTSGPGATNV
VTPMADAFADGIPMVVFTGQVPTSAIGTDAFQEADVVGISRSCTKWNVMVKSVEELPLRINEAFEIATSGRPGPVLVDLP
KDVTAAILRNPIPTKTTLPSNALNQLTSRAQDEFVMQSINKAADLINLAKKPVLYVGAGILNHADGPRLLKELSDRAQIP
VTTTLQGLGSFDQEDPKSLDMLGMHGCATANLAVQNADLIIAVGARFDDRVTGNISKFAPEARRAAAEGRGGIIHFEVSP
KNINKVVQTQIAVEGDATTNLGKMMSKIFPVKERSEWFAQINKWKKEYPYAYMEETPGSKIKPQTVIKKLSKVANDTGRH
VIVTTGVGQHQ(SME)WAAQHWTWRNPHTFITSGGLGTMGYGLPAAIGAQVAKPESLVIDIDGDASFNMTLTELSSAVQA
GTPVKILILNNEEQGMVTQWQSLFYEHRYSHTHQLNPDFIKLAEAMGLKGLRVKKQEELDAKLKEFVSTKGPVLLEVEVD
KKVPVLPMVAGGSGLDEFINFDPEVERQQTELRHKRTGGKH
;
D
#
# COMPACT_ATOMS: atom_id res chain seq x y z
N MET A 75 63.59 33.32 -5.99
CA MET A 75 62.52 32.38 -6.34
C MET A 75 62.99 30.94 -6.27
N ASP A 76 62.07 30.04 -5.88
CA ASP A 76 62.40 28.64 -5.64
C ASP A 76 61.72 27.70 -6.62
N THR A 77 62.45 26.68 -7.08
CA THR A 77 61.92 25.74 -8.07
C THR A 77 61.93 24.30 -7.56
N SER A 78 62.26 24.11 -6.29
CA SER A 78 62.43 22.77 -5.73
C SER A 78 61.12 21.98 -5.63
N PHE A 79 59.99 22.67 -5.74
CA PHE A 79 58.69 22.01 -5.63
C PHE A 79 57.98 21.87 -6.98
N VAL A 80 58.59 22.40 -8.03
CA VAL A 80 58.00 22.34 -9.37
C VAL A 80 57.90 20.90 -9.85
N GLY A 81 56.71 20.49 -10.25
CA GLY A 81 56.48 19.13 -10.71
C GLY A 81 55.82 18.27 -9.64
N LEU A 82 55.77 18.78 -8.41
CA LEU A 82 55.14 18.04 -7.32
C LEU A 82 53.66 18.38 -7.21
N THR A 83 52.87 17.41 -6.77
CA THR A 83 51.47 17.68 -6.44
C THR A 83 51.42 18.46 -5.14
N GLY A 84 50.26 19.04 -4.84
CA GLY A 84 50.06 19.74 -3.58
C GLY A 84 50.31 18.81 -2.40
N GLY A 85 49.84 17.57 -2.54
CA GLY A 85 50.05 16.56 -1.51
C GLY A 85 51.52 16.27 -1.29
N GLN A 86 52.27 16.19 -2.37
CA GLN A 86 53.71 15.91 -2.27
C GLN A 86 54.43 17.09 -1.64
N ILE A 87 53.95 18.29 -1.93
CA ILE A 87 54.49 19.49 -1.31
C ILE A 87 54.23 19.46 0.20
N PHE A 88 53.03 19.01 0.59
CA PHE A 88 52.69 18.84 1.99
C PHE A 88 53.68 17.91 2.71
N ASN A 89 53.98 16.79 2.05
CA ASN A 89 54.92 15.82 2.57
C ASN A 89 56.29 16.43 2.86
N GLU A 90 56.82 17.17 1.88
CA GLU A 90 58.09 17.87 2.04
C GLU A 90 58.04 18.94 3.14
N MET A 91 56.92 19.64 3.22
CA MET A 91 56.78 20.72 4.19
C MET A 91 56.77 20.21 5.62
N MET A 92 56.29 18.99 5.84
CA MET A 92 56.29 18.39 7.16
C MET A 92 57.74 18.19 7.58
N SER A 93 58.57 17.81 6.64
CA SER A 93 59.97 17.60 6.89
C SER A 93 60.67 18.89 7.23
N ARG A 94 60.35 19.92 6.50
CA ARG A 94 60.90 21.21 6.74
C ARG A 94 60.46 21.82 8.04
N GLN A 95 59.30 21.42 8.54
CA GLN A 95 58.81 21.96 9.77
C GLN A 95 59.25 21.11 10.92
N ASN A 96 60.01 20.07 10.64
CA ASN A 96 60.52 19.22 11.66
C ASN A 96 59.47 18.39 12.36
N VAL A 97 58.47 17.99 11.61
CA VAL A 97 57.40 17.18 12.14
C VAL A 97 57.81 15.73 12.13
N ASP A 98 57.66 15.04 13.23
CA ASP A 98 58.01 13.62 13.27
C ASP A 98 56.79 12.73 13.48
N THR A 99 55.64 13.33 13.72
CA THR A 99 54.42 12.57 13.93
C THR A 99 53.19 13.29 13.38
N VAL A 100 52.35 12.55 12.68
CA VAL A 100 51.07 13.07 12.20
C VAL A 100 49.94 12.17 12.70
N PHE A 101 48.91 12.79 13.27
CA PHE A 101 47.72 12.08 13.71
C PHE A 101 46.58 12.35 12.73
N GLY A 102 45.90 11.31 12.26
CA GLY A 102 44.86 11.53 11.28
C GLY A 102 44.02 10.35 10.87
N TYR A 103 43.06 10.63 9.98
CA TYR A 103 42.13 9.62 9.46
C TYR A 103 41.73 10.04 8.05
N PRO A 104 41.86 9.12 7.07
CA PRO A 104 41.67 9.47 5.67
C PRO A 104 40.21 9.61 5.24
N GLY A 105 40.01 10.04 4.00
CA GLY A 105 38.69 10.23 3.44
C GLY A 105 38.81 10.87 2.08
N GLY A 106 37.70 10.91 1.35
CA GLY A 106 37.70 11.36 -0.04
C GLY A 106 38.43 12.65 -0.36
N ALA A 107 38.12 13.72 0.38
CA ALA A 107 38.67 15.04 0.07
C ALA A 107 40.16 15.15 0.30
N ILE A 108 40.69 14.35 1.22
CA ILE A 108 42.08 14.47 1.63
C ILE A 108 42.94 13.37 0.99
N LEU A 109 42.32 12.58 0.15
CA LEU A 109 42.97 11.48 -0.55
C LEU A 109 44.24 11.82 -1.30
N PRO A 110 44.31 12.97 -1.97
CA PRO A 110 45.56 13.25 -2.66
C PRO A 110 46.74 13.45 -1.70
N VAL A 111 46.46 13.94 -0.49
CA VAL A 111 47.51 14.11 0.49
C VAL A 111 47.93 12.76 1.05
N TYR A 112 46.97 11.90 1.35
CA TYR A 112 47.29 10.58 1.87
C TYR A 112 48.07 9.75 0.87
N ASP A 113 47.81 9.95 -0.43
CA ASP A 113 48.56 9.22 -1.43
C ASP A 113 50.03 9.65 -1.43
N ALA A 114 50.26 10.95 -1.20
CA ALA A 114 51.60 11.50 -1.23
C ALA A 114 52.43 11.16 -0.01
N ILE A 115 51.76 10.93 1.13
CA ILE A 115 52.46 10.59 2.36
C ILE A 115 52.47 9.08 2.59
N HIS A 116 52.02 8.34 1.58
CA HIS A 116 52.02 6.87 1.61
C HIS A 116 53.43 6.34 1.85
N ASN A 117 53.61 5.62 2.95
CA ASN A 117 54.91 5.06 3.34
C ASN A 117 56.01 6.11 3.42
N SER A 118 55.63 7.33 3.79
CA SER A 118 56.59 8.42 3.96
C SER A 118 57.58 8.10 5.07
N ASP A 119 58.85 8.40 4.83
CA ASP A 119 59.87 8.18 5.85
C ASP A 119 60.14 9.45 6.64
N LYS A 120 59.36 10.49 6.35
CA LYS A 120 59.61 11.81 6.92
C LYS A 120 58.96 11.97 8.30
N PHE A 121 58.02 11.09 8.62
CA PHE A 121 57.34 11.13 9.91
C PHE A 121 56.58 9.84 10.17
N ASN A 122 56.22 9.62 11.44
CA ASN A 122 55.37 8.52 11.82
C ASN A 122 53.91 8.93 11.76
N PHE A 123 53.04 7.98 11.43
CA PHE A 123 51.61 8.26 11.37
C PHE A 123 50.88 7.45 12.43
N VAL A 124 49.97 8.10 13.15
CA VAL A 124 49.17 7.42 14.15
C VAL A 124 47.69 7.46 13.75
N LEU A 125 47.09 6.28 13.65
CA LEU A 125 45.71 6.16 13.22
C LEU A 125 44.78 5.82 14.37
N PRO A 126 43.86 6.74 14.70
CA PRO A 126 42.86 6.53 15.76
C PRO A 126 41.61 5.86 15.19
N LYS A 127 40.57 5.71 16.00
CA LYS A 127 39.30 5.21 15.53
C LYS A 127 38.34 6.36 15.21
N HIS A 128 38.64 7.53 15.75
CA HIS A 128 37.78 8.70 15.66
C HIS A 128 38.65 9.95 15.55
N GLU A 129 38.25 10.92 14.73
CA GLU A 129 39.05 12.15 14.56
C GLU A 129 39.22 12.92 15.85
N GLN A 130 38.23 12.85 16.75
CA GLN A 130 38.37 13.48 18.06
C GLN A 130 39.58 12.87 18.76
N GLY A 131 39.77 11.57 18.57
CA GLY A 131 40.92 10.87 19.12
C GLY A 131 42.22 11.44 18.56
N ALA A 132 42.27 11.62 17.24
CA ALA A 132 43.43 12.20 16.60
C ALA A 132 43.76 13.56 17.20
N GLY A 133 42.72 14.37 17.41
CA GLY A 133 42.87 15.69 17.98
C GLY A 133 43.45 15.68 19.38
N HIS A 134 42.86 14.87 20.26
CA HIS A 134 43.32 14.81 21.65
C HIS A 134 44.70 14.17 21.76
N MET A 135 44.99 13.23 20.86
CA MET A 135 46.32 12.62 20.78
C MET A 135 47.37 13.67 20.45
N ALA A 136 47.06 14.50 19.46
CA ALA A 136 47.95 15.59 19.05
C ALA A 136 48.18 16.56 20.19
N GLU A 137 47.13 16.82 20.98
CA GLU A 137 47.26 17.68 22.14
C GLU A 137 48.21 17.08 23.17
N GLY A 138 47.99 15.82 23.51
CA GLY A 138 48.84 15.12 24.46
C GLY A 138 50.27 15.05 23.94
N TYR A 139 50.41 14.86 22.64
CA TYR A 139 51.73 14.84 22.02
C TYR A 139 52.43 16.18 22.18
N ALA A 140 51.72 17.26 21.85
CA ALA A 140 52.26 18.60 21.93
C ALA A 140 52.69 18.97 23.34
N ARG A 141 51.90 18.55 24.32
CA ARG A 141 52.13 18.92 25.71
C ARG A 141 53.32 18.18 26.32
N ALA A 142 53.60 16.99 25.81
CA ALA A 142 54.71 16.20 26.33
C ALA A 142 56.01 16.51 25.59
N SER A 143 55.90 16.88 24.32
CA SER A 143 57.07 17.07 23.46
C SER A 143 57.53 18.51 23.36
N GLY A 144 56.59 19.45 23.43
CA GLY A 144 56.90 20.86 23.24
C GLY A 144 56.87 21.24 21.78
N LYS A 145 56.47 20.28 20.94
CA LYS A 145 56.31 20.53 19.50
C LYS A 145 54.84 20.62 19.18
N PRO A 146 54.48 21.34 18.10
CA PRO A 146 53.06 21.40 17.74
C PRO A 146 52.51 20.05 17.30
N GLY A 147 51.24 19.78 17.64
CA GLY A 147 50.59 18.55 17.21
C GLY A 147 49.98 18.73 15.83
N VAL A 148 50.19 17.75 14.96
CA VAL A 148 49.72 17.85 13.59
C VAL A 148 48.58 16.87 13.31
N VAL A 149 47.48 17.39 12.80
CA VAL A 149 46.29 16.60 12.53
C VAL A 149 45.95 16.63 11.04
N LEU A 150 45.61 15.48 10.47
CA LEU A 150 45.30 15.37 9.06
C LEU A 150 44.02 14.57 8.83
N VAL A 151 42.91 15.27 8.63
CA VAL A 151 41.61 14.60 8.48
C VAL A 151 40.90 15.06 7.21
N THR A 152 39.80 14.38 6.88
CA THR A 152 39.09 14.68 5.64
C THR A 152 38.05 15.78 5.85
N SER A 153 37.28 16.08 4.81
CA SER A 153 36.27 17.13 4.86
C SER A 153 35.04 16.70 5.63
N GLY A 154 34.05 17.60 5.71
CA GLY A 154 32.76 17.30 6.31
C GLY A 154 32.87 16.77 7.73
N PRO A 155 32.40 15.53 7.95
CA PRO A 155 32.35 14.95 9.29
C PRO A 155 33.74 14.73 9.89
N GLY A 156 34.75 14.56 9.03
CA GLY A 156 36.11 14.43 9.51
C GLY A 156 36.54 15.72 10.19
N ALA A 157 36.18 16.83 9.58
CA ALA A 157 36.52 18.16 10.09
C ALA A 157 35.69 18.54 11.31
N THR A 158 34.39 18.25 11.27
CA THR A 158 33.53 18.63 12.39
C THR A 158 33.90 17.81 13.63
N ASN A 159 34.45 16.62 13.43
CA ASN A 159 34.84 15.76 14.54
C ASN A 159 36.09 16.25 15.28
N VAL A 160 36.80 17.24 14.73
CA VAL A 160 37.96 17.76 15.44
C VAL A 160 37.70 19.14 16.06
N VAL A 161 36.44 19.57 16.05
CA VAL A 161 36.08 20.86 16.65
C VAL A 161 36.31 20.86 18.16
N THR A 162 35.91 19.79 18.84
CA THR A 162 36.10 19.70 20.29
C THR A 162 37.60 19.75 20.69
N PRO A 163 38.46 18.96 20.02
CA PRO A 163 39.89 19.13 20.33
C PRO A 163 40.43 20.53 20.03
N MET A 164 39.94 21.18 18.98
CA MET A 164 40.38 22.54 18.66
C MET A 164 39.95 23.51 19.75
N ALA A 165 38.69 23.42 20.18
CA ALA A 165 38.20 24.24 21.29
C ALA A 165 38.98 23.94 22.56
N ASP A 166 39.36 22.68 22.76
CA ASP A 166 40.16 22.28 23.91
C ASP A 166 41.54 22.90 23.85
N ALA A 167 42.20 22.77 22.71
CA ALA A 167 43.52 23.34 22.51
C ALA A 167 43.50 24.86 22.58
N PHE A 168 42.39 25.45 22.16
CA PHE A 168 42.23 26.89 22.20
C PHE A 168 42.10 27.38 23.64
N ALA A 169 41.34 26.64 24.44
CA ALA A 169 41.12 27.01 25.83
C ALA A 169 42.39 26.87 26.67
N ASP A 170 43.20 25.88 26.36
CA ASP A 170 44.39 25.60 27.17
C ASP A 170 45.68 26.09 26.52
N GLY A 171 45.57 26.74 25.37
CA GLY A 171 46.74 27.29 24.69
C GLY A 171 47.72 26.24 24.18
N ILE A 172 47.20 25.23 23.50
CA ILE A 172 48.03 24.12 23.02
C ILE A 172 48.31 24.25 21.53
N PRO A 173 49.60 24.22 21.15
CA PRO A 173 49.98 24.35 19.74
C PRO A 173 49.52 23.16 18.91
N MET A 174 48.69 23.44 17.91
CA MET A 174 48.12 22.39 17.08
C MET A 174 47.88 22.92 15.69
N VAL A 175 48.35 22.19 14.68
CA VAL A 175 48.08 22.55 13.31
C VAL A 175 47.15 21.51 12.70
N VAL A 176 45.92 21.91 12.45
CA VAL A 176 44.91 20.99 11.91
C VAL A 176 44.76 21.16 10.40
N PHE A 177 45.03 20.09 9.66
CA PHE A 177 44.82 20.08 8.22
C PHE A 177 43.54 19.33 7.89
N THR A 178 42.58 20.04 7.32
CA THR A 178 41.33 19.41 6.91
C THR A 178 41.22 19.41 5.39
N GLY A 179 40.93 18.24 4.83
CA GLY A 179 40.61 18.16 3.42
C GLY A 179 39.33 18.94 3.18
N GLN A 180 39.16 19.44 1.96
CA GLN A 180 37.95 20.17 1.59
C GLN A 180 37.52 19.72 0.21
N VAL A 181 36.24 19.87 -0.09
CA VAL A 181 35.71 19.54 -1.41
C VAL A 181 36.43 20.39 -2.46
N PRO A 182 36.44 19.95 -3.73
CA PRO A 182 37.09 20.74 -4.79
C PRO A 182 36.59 22.17 -4.82
N THR A 183 37.45 23.11 -5.21
CA THR A 183 37.07 24.52 -5.22
C THR A 183 35.85 24.78 -6.10
N SER A 184 35.66 23.93 -7.10
CA SER A 184 34.53 24.02 -8.00
C SER A 184 33.21 23.60 -7.34
N ALA A 185 33.30 23.05 -6.14
CA ALA A 185 32.12 22.56 -5.44
C ALA A 185 31.86 23.34 -4.16
N ILE A 186 32.84 24.15 -3.76
CA ILE A 186 32.71 24.93 -2.53
C ILE A 186 31.60 25.95 -2.67
N GLY A 187 30.72 26.00 -1.66
CA GLY A 187 29.62 26.92 -1.66
C GLY A 187 28.36 26.39 -2.34
N THR A 188 28.41 25.14 -2.78
CA THR A 188 27.29 24.56 -3.51
C THR A 188 26.53 23.51 -2.68
N ASP A 189 26.86 23.42 -1.40
CA ASP A 189 26.31 22.39 -0.52
C ASP A 189 26.62 21.01 -1.09
N ALA A 190 27.90 20.75 -1.31
CA ALA A 190 28.33 19.51 -1.95
C ALA A 190 28.43 18.36 -0.96
N PHE A 191 28.65 17.17 -1.47
CA PHE A 191 28.84 16.01 -0.65
C PHE A 191 29.99 16.28 0.32
N GLN A 192 29.81 15.88 1.56
CA GLN A 192 30.78 16.10 2.63
C GLN A 192 31.36 17.50 2.73
N GLU A 193 30.57 18.48 2.45
CA GLU A 193 31.02 19.82 2.55
C GLU A 193 30.57 20.50 3.82
N ALA A 194 31.51 21.10 4.52
CA ALA A 194 31.22 21.94 5.67
C ALA A 194 31.97 23.25 5.55
N ASP A 195 31.43 24.31 6.13
CA ASP A 195 32.11 25.59 6.21
C ASP A 195 33.05 25.56 7.42
N VAL A 196 34.17 24.87 7.25
CA VAL A 196 35.10 24.59 8.34
C VAL A 196 35.83 25.84 8.81
N VAL A 197 36.16 26.71 7.86
CA VAL A 197 36.78 27.99 8.18
C VAL A 197 35.83 28.82 9.05
N GLY A 198 34.54 28.75 8.75
CA GLY A 198 33.54 29.45 9.53
C GLY A 198 33.28 28.79 10.89
N ILE A 199 33.12 27.48 10.88
CA ILE A 199 32.87 26.73 12.11
C ILE A 199 34.01 26.90 13.12
N SER A 200 35.25 26.84 12.65
CA SER A 200 36.41 26.82 13.54
C SER A 200 36.99 28.19 13.88
N ARG A 201 36.35 29.25 13.39
CA ARG A 201 36.87 30.60 13.58
C ARG A 201 37.07 30.97 15.05
N SER A 202 36.10 30.62 15.89
CA SER A 202 36.14 31.01 17.30
C SER A 202 37.00 30.08 18.14
N CYS A 203 37.41 28.94 17.58
CA CYS A 203 38.24 28.00 18.32
C CYS A 203 39.58 27.75 17.65
N THR A 204 40.03 28.71 16.85
CA THR A 204 41.39 28.71 16.32
C THR A 204 42.00 30.10 16.47
N LYS A 205 43.31 30.17 16.62
CA LYS A 205 44.03 31.44 16.60
C LYS A 205 43.89 32.09 15.24
N TRP A 206 43.75 31.25 14.23
CA TRP A 206 43.86 31.65 12.84
C TRP A 206 43.49 30.45 11.98
N ASN A 207 42.81 30.69 10.88
CA ASN A 207 42.62 29.63 9.90
C ASN A 207 42.60 30.18 8.49
N VAL A 208 42.65 29.28 7.52
CA VAL A 208 42.74 29.69 6.12
C VAL A 208 42.32 28.55 5.21
N MET A 209 41.77 28.90 4.05
CA MET A 209 41.56 27.91 3.00
C MET A 209 42.58 28.14 1.89
N VAL A 210 43.42 27.15 1.65
CA VAL A 210 44.39 27.24 0.56
C VAL A 210 43.67 27.21 -0.78
N LYS A 211 43.91 28.20 -1.61
CA LYS A 211 43.13 28.37 -2.84
C LYS A 211 43.92 28.00 -4.11
N SER A 212 45.23 27.83 -3.97
CA SER A 212 46.05 27.35 -5.07
C SER A 212 47.27 26.64 -4.52
N VAL A 213 47.89 25.80 -5.34
CA VAL A 213 49.03 25.01 -4.88
C VAL A 213 50.24 25.91 -4.63
N GLU A 214 50.28 27.04 -5.32
CA GLU A 214 51.39 27.99 -5.20
C GLU A 214 51.53 28.57 -3.78
N GLU A 215 50.40 28.74 -3.10
CA GLU A 215 50.43 29.37 -1.79
C GLU A 215 50.43 28.36 -0.66
N LEU A 216 50.43 27.07 -1.02
CA LEU A 216 50.39 26.01 -0.02
C LEU A 216 51.59 26.04 0.94
N PRO A 217 52.84 26.19 0.42
CA PRO A 217 53.93 26.26 1.39
C PRO A 217 53.84 27.49 2.30
N LEU A 218 53.44 28.62 1.74
CA LEU A 218 53.27 29.84 2.52
C LEU A 218 52.28 29.65 3.67
N ARG A 219 51.14 29.04 3.37
CA ARG A 219 50.10 28.83 4.37
C ARG A 219 50.54 27.85 5.45
N ILE A 220 51.29 26.83 5.04
CA ILE A 220 51.80 25.86 5.99
C ILE A 220 52.80 26.53 6.94
N ASN A 221 53.66 27.38 6.38
CA ASN A 221 54.63 28.11 7.18
C ASN A 221 53.98 29.11 8.14
N GLU A 222 52.95 29.79 7.67
CA GLU A 222 52.20 30.71 8.52
C GLU A 222 51.55 29.97 9.67
N ALA A 223 50.92 28.84 9.36
CA ALA A 223 50.19 28.04 10.34
C ALA A 223 51.09 27.60 11.49
N PHE A 224 52.23 27.01 11.17
CA PHE A 224 53.15 26.54 12.20
C PHE A 224 53.72 27.70 13.02
N GLU A 225 53.95 28.83 12.36
CA GLU A 225 54.46 30.01 13.05
C GLU A 225 53.44 30.56 14.04
N ILE A 226 52.18 30.65 13.61
CA ILE A 226 51.14 31.22 14.45
C ILE A 226 50.80 30.30 15.62
N ALA A 227 50.77 29.00 15.37
CA ALA A 227 50.44 28.02 16.39
C ALA A 227 51.44 28.02 17.54
N THR A 228 52.67 28.42 17.25
CA THR A 228 53.75 28.28 18.22
C THR A 228 54.26 29.60 18.79
N SER A 229 53.68 30.72 18.34
CA SER A 229 54.11 32.03 18.84
C SER A 229 53.06 32.66 19.74
N GLY A 230 53.44 33.73 20.42
CA GLY A 230 52.57 34.39 21.38
C GLY A 230 52.11 33.41 22.44
N ARG A 231 50.80 33.32 22.64
CA ARG A 231 50.24 32.19 23.37
C ARG A 231 49.96 31.10 22.36
N PRO A 232 50.58 29.92 22.54
CA PRO A 232 50.38 28.82 21.61
C PRO A 232 48.91 28.44 21.49
N GLY A 233 48.53 27.86 20.36
CA GLY A 233 47.15 27.52 20.13
C GLY A 233 46.91 26.83 18.80
N PRO A 234 45.67 26.39 18.57
CA PRO A 234 45.31 25.66 17.36
C PRO A 234 45.09 26.59 16.16
N VAL A 235 45.54 26.13 15.00
CA VAL A 235 45.23 26.79 13.74
C VAL A 235 44.67 25.75 12.80
N LEU A 236 43.95 26.18 11.78
CA LEU A 236 43.38 25.23 10.83
C LEU A 236 43.69 25.64 9.39
N VAL A 237 44.09 24.67 8.58
CA VAL A 237 44.36 24.91 7.17
C VAL A 237 43.48 24.02 6.31
N ASP A 238 42.57 24.64 5.56
CA ASP A 238 41.60 23.93 4.74
C ASP A 238 42.21 23.60 3.38
N LEU A 239 42.16 22.34 2.98
CA LEU A 239 42.84 21.88 1.77
C LEU A 239 41.91 21.29 0.71
N PRO A 240 41.42 22.13 -0.22
CA PRO A 240 40.56 21.66 -1.32
C PRO A 240 41.23 20.55 -2.11
N LYS A 241 40.47 19.50 -2.42
CA LYS A 241 41.00 18.32 -3.07
C LYS A 241 41.75 18.62 -4.37
N ASP A 242 41.22 19.54 -5.17
CA ASP A 242 41.83 19.87 -6.45
C ASP A 242 43.14 20.65 -6.26
N VAL A 243 43.30 21.30 -5.12
CA VAL A 243 44.54 22.01 -4.82
C VAL A 243 45.65 21.02 -4.45
N THR A 244 45.30 19.99 -3.69
CA THR A 244 46.30 19.03 -3.24
C THR A 244 46.64 18.03 -4.34
N ALA A 245 45.75 17.91 -5.33
CA ALA A 245 46.00 17.04 -6.46
C ALA A 245 46.74 17.78 -7.57
N ALA A 246 46.69 19.11 -7.52
CA ALA A 246 47.28 19.93 -8.57
C ALA A 246 48.79 19.91 -8.52
N ILE A 247 49.41 20.04 -9.70
CA ILE A 247 50.86 20.03 -9.81
C ILE A 247 51.40 21.46 -9.93
N LEU A 248 52.38 21.79 -9.10
CA LEU A 248 53.01 23.09 -9.17
C LEU A 248 53.79 23.24 -10.47
N ARG A 249 53.34 24.15 -11.33
CA ARG A 249 53.98 24.37 -12.62
C ARG A 249 55.00 25.51 -12.55
N ASN A 250 54.71 26.51 -11.74
CA ASN A 250 55.52 27.71 -11.67
C ASN A 250 56.37 27.81 -10.41
N PRO A 251 57.58 28.38 -10.53
CA PRO A 251 58.40 28.66 -9.37
C PRO A 251 57.70 29.61 -8.39
N ILE A 252 58.03 29.49 -7.12
CA ILE A 252 57.44 30.36 -6.14
C ILE A 252 58.50 31.07 -5.34
N PRO A 253 58.09 32.26 -4.74
CA PRO A 253 59.12 32.97 -4.00
C PRO A 253 59.79 32.14 -2.95
N THR A 254 61.12 32.08 -2.97
CA THR A 254 61.85 31.30 -2.01
C THR A 254 61.43 31.57 -0.59
N LYS A 255 61.13 32.83 -0.29
CA LYS A 255 60.73 33.20 1.05
C LYS A 255 59.54 32.43 1.57
N THR A 256 58.55 32.21 0.72
CA THR A 256 57.35 31.51 1.10
C THR A 256 57.56 30.06 1.34
N THR A 257 58.78 29.56 1.20
CA THR A 257 59.02 28.16 1.43
C THR A 257 59.91 27.91 2.62
N ALA A 270 62.27 50.48 21.17
CA ALA A 270 61.09 51.24 20.81
C ALA A 270 59.95 50.90 21.75
N GLN A 271 59.66 49.62 21.87
CA GLN A 271 58.62 49.12 22.77
C GLN A 271 59.31 48.30 23.83
N ASP A 272 60.50 47.83 23.52
CA ASP A 272 61.27 47.08 24.46
C ASP A 272 61.63 47.99 25.60
N GLU A 273 61.61 49.29 25.36
CA GLU A 273 61.94 50.22 26.39
C GLU A 273 60.77 50.25 27.34
N PHE A 274 59.58 50.13 26.80
CA PHE A 274 58.42 50.14 27.64
C PHE A 274 58.40 48.90 28.55
N VAL A 275 58.94 47.80 28.06
CA VAL A 275 58.97 46.58 28.82
C VAL A 275 60.01 46.64 29.90
N MET A 276 61.16 47.19 29.56
CA MET A 276 62.26 47.33 30.48
C MET A 276 61.84 48.20 31.62
N GLN A 277 61.04 49.21 31.34
CA GLN A 277 60.58 50.08 32.38
C GLN A 277 59.70 49.36 33.33
N SER A 278 58.95 48.40 32.82
CA SER A 278 58.05 47.63 33.64
C SER A 278 58.80 46.64 34.45
N ILE A 279 59.84 46.09 33.88
CA ILE A 279 60.64 45.14 34.60
C ILE A 279 61.25 45.83 35.81
N ASN A 280 61.76 47.03 35.62
CA ASN A 280 62.37 47.81 36.68
C ASN A 280 61.37 48.12 37.79
N LYS A 281 60.16 48.51 37.40
CA LYS A 281 59.13 48.86 38.36
C LYS A 281 58.65 47.64 39.13
N ALA A 282 58.55 46.52 38.43
CA ALA A 282 58.09 45.29 39.06
C ALA A 282 59.15 44.74 40.03
N ALA A 283 60.42 44.96 39.71
CA ALA A 283 61.50 44.57 40.60
C ALA A 283 61.51 45.43 41.84
N ASP A 284 61.13 46.70 41.69
CA ASP A 284 61.02 47.61 42.82
C ASP A 284 59.93 47.14 43.78
N LEU A 285 58.80 46.71 43.22
CA LEU A 285 57.70 46.22 44.04
C LEU A 285 58.06 44.94 44.75
N ILE A 286 58.74 44.04 44.06
CA ILE A 286 59.13 42.76 44.62
C ILE A 286 60.10 42.93 45.79
N ASN A 287 61.10 43.79 45.60
CA ASN A 287 62.07 44.07 46.66
C ASN A 287 61.42 44.72 47.88
N LEU A 288 60.24 45.28 47.68
CA LEU A 288 59.52 45.99 48.74
C LEU A 288 58.54 45.08 49.47
N ALA A 289 58.11 44.01 48.81
CA ALA A 289 57.08 43.12 49.34
C ALA A 289 57.50 42.44 50.63
N LYS A 290 56.55 42.29 51.55
CA LYS A 290 56.80 41.67 52.85
C LYS A 290 56.14 40.29 52.92
N LYS A 291 55.03 40.14 52.21
CA LYS A 291 54.34 38.84 52.12
C LYS A 291 54.03 38.49 50.67
N PRO A 292 55.08 38.28 49.85
CA PRO A 292 54.85 38.01 48.43
C PRO A 292 54.43 36.58 48.14
N VAL A 293 53.71 36.38 47.05
CA VAL A 293 53.34 35.06 46.58
C VAL A 293 53.51 34.99 45.07
N LEU A 294 54.18 33.94 44.61
CA LEU A 294 54.28 33.67 43.18
C LEU A 294 53.08 32.83 42.72
N TYR A 295 52.25 33.45 41.89
CA TYR A 295 51.08 32.79 41.34
C TYR A 295 51.40 32.34 39.91
N VAL A 296 51.70 31.06 39.77
CA VAL A 296 52.33 30.53 38.56
C VAL A 296 51.41 29.62 37.76
N GLY A 297 51.38 29.81 36.44
CA GLY A 297 50.54 29.00 35.60
C GLY A 297 51.25 28.36 34.40
N ALA A 298 50.45 27.97 33.42
CA ALA A 298 50.94 27.23 32.25
C ALA A 298 51.99 28.00 31.45
N GLY A 299 51.95 29.32 31.55
CA GLY A 299 52.84 30.17 30.77
C GLY A 299 54.32 29.92 31.02
N ILE A 300 54.66 29.51 32.24
CA ILE A 300 56.06 29.29 32.59
C ILE A 300 56.59 27.99 31.98
N LEU A 301 55.69 27.15 31.51
CA LEU A 301 56.06 25.87 30.92
C LEU A 301 56.25 25.98 29.41
N ASN A 302 55.95 27.14 28.85
CA ASN A 302 56.10 27.35 27.42
C ASN A 302 57.51 27.81 27.04
N HIS A 303 58.43 27.67 27.99
CA HIS A 303 59.84 27.90 27.73
C HIS A 303 60.65 26.82 28.45
N ALA A 304 61.72 26.36 27.82
CA ALA A 304 62.53 25.30 28.38
C ALA A 304 63.12 25.69 29.73
N ASP A 305 63.53 26.95 29.86
CA ASP A 305 64.19 27.43 31.06
C ASP A 305 63.23 28.08 32.05
N GLY A 306 61.94 27.88 31.83
CA GLY A 306 60.91 28.43 32.70
C GLY A 306 61.03 28.01 34.17
N PRO A 307 60.89 26.70 34.45
CA PRO A 307 60.99 26.19 35.82
C PRO A 307 62.29 26.60 36.53
N ARG A 308 63.39 26.64 35.79
CA ARG A 308 64.68 26.97 36.37
C ARG A 308 64.71 28.40 36.88
N LEU A 309 64.26 29.34 36.04
CA LEU A 309 64.25 30.74 36.42
C LEU A 309 63.21 31.01 37.51
N LEU A 310 62.11 30.26 37.48
CA LEU A 310 61.12 30.32 38.55
C LEU A 310 61.75 29.92 39.87
N LYS A 311 62.48 28.80 39.85
CA LYS A 311 63.15 28.31 41.04
C LYS A 311 64.20 29.30 41.53
N GLU A 312 64.90 29.94 40.60
CA GLU A 312 65.93 30.91 40.95
C GLU A 312 65.32 32.11 41.67
N LEU A 313 64.24 32.65 41.11
CA LEU A 313 63.57 33.81 41.71
C LEU A 313 63.02 33.47 43.09
N SER A 314 62.45 32.27 43.21
CA SER A 314 61.88 31.81 44.46
C SER A 314 62.96 31.62 45.52
N ASP A 315 64.10 31.06 45.11
CA ASP A 315 65.22 30.88 46.04
C ASP A 315 65.85 32.21 46.41
N ARG A 316 66.04 33.06 45.40
CA ARG A 316 66.72 34.34 45.59
C ARG A 316 65.99 35.27 46.54
N ALA A 317 64.67 35.35 46.39
CA ALA A 317 63.90 36.32 47.15
C ALA A 317 63.04 35.65 48.23
N GLN A 318 63.21 34.33 48.38
CA GLN A 318 62.44 33.54 49.35
C GLN A 318 60.94 33.78 49.19
N ILE A 319 60.43 33.46 48.00
CA ILE A 319 59.02 33.66 47.71
C ILE A 319 58.29 32.33 47.56
N PRO A 320 57.22 32.14 48.35
CA PRO A 320 56.40 30.92 48.24
C PRO A 320 55.71 30.84 46.88
N VAL A 321 55.59 29.63 46.35
CA VAL A 321 55.06 29.44 45.01
C VAL A 321 53.81 28.55 45.00
N THR A 322 52.72 29.10 44.48
CA THR A 322 51.53 28.29 44.21
C THR A 322 51.31 28.21 42.71
N THR A 323 50.79 27.08 42.24
CA THR A 323 50.51 26.93 40.81
C THR A 323 49.05 26.64 40.54
N THR A 324 48.61 26.99 39.35
CA THR A 324 47.31 26.59 38.86
C THR A 324 47.32 25.10 38.55
N LEU A 325 46.17 24.58 38.15
CA LEU A 325 46.07 23.22 37.67
C LEU A 325 47.01 22.99 36.50
N GLN A 326 47.11 23.99 35.62
CA GLN A 326 47.93 23.88 34.41
C GLN A 326 49.38 24.26 34.64
N GLY A 327 49.71 24.65 35.87
CA GLY A 327 51.08 24.99 36.21
C GLY A 327 51.75 23.89 37.02
N LEU A 328 50.98 22.86 37.36
CA LEU A 328 51.50 21.74 38.15
C LEU A 328 52.65 21.05 37.43
N GLY A 329 53.76 20.87 38.14
CA GLY A 329 54.94 20.26 37.56
C GLY A 329 56.04 21.27 37.29
N SER A 330 55.68 22.56 37.24
CA SER A 330 56.65 23.60 36.98
C SER A 330 57.50 23.92 38.21
N PHE A 331 57.03 23.50 39.38
CA PHE A 331 57.74 23.76 40.63
C PHE A 331 57.82 22.49 41.49
N ASP A 332 58.97 22.27 42.12
CA ASP A 332 59.17 21.09 42.94
C ASP A 332 58.32 21.16 44.22
N GLN A 333 57.26 20.35 44.27
CA GLN A 333 56.35 20.39 45.42
C GLN A 333 56.97 19.84 46.70
N GLU A 334 58.18 19.31 46.61
CA GLU A 334 58.89 18.85 47.80
C GLU A 334 59.74 19.97 48.38
N ASP A 335 59.81 21.08 47.66
CA ASP A 335 60.51 22.26 48.15
C ASP A 335 59.68 22.94 49.24
N PRO A 336 60.33 23.34 50.34
CA PRO A 336 59.66 23.96 51.48
C PRO A 336 58.83 25.19 51.13
N LYS A 337 59.18 25.85 50.02
CA LYS A 337 58.46 27.07 49.62
C LYS A 337 57.23 26.76 48.77
N SER A 338 56.96 25.48 48.54
CA SER A 338 55.80 25.08 47.74
C SER A 338 54.49 25.26 48.52
N LEU A 339 53.51 25.84 47.85
CA LEU A 339 52.20 26.06 48.45
C LEU A 339 51.17 25.10 47.86
N ASP A 340 51.61 24.28 46.90
CA ASP A 340 50.74 23.37 46.15
C ASP A 340 49.76 24.18 45.30
N MET A 341 48.66 23.55 44.89
CA MET A 341 47.70 24.18 43.98
C MET A 341 46.74 25.12 44.71
N LEU A 342 46.36 26.21 44.05
CA LEU A 342 45.38 27.15 44.61
C LEU A 342 44.07 27.06 43.84
N GLY A 343 43.01 27.65 44.40
CA GLY A 343 41.77 27.78 43.67
C GLY A 343 40.60 26.99 44.23
N MET A 344 39.61 26.77 43.37
CA MET A 344 38.34 26.15 43.75
C MET A 344 38.52 24.86 44.54
N HIS A 345 39.46 24.02 44.11
CA HIS A 345 39.77 22.80 44.83
C HIS A 345 41.24 22.79 45.24
N GLY A 346 41.78 23.97 45.46
CA GLY A 346 43.17 24.11 45.83
C GLY A 346 43.43 23.85 47.31
N CYS A 347 44.71 23.74 47.65
CA CYS A 347 45.14 23.63 49.04
C CYS A 347 44.76 24.89 49.80
N ALA A 348 44.25 24.73 51.02
CA ALA A 348 43.82 25.87 51.82
C ALA A 348 44.97 26.82 52.12
N THR A 349 46.16 26.25 52.31
CA THR A 349 47.36 27.04 52.55
C THR A 349 47.65 27.96 51.37
N ALA A 350 47.50 27.41 50.16
CA ALA A 350 47.71 28.19 48.95
C ALA A 350 46.70 29.34 48.86
N ASN A 351 45.44 29.02 49.11
CA ASN A 351 44.38 30.03 49.05
C ASN A 351 44.53 31.10 50.11
N LEU A 352 44.94 30.70 51.30
CA LEU A 352 45.10 31.65 52.41
C LEU A 352 46.29 32.57 52.21
N ALA A 353 47.35 32.04 51.58
CA ALA A 353 48.53 32.84 51.30
C ALA A 353 48.19 33.94 50.30
N VAL A 354 47.44 33.58 49.26
CA VAL A 354 47.03 34.52 48.24
C VAL A 354 46.15 35.64 48.80
N GLN A 355 45.21 35.27 49.67
CA GLN A 355 44.31 36.25 50.27
C GLN A 355 45.02 37.19 51.24
N ASN A 356 46.14 36.74 51.80
CA ASN A 356 46.85 37.53 52.79
C ASN A 356 48.14 38.15 52.26
N ALA A 357 48.46 37.88 51.00
CA ALA A 357 49.66 38.42 50.38
C ALA A 357 49.53 39.91 50.12
N ASP A 358 50.63 40.64 50.26
CA ASP A 358 50.64 42.06 49.93
C ASP A 358 51.08 42.26 48.48
N LEU A 359 51.70 41.22 47.91
CA LEU A 359 52.07 41.26 46.50
C LEU A 359 51.86 39.92 45.82
N ILE A 360 51.10 39.94 44.74
CA ILE A 360 50.88 38.74 43.94
C ILE A 360 51.63 38.87 42.61
N ILE A 361 52.59 37.99 42.41
CA ILE A 361 53.36 37.97 41.18
C ILE A 361 52.83 36.90 40.25
N ALA A 362 51.95 37.30 39.34
CA ALA A 362 51.31 36.36 38.41
C ALA A 362 52.24 36.05 37.24
N VAL A 363 52.61 34.79 37.11
CA VAL A 363 53.52 34.37 36.05
C VAL A 363 52.88 33.32 35.16
N GLY A 364 52.49 33.74 33.96
CA GLY A 364 51.90 32.82 33.00
C GLY A 364 50.57 32.23 33.45
N ALA A 365 49.72 33.07 34.05
CA ALA A 365 48.40 32.64 34.50
C ALA A 365 47.37 33.71 34.19
N ARG A 366 46.14 33.29 33.86
CA ARG A 366 45.14 34.23 33.35
C ARG A 366 43.99 34.54 34.30
N PHE A 367 44.20 34.28 35.59
CA PHE A 367 43.22 34.64 36.63
C PHE A 367 41.81 34.11 36.36
N ASP A 368 41.72 32.87 35.93
CA ASP A 368 40.41 32.24 35.72
C ASP A 368 39.69 32.13 37.05
N ASP A 369 38.37 32.17 37.03
CA ASP A 369 37.57 32.08 38.24
C ASP A 369 37.58 30.78 38.96
N ARG A 370 38.08 29.75 38.31
CA ARG A 370 38.31 28.48 38.99
C ARG A 370 39.47 28.65 39.97
N VAL A 371 40.25 29.72 39.76
CA VAL A 371 41.40 30.04 40.59
C VAL A 371 41.10 31.12 41.61
N THR A 372 40.45 32.19 41.16
CA THR A 372 40.23 33.37 42.00
C THR A 372 39.05 33.21 42.96
N GLY A 373 38.09 32.38 42.60
CA GLY A 373 36.83 32.35 43.30
C GLY A 373 36.12 33.67 43.05
N ASN A 374 35.25 34.09 43.97
CA ASN A 374 34.57 35.38 43.87
C ASN A 374 35.58 36.50 43.67
N ILE A 375 35.53 37.14 42.50
CA ILE A 375 36.55 38.10 42.09
C ILE A 375 36.58 39.34 42.99
N SER A 376 35.43 39.69 43.58
CA SER A 376 35.37 40.87 44.43
C SER A 376 35.99 40.59 45.80
N LYS A 377 36.21 39.32 46.11
CA LYS A 377 36.82 38.93 47.38
C LYS A 377 38.27 38.47 47.20
N PHE A 378 38.71 38.41 45.95
CA PHE A 378 40.03 37.89 45.63
C PHE A 378 41.16 38.81 46.06
N ALA A 379 42.08 38.27 46.86
CA ALA A 379 43.30 38.97 47.26
C ALA A 379 43.03 40.34 47.88
N PRO A 380 42.32 40.39 49.01
CA PRO A 380 42.00 41.68 49.63
C PRO A 380 43.23 42.41 50.15
N GLU A 381 44.24 41.66 50.59
CA GLU A 381 45.45 42.28 51.12
C GLU A 381 46.33 42.85 50.01
N ALA A 382 46.28 42.25 48.83
CA ALA A 382 47.04 42.76 47.70
C ALA A 382 46.44 44.09 47.22
N ARG A 383 45.11 44.15 47.16
CA ARG A 383 44.43 45.38 46.78
C ARG A 383 44.70 46.49 47.79
N ARG A 384 44.70 46.13 49.07
CA ARG A 384 44.96 47.07 50.14
C ARG A 384 46.37 47.64 50.04
N ALA A 385 47.33 46.76 49.78
CA ALA A 385 48.72 47.18 49.62
C ALA A 385 48.85 48.11 48.42
N ALA A 386 48.12 47.80 47.36
CA ALA A 386 48.13 48.59 46.14
C ALA A 386 47.64 50.01 46.42
N ALA A 387 46.57 50.11 47.20
CA ALA A 387 45.98 51.41 47.53
C ALA A 387 46.95 52.25 48.36
N GLU A 388 47.85 51.59 49.07
CA GLU A 388 48.84 52.29 49.88
C GLU A 388 50.19 52.32 49.19
N GLY A 389 50.22 51.88 47.93
CA GLY A 389 51.42 51.95 47.11
C GLY A 389 52.57 51.09 47.62
N ARG A 390 52.24 49.98 48.26
CA ARG A 390 53.25 49.12 48.84
C ARG A 390 53.12 47.68 48.35
N GLY A 391 52.32 47.48 47.30
CA GLY A 391 52.14 46.16 46.73
C GLY A 391 51.05 46.12 45.67
N GLY A 392 50.41 44.96 45.53
CA GLY A 392 49.37 44.79 44.54
C GLY A 392 49.59 43.55 43.69
N ILE A 393 49.37 43.70 42.38
CA ILE A 393 49.51 42.56 41.46
C ILE A 393 50.43 42.88 40.30
N ILE A 394 51.42 42.02 40.08
CA ILE A 394 52.29 42.10 38.91
C ILE A 394 51.95 40.95 37.97
N HIS A 395 51.82 41.23 36.68
CA HIS A 395 51.39 40.21 35.73
C HIS A 395 52.36 40.03 34.56
N PHE A 396 53.05 38.89 34.54
CA PHE A 396 53.90 38.52 33.41
C PHE A 396 53.07 37.75 32.39
N GLU A 397 52.64 38.44 31.34
CA GLU A 397 51.69 37.87 30.39
C GLU A 397 52.12 38.15 28.95
N VAL A 398 51.97 37.15 28.08
CA VAL A 398 52.40 37.29 26.69
C VAL A 398 51.30 37.88 25.80
N SER A 399 50.05 37.71 26.19
CA SER A 399 48.92 38.21 25.41
CA SER A 399 48.92 38.20 25.41
C SER A 399 48.27 39.43 26.07
N PRO A 400 48.43 40.60 25.45
CA PRO A 400 47.92 41.88 25.94
C PRO A 400 46.43 41.87 26.30
N LYS A 401 45.63 41.11 25.56
CA LYS A 401 44.19 41.08 25.82
C LYS A 401 43.85 40.36 27.13
N ASN A 402 44.82 39.61 27.66
CA ASN A 402 44.64 38.95 28.95
C ASN A 402 45.15 39.79 30.11
N ILE A 403 45.72 40.95 29.78
CA ILE A 403 46.19 41.89 30.78
C ILE A 403 45.06 42.85 31.15
N ASN A 404 44.82 43.00 32.45
CA ASN A 404 43.69 43.79 32.96
C ASN A 404 42.34 43.31 32.43
N LYS A 405 42.25 42.03 32.09
CA LYS A 405 41.00 41.47 31.59
C LYS A 405 40.08 41.09 32.75
N VAL A 406 40.67 40.57 33.82
CA VAL A 406 39.91 40.04 34.93
C VAL A 406 40.10 40.87 36.20
N VAL A 407 41.35 41.18 36.51
CA VAL A 407 41.66 41.93 37.72
C VAL A 407 42.56 43.12 37.38
N GLN A 408 42.39 44.22 38.11
CA GLN A 408 43.23 45.39 37.90
C GLN A 408 44.63 45.15 38.42
N THR A 409 45.62 45.32 37.55
CA THR A 409 47.01 45.06 37.91
C THR A 409 47.82 46.35 37.96
N GLN A 410 48.79 46.38 38.87
CA GLN A 410 49.60 47.57 39.07
C GLN A 410 50.72 47.65 38.04
N ILE A 411 51.34 46.51 37.74
CA ILE A 411 52.43 46.48 36.78
C ILE A 411 52.27 45.32 35.80
N ALA A 412 52.25 45.66 34.52
CA ALA A 412 52.13 44.66 33.46
C ALA A 412 53.46 44.49 32.73
N VAL A 413 53.96 43.25 32.70
CA VAL A 413 55.16 42.95 31.94
C VAL A 413 54.81 42.08 30.74
N GLU A 414 54.78 42.69 29.56
CA GLU A 414 54.40 41.99 28.35
C GLU A 414 55.51 41.10 27.81
N GLY A 415 55.12 39.99 27.21
CA GLY A 415 56.07 39.11 26.55
C GLY A 415 56.21 37.77 27.24
N ASP A 416 57.18 36.98 26.77
CA ASP A 416 57.46 35.67 27.35
C ASP A 416 57.89 35.82 28.81
N ALA A 417 57.21 35.11 29.70
CA ALA A 417 57.45 35.22 31.14
C ALA A 417 58.89 34.85 31.51
N THR A 418 59.35 33.72 30.99
CA THR A 418 60.68 33.22 31.27
C THR A 418 61.74 34.24 30.84
N THR A 419 61.59 34.76 29.63
CA THR A 419 62.51 35.75 29.09
C THR A 419 62.60 36.98 29.99
N ASN A 420 61.44 37.48 30.40
CA ASN A 420 61.38 38.68 31.24
C ASN A 420 61.83 38.41 32.68
N LEU A 421 61.66 37.17 33.13
CA LEU A 421 62.17 36.78 34.45
C LEU A 421 63.69 36.83 34.46
N GLY A 422 64.30 36.38 33.36
CA GLY A 422 65.74 36.40 33.21
C GLY A 422 66.28 37.82 33.26
N LYS A 423 65.61 38.73 32.55
CA LYS A 423 66.02 40.13 32.52
C LYS A 423 65.90 40.79 33.88
N MET A 424 64.94 40.32 34.68
CA MET A 424 64.63 40.93 35.97
C MET A 424 65.56 40.47 37.10
N MET A 425 66.01 39.22 37.00
CA MET A 425 66.72 38.54 38.08
C MET A 425 67.82 39.39 38.75
N SER A 426 68.60 40.10 37.95
CA SER A 426 69.74 40.87 38.47
C SER A 426 69.31 42.09 39.27
N LYS A 427 68.02 42.42 39.23
CA LYS A 427 67.51 43.61 39.90
C LYS A 427 66.72 43.24 41.15
N ILE A 428 66.79 41.98 41.54
CA ILE A 428 66.09 41.49 42.72
C ILE A 428 67.06 41.29 43.90
N PHE A 429 66.85 42.06 44.97
CA PHE A 429 67.64 41.90 46.18
C PHE A 429 67.45 40.52 46.78
N PRO A 430 68.55 39.83 47.10
CA PRO A 430 68.47 38.52 47.75
C PRO A 430 67.90 38.61 49.15
N VAL A 431 67.00 37.69 49.49
CA VAL A 431 66.38 37.65 50.80
C VAL A 431 66.87 36.43 51.56
N LYS A 432 67.39 36.64 52.76
CA LYS A 432 67.89 35.55 53.58
C LYS A 432 66.76 34.67 54.09
N GLU A 433 65.75 35.30 54.70
CA GLU A 433 64.59 34.58 55.20
C GLU A 433 63.40 35.50 55.41
N ARG A 434 62.21 34.91 55.41
CA ARG A 434 60.99 35.62 55.76
C ARG A 434 60.31 34.89 56.93
N SER A 435 60.83 35.14 58.13
CA SER A 435 60.43 34.40 59.33
C SER A 435 58.93 34.38 59.57
N GLU A 436 58.33 35.57 59.68
CA GLU A 436 56.92 35.68 59.99
C GLU A 436 56.03 35.10 58.89
N TRP A 437 56.35 35.43 57.66
CA TRP A 437 55.54 35.02 56.51
C TRP A 437 55.53 33.50 56.38
N PHE A 438 56.67 32.87 56.56
CA PHE A 438 56.76 31.42 56.43
C PHE A 438 56.30 30.70 57.69
N ALA A 439 56.34 31.39 58.83
CA ALA A 439 55.79 30.83 60.05
C ALA A 439 54.26 30.71 59.92
N GLN A 440 53.66 31.77 59.40
CA GLN A 440 52.21 31.79 59.19
C GLN A 440 51.81 30.72 58.18
N ILE A 441 52.60 30.60 57.11
CA ILE A 441 52.34 29.61 56.07
C ILE A 441 52.46 28.18 56.59
N ASN A 442 53.52 27.92 57.35
CA ASN A 442 53.76 26.58 57.87
C ASN A 442 52.75 26.15 58.92
N LYS A 443 52.09 27.12 59.53
CA LYS A 443 51.04 26.81 60.49
C LYS A 443 49.77 26.39 59.74
N TRP A 444 49.48 27.09 58.64
CA TRP A 444 48.38 26.72 57.76
C TRP A 444 48.58 25.32 57.21
N LYS A 445 49.81 25.00 56.82
CA LYS A 445 50.13 23.69 56.27
C LYS A 445 49.81 22.59 57.26
N LYS A 446 50.12 22.82 58.52
CA LYS A 446 49.86 21.83 59.57
C LYS A 446 48.37 21.73 59.86
N GLU A 447 47.66 22.85 59.73
CA GLU A 447 46.27 22.90 60.10
C GLU A 447 45.34 22.46 58.97
N TYR A 448 45.71 22.76 57.73
CA TYR A 448 44.87 22.42 56.59
C TYR A 448 45.55 21.53 55.54
N PRO A 449 45.77 20.25 55.87
CA PRO A 449 46.24 19.36 54.80
C PRO A 449 45.08 18.88 53.93
N TYR A 450 45.38 18.10 52.90
CA TYR A 450 44.33 17.50 52.08
C TYR A 450 43.65 16.33 52.82
N ALA A 451 42.88 16.66 53.85
CA ALA A 451 42.23 15.63 54.66
C ALA A 451 41.03 15.02 53.96
N TYR A 452 40.75 13.77 54.29
CA TYR A 452 39.63 13.03 53.70
C TYR A 452 39.33 11.78 54.53
N MET A 453 38.16 11.21 54.34
CA MET A 453 37.78 10.00 55.08
C MET A 453 38.62 8.82 54.58
N GLU A 454 39.53 8.36 55.42
CA GLU A 454 40.43 7.27 55.05
C GLU A 454 39.77 5.91 55.24
N GLU A 455 40.40 4.89 54.69
CA GLU A 455 39.90 3.52 54.77
C GLU A 455 39.69 3.04 56.20
N THR A 456 38.64 2.26 56.40
CA THR A 456 38.40 1.55 57.65
C THR A 456 38.14 0.09 57.32
N PRO A 457 38.35 -0.82 58.29
CA PRO A 457 38.06 -2.23 58.06
C PRO A 457 36.66 -2.46 57.46
N GLY A 458 36.61 -3.08 56.30
CA GLY A 458 35.35 -3.37 55.65
C GLY A 458 34.90 -2.32 54.65
N SER A 459 35.46 -1.11 54.76
CA SER A 459 35.06 -0.03 53.87
C SER A 459 35.61 -0.22 52.47
N LYS A 460 35.06 0.51 51.51
CA LYS A 460 35.56 0.45 50.15
C LYS A 460 36.87 1.24 50.07
N ILE A 461 37.59 1.01 48.98
CA ILE A 461 38.83 1.75 48.71
C ILE A 461 38.49 3.23 48.51
N LYS A 462 39.28 4.11 49.12
CA LYS A 462 39.09 5.54 48.93
C LYS A 462 39.89 6.03 47.74
N PRO A 463 39.26 6.84 46.88
CA PRO A 463 39.89 7.33 45.65
C PRO A 463 41.17 8.14 45.92
N GLN A 464 41.16 8.93 46.98
CA GLN A 464 42.32 9.74 47.34
C GLN A 464 43.51 8.86 47.69
N THR A 465 43.24 7.75 48.37
CA THR A 465 44.29 6.83 48.78
C THR A 465 44.97 6.20 47.56
N VAL A 466 44.18 5.89 46.54
CA VAL A 466 44.71 5.30 45.32
C VAL A 466 45.74 6.21 44.67
N ILE A 467 45.43 7.51 44.63
CA ILE A 467 46.34 8.49 44.05
C ILE A 467 47.66 8.56 44.81
N LYS A 468 47.59 8.60 46.13
CA LYS A 468 48.79 8.66 46.97
C LYS A 468 49.66 7.43 46.77
N LYS A 469 49.04 6.25 46.81
CA LYS A 469 49.78 5.00 46.64
C LYS A 469 50.38 4.87 45.24
N LEU A 470 49.61 5.24 44.22
CA LEU A 470 50.09 5.15 42.84
C LEU A 470 51.24 6.11 42.61
N SER A 471 51.17 7.28 43.23
CA SER A 471 52.21 8.29 43.14
C SER A 471 53.57 7.73 43.57
N LYS A 472 53.56 6.97 44.67
CA LYS A 472 54.78 6.39 45.20
C LYS A 472 55.25 5.21 44.35
N VAL A 473 54.32 4.32 44.01
CA VAL A 473 54.64 3.15 43.18
C VAL A 473 55.24 3.57 41.84
N ALA A 474 54.65 4.58 41.22
CA ALA A 474 55.13 5.06 39.93
C ALA A 474 56.51 5.69 40.07
N ASN A 475 56.71 6.46 41.11
CA ASN A 475 58.00 7.09 41.37
C ASN A 475 59.07 6.06 41.68
N ASP A 476 58.67 4.98 42.34
CA ASP A 476 59.62 3.93 42.73
C ASP A 476 60.16 3.13 41.55
N THR A 477 59.62 3.37 40.36
CA THR A 477 60.10 2.68 39.16
C THR A 477 61.39 3.31 38.65
N GLY A 478 61.62 4.57 39.03
CA GLY A 478 62.80 5.29 38.58
C GLY A 478 62.63 5.89 37.20
N ARG A 479 61.53 5.55 36.55
CA ARG A 479 61.28 6.01 35.19
C ARG A 479 60.76 7.45 35.18
N HIS A 480 60.74 8.06 33.99
CA HIS A 480 60.12 9.36 33.83
C HIS A 480 58.61 9.16 33.69
N VAL A 481 57.84 9.82 34.54
CA VAL A 481 56.40 9.57 34.62
C VAL A 481 55.60 10.74 34.07
N ILE A 482 54.66 10.43 33.19
CA ILE A 482 53.74 11.42 32.65
C ILE A 482 52.32 11.01 33.00
N VAL A 483 51.52 11.96 33.49
CA VAL A 483 50.16 11.67 33.89
C VAL A 483 49.14 12.46 33.07
N THR A 484 48.16 11.77 32.51
CA THR A 484 46.99 12.41 31.92
C THR A 484 45.77 12.04 32.76
N THR A 485 44.69 12.80 32.61
CA THR A 485 43.45 12.49 33.30
C THR A 485 42.24 12.74 32.43
N GLY A 486 41.09 12.30 32.91
CA GLY A 486 39.82 12.74 32.36
C GLY A 486 39.37 13.97 33.11
N VAL A 487 38.06 14.17 33.21
CA VAL A 487 37.52 15.36 33.83
C VAL A 487 36.54 14.98 34.94
N GLY A 488 36.73 15.57 36.12
CA GLY A 488 35.87 15.28 37.26
C GLY A 488 36.63 15.19 38.57
N GLN A 489 36.07 14.42 39.50
CA GLN A 489 36.65 14.27 40.83
C GLN A 489 38.02 13.60 40.79
N HIS A 490 38.15 12.56 39.97
CA HIS A 490 39.42 11.85 39.85
C HIS A 490 40.52 12.79 39.38
N GLN A 491 40.14 13.75 38.54
CA GLN A 491 41.06 14.75 38.00
C GLN A 491 41.62 15.63 39.10
N MET A 492 40.72 16.13 39.96
CA MET A 492 41.12 16.97 41.08
C MET A 492 41.97 16.19 42.09
N TRP A 493 41.55 14.96 42.39
CA TRP A 493 42.27 14.13 43.33
C TRP A 493 43.66 13.79 42.80
N ALA A 494 43.76 13.62 41.49
CA ALA A 494 45.06 13.41 40.86
C ALA A 494 45.92 14.65 41.04
N ALA A 495 45.33 15.82 40.78
CA ALA A 495 46.02 17.10 40.92
C ALA A 495 46.52 17.30 42.35
N GLN A 496 45.65 17.03 43.31
CA GLN A 496 45.93 17.29 44.71
C GLN A 496 46.97 16.34 45.33
N HIS A 497 46.70 15.04 45.26
CA HIS A 497 47.43 14.08 46.07
C HIS A 497 48.67 13.51 45.41
N TRP A 498 48.91 13.89 44.17
CA TRP A 498 50.16 13.52 43.52
C TRP A 498 51.22 14.54 43.92
N THR A 499 52.47 14.09 44.00
CA THR A 499 53.58 15.00 44.29
C THR A 499 54.30 15.39 43.00
N TRP A 500 54.00 16.58 42.50
CA TRP A 500 54.52 17.05 41.22
C TRP A 500 55.91 17.66 41.38
N ARG A 501 56.84 17.21 40.53
CA ARG A 501 58.22 17.66 40.62
C ARG A 501 58.83 18.00 39.26
N ASN A 502 58.29 17.40 38.20
CA ASN A 502 58.88 17.55 36.87
C ASN A 502 57.95 18.24 35.88
N PRO A 503 58.50 19.20 35.12
CA PRO A 503 57.74 19.94 34.12
C PRO A 503 57.22 19.05 32.99
N HIS A 504 56.04 19.39 32.47
CA HIS A 504 55.42 18.67 31.37
C HIS A 504 55.14 17.21 31.73
N THR A 505 54.65 16.98 32.95
CA THR A 505 54.31 15.64 33.39
C THR A 505 52.87 15.54 33.88
N PHE A 506 52.17 16.66 33.91
CA PHE A 506 50.74 16.66 34.19
C PHE A 506 49.98 17.26 33.01
N ILE A 507 49.21 16.42 32.33
CA ILE A 507 48.52 16.82 31.11
C ILE A 507 47.02 16.59 31.24
N THR A 508 46.29 17.65 31.58
CA THR A 508 44.87 17.53 31.85
C THR A 508 44.09 18.66 31.15
N SER A 509 42.83 18.38 30.81
CA SER A 509 41.98 19.38 30.18
C SER A 509 41.41 20.34 31.21
N GLY A 510 41.88 21.58 31.21
CA GLY A 510 41.53 22.52 32.25
C GLY A 510 40.47 23.56 31.89
N GLY A 511 40.69 24.28 30.79
CA GLY A 511 39.80 25.36 30.40
C GLY A 511 38.47 24.87 29.87
N LEU A 512 38.51 23.99 28.87
CA LEU A 512 37.30 23.43 28.31
C LEU A 512 36.80 22.27 29.17
N GLY A 513 37.73 21.53 29.76
CA GLY A 513 37.37 20.43 30.63
C GLY A 513 36.65 19.31 29.90
N THR A 514 37.33 18.74 28.91
CA THR A 514 36.72 17.74 28.03
C THR A 514 36.85 16.32 28.57
N MET A 515 35.70 15.73 28.93
CA MET A 515 35.67 14.31 29.26
C MET A 515 36.12 13.48 28.05
N GLY A 516 36.89 12.44 28.31
CA GLY A 516 37.37 11.57 27.24
C GLY A 516 38.77 11.96 26.79
N TYR A 517 39.30 12.99 27.43
CA TYR A 517 40.63 13.52 27.12
C TYR A 517 41.75 12.54 27.47
N GLY A 518 41.60 11.87 28.61
CA GLY A 518 42.66 11.08 29.21
C GLY A 518 43.35 10.04 28.35
N LEU A 519 42.57 9.14 27.77
CA LEU A 519 43.14 8.04 27.00
C LEU A 519 43.87 8.54 25.74
N PRO A 520 43.18 9.29 24.85
CA PRO A 520 43.92 9.73 23.66
C PRO A 520 45.08 10.67 23.97
N ALA A 521 44.95 11.51 24.99
CA ALA A 521 46.08 12.36 25.39
C ALA A 521 47.26 11.52 25.87
N ALA A 522 46.97 10.43 26.59
CA ALA A 522 48.02 9.55 27.07
C ALA A 522 48.73 8.87 25.90
N ILE A 523 47.96 8.47 24.89
CA ILE A 523 48.53 7.84 23.70
C ILE A 523 49.47 8.79 22.97
N GLY A 524 49.02 10.03 22.79
CA GLY A 524 49.84 11.03 22.13
C GLY A 524 51.10 11.36 22.90
N ALA A 525 50.99 11.42 24.22
CA ALA A 525 52.13 11.70 25.08
C ALA A 525 53.14 10.56 25.03
N GLN A 526 52.64 9.34 24.95
CA GLN A 526 53.49 8.17 24.87
C GLN A 526 54.27 8.15 23.55
N VAL A 527 53.64 8.62 22.49
CA VAL A 527 54.32 8.73 21.19
C VAL A 527 55.44 9.78 21.30
N ALA A 528 55.15 10.89 21.96
CA ALA A 528 56.13 11.94 22.16
C ALA A 528 57.32 11.46 23.00
N LYS A 529 57.02 10.66 24.02
CA LYS A 529 58.03 10.18 24.96
C LYS A 529 57.94 8.67 25.12
N PRO A 530 58.47 7.92 24.14
CA PRO A 530 58.36 6.46 24.08
C PRO A 530 58.93 5.74 25.30
N GLU A 531 59.91 6.35 25.97
CA GLU A 531 60.56 5.71 27.10
C GLU A 531 59.89 6.03 28.42
N SER A 532 58.97 6.99 28.40
CA SER A 532 58.29 7.43 29.62
C SER A 532 57.20 6.46 30.05
N LEU A 533 56.99 6.40 31.36
CA LEU A 533 55.83 5.73 31.92
C LEU A 533 54.65 6.68 31.88
N VAL A 534 53.67 6.37 31.03
CA VAL A 534 52.52 7.26 30.83
C VAL A 534 51.26 6.65 31.46
N ILE A 535 50.67 7.38 32.40
CA ILE A 535 49.51 6.89 33.14
C ILE A 535 48.30 7.80 32.94
N ASP A 536 47.21 7.22 32.49
CA ASP A 536 45.94 7.94 32.42
C ASP A 536 45.14 7.65 33.68
N ILE A 537 45.04 8.65 34.54
CA ILE A 537 44.16 8.54 35.71
C ILE A 537 42.77 9.03 35.32
N ASP A 538 41.89 8.09 35.03
CA ASP A 538 40.62 8.41 34.38
C ASP A 538 39.41 8.11 35.27
N GLY A 539 38.28 8.73 34.94
CA GLY A 539 37.02 8.44 35.59
C GLY A 539 36.23 7.48 34.73
N ASP A 540 35.23 6.82 35.31
CA ASP A 540 34.47 5.84 34.56
C ASP A 540 33.60 6.52 33.48
N ALA A 541 32.95 7.62 33.82
CA ALA A 541 32.14 8.33 32.84
C ALA A 541 32.99 8.94 31.73
N SER A 542 34.09 9.59 32.12
CA SER A 542 35.02 10.20 31.15
C SER A 542 35.59 9.15 30.19
N PHE A 543 35.99 8.01 30.74
CA PHE A 543 36.59 6.95 29.95
C PHE A 543 35.63 6.43 28.89
N ASN A 544 34.35 6.29 29.26
CA ASN A 544 33.33 5.84 28.32
C ASN A 544 33.21 6.70 27.07
N MET A 545 33.62 7.97 27.17
CA MET A 545 33.46 8.89 26.05
C MET A 545 34.33 8.48 24.86
N THR A 546 35.57 8.10 25.13
CA THR A 546 36.52 7.83 24.05
C THR A 546 37.22 6.48 24.16
N LEU A 547 36.58 5.52 24.85
CA LEU A 547 37.24 4.24 25.12
C LEU A 547 37.57 3.45 23.86
N THR A 548 37.00 3.83 22.73
CA THR A 548 37.26 3.12 21.48
C THR A 548 38.73 3.22 21.07
N GLU A 549 39.44 4.20 21.62
CA GLU A 549 40.85 4.42 21.26
C GLU A 549 41.78 3.42 21.94
N LEU A 550 41.21 2.52 22.72
CA LEU A 550 41.99 1.49 23.40
C LEU A 550 42.67 0.58 22.37
N SER A 551 41.96 0.24 21.30
CA SER A 551 42.54 -0.56 20.22
C SER A 551 43.59 0.24 19.45
N SER A 552 43.43 1.56 19.41
CA SER A 552 44.40 2.43 18.76
C SER A 552 45.73 2.42 19.50
N ALA A 553 45.66 2.27 20.82
CA ALA A 553 46.85 2.18 21.65
C ALA A 553 47.67 0.95 21.27
N VAL A 554 46.98 -0.14 20.98
CA VAL A 554 47.63 -1.37 20.58
C VAL A 554 48.28 -1.21 19.21
N GLN A 555 47.57 -0.59 18.27
CA GLN A 555 48.08 -0.44 16.91
C GLN A 555 49.23 0.56 16.85
N ALA A 556 49.21 1.57 17.73
CA ALA A 556 50.27 2.57 17.74
C ALA A 556 51.52 2.11 18.50
N GLY A 557 51.39 0.99 19.22
CA GLY A 557 52.48 0.48 20.01
C GLY A 557 52.78 1.31 21.24
N THR A 558 51.75 1.96 21.78
CA THR A 558 51.92 2.81 22.96
C THR A 558 51.48 2.07 24.22
N PRO A 559 52.45 1.69 25.07
CA PRO A 559 52.16 0.91 26.27
C PRO A 559 51.63 1.78 27.42
N VAL A 560 50.52 2.46 27.18
CA VAL A 560 49.91 3.34 28.17
C VAL A 560 49.33 2.55 29.34
N LYS A 561 49.35 3.15 30.52
CA LYS A 561 48.75 2.54 31.69
C LYS A 561 47.45 3.27 32.03
N ILE A 562 46.33 2.58 31.90
CA ILE A 562 45.03 3.20 32.10
C ILE A 562 44.44 2.85 33.46
N LEU A 563 44.32 3.86 34.33
CA LEU A 563 43.69 3.67 35.63
C LEU A 563 42.29 4.27 35.65
N ILE A 564 41.30 3.44 35.95
CA ILE A 564 39.93 3.92 36.07
C ILE A 564 39.49 3.93 37.53
N LEU A 565 39.34 5.12 38.09
CA LEU A 565 38.70 5.26 39.40
C LEU A 565 37.21 5.11 39.21
N ASN A 566 36.70 3.90 39.44
CA ASN A 566 35.30 3.62 39.15
C ASN A 566 34.38 3.82 40.35
N ASN A 567 33.67 4.94 40.36
CA ASN A 567 32.67 5.19 41.39
C ASN A 567 31.24 5.03 40.84
N GLU A 568 31.16 4.48 39.63
CA GLU A 568 29.88 4.20 38.97
C GLU A 568 28.97 5.42 38.94
N GLU A 569 29.57 6.58 38.69
CA GLU A 569 28.83 7.83 38.70
C GLU A 569 29.62 8.92 38.00
N GLN A 570 28.89 9.95 37.57
CA GLN A 570 29.52 11.19 37.17
C GLN A 570 29.77 11.99 38.44
N GLY A 571 30.85 11.64 39.13
CA GLY A 571 31.12 12.11 40.47
C GLY A 571 31.07 13.61 40.71
N MET A 572 31.69 14.38 39.82
CA MET A 572 31.76 15.83 39.99
C MET A 572 30.36 16.44 39.86
N VAL A 573 29.51 15.83 39.06
CA VAL A 573 28.15 16.33 38.92
C VAL A 573 27.29 15.94 40.12
N THR A 574 27.41 14.69 40.58
CA THR A 574 26.67 14.26 41.76
C THR A 574 27.09 15.07 42.98
N GLN A 575 28.36 15.49 43.02
CA GLN A 575 28.82 16.34 44.10
C GLN A 575 28.05 17.66 44.12
N TRP A 576 27.92 18.28 42.94
CA TRP A 576 27.19 19.55 42.85
C TRP A 576 25.70 19.34 43.08
N GLN A 577 25.19 18.17 42.71
CA GLN A 577 23.79 17.85 42.94
C GLN A 577 23.55 17.58 44.42
N SER A 578 24.52 16.96 45.08
CA SER A 578 24.43 16.73 46.51
C SER A 578 24.45 18.05 47.26
N LEU A 579 25.30 18.96 46.80
CA LEU A 579 25.56 20.21 47.49
C LEU A 579 24.48 21.28 47.24
N PHE A 580 24.08 21.44 45.98
CA PHE A 580 23.20 22.54 45.61
C PHE A 580 21.79 22.12 45.21
N TYR A 581 21.57 20.82 45.02
CA TYR A 581 20.27 20.37 44.53
C TYR A 581 19.68 19.24 45.37
N GLU A 582 19.90 19.30 46.67
CA GLU A 582 19.25 18.41 47.64
C GLU A 582 19.33 16.93 47.26
N HIS A 583 20.49 16.51 46.79
CA HIS A 583 20.77 15.11 46.46
C HIS A 583 19.81 14.55 45.41
N ARG A 584 19.38 15.40 44.49
CA ARG A 584 18.57 14.98 43.36
C ARG A 584 19.50 14.64 42.20
N TYR A 585 19.79 13.35 42.03
CA TYR A 585 20.78 12.91 41.04
C TYR A 585 20.12 12.68 39.69
N SER A 586 20.09 13.74 38.90
CA SER A 586 19.40 13.74 37.62
C SER A 586 20.32 13.26 36.49
N HIS A 587 20.14 12.00 36.10
CA HIS A 587 20.83 11.39 34.95
C HIS A 587 22.35 11.44 35.05
N THR A 588 22.87 11.16 36.23
CA THR A 588 24.30 11.22 36.47
C THR A 588 24.90 9.85 36.77
N HIS A 589 24.15 8.79 36.44
CA HIS A 589 24.63 7.43 36.63
C HIS A 589 24.55 6.62 35.35
N GLN A 590 25.63 6.62 34.58
CA GLN A 590 25.67 5.88 33.32
C GLN A 590 26.00 4.41 33.58
N LEU A 591 25.45 3.54 32.74
CA LEU A 591 25.71 2.11 32.87
C LEU A 591 27.06 1.75 32.26
N ASN A 592 28.01 1.40 33.11
CA ASN A 592 29.35 1.03 32.65
C ASN A 592 29.41 -0.37 32.06
N PRO A 593 30.30 -0.57 31.07
CA PRO A 593 30.63 -1.92 30.60
C PRO A 593 31.59 -2.60 31.57
N ASP A 594 31.81 -3.90 31.38
CA ASP A 594 32.86 -4.58 32.10
C ASP A 594 34.19 -4.08 31.54
N PHE A 595 34.91 -3.30 32.34
CA PHE A 595 36.12 -2.63 31.85
C PHE A 595 37.26 -3.61 31.58
N ILE A 596 37.27 -4.72 32.31
CA ILE A 596 38.35 -5.70 32.14
C ILE A 596 38.11 -6.49 30.87
N LYS A 597 36.88 -6.98 30.68
CA LYS A 597 36.52 -7.67 29.44
C LYS A 597 36.65 -6.72 28.24
N LEU A 598 36.37 -5.45 28.47
CA LEU A 598 36.55 -4.43 27.43
C LEU A 598 38.01 -4.33 27.03
N ALA A 599 38.88 -4.18 28.02
CA ALA A 599 40.32 -4.12 27.81
C ALA A 599 40.82 -5.31 26.99
N GLU A 600 40.42 -6.50 27.39
CA GLU A 600 40.85 -7.72 26.72
C GLU A 600 40.32 -7.80 25.29
N ALA A 601 39.08 -7.36 25.09
CA ALA A 601 38.49 -7.31 23.76
C ALA A 601 39.27 -6.37 22.85
N MET A 602 39.82 -5.31 23.46
CA MET A 602 40.58 -4.32 22.73
C MET A 602 42.04 -4.73 22.50
N GLY A 603 42.48 -5.77 23.19
CA GLY A 603 43.83 -6.28 23.01
C GLY A 603 44.81 -5.91 24.12
N LEU A 604 44.27 -5.42 25.24
CA LEU A 604 45.08 -5.05 26.41
C LEU A 604 44.92 -6.05 27.53
N LYS A 605 45.80 -5.97 28.52
CA LYS A 605 45.59 -6.72 29.76
C LYS A 605 44.63 -5.91 30.64
N GLY A 606 43.73 -6.62 31.32
CA GLY A 606 42.80 -5.99 32.23
C GLY A 606 43.00 -6.44 33.66
N LEU A 607 42.94 -5.49 34.58
CA LEU A 607 43.12 -5.78 36.01
C LEU A 607 42.04 -5.06 36.80
N ARG A 608 41.59 -5.70 37.89
CA ARG A 608 40.55 -5.11 38.73
C ARG A 608 40.88 -5.25 40.21
N VAL A 609 40.60 -4.20 40.98
CA VAL A 609 40.73 -4.24 42.44
C VAL A 609 39.42 -3.86 43.12
N LYS A 610 39.00 -4.68 44.08
CA LYS A 610 37.85 -4.37 44.92
C LYS A 610 38.30 -4.19 46.36
N LYS A 611 39.14 -5.10 46.83
CA LYS A 611 39.55 -5.16 48.23
C LYS A 611 40.75 -4.28 48.54
N GLN A 612 40.75 -3.66 49.72
CA GLN A 612 41.88 -2.84 50.16
C GLN A 612 43.18 -3.63 50.15
N GLU A 613 43.09 -4.91 50.51
CA GLU A 613 44.27 -5.76 50.67
C GLU A 613 44.96 -6.06 49.34
N GLU A 614 44.23 -5.93 48.24
CA GLU A 614 44.76 -6.25 46.92
C GLU A 614 45.37 -5.03 46.23
N LEU A 615 45.07 -3.84 46.73
CA LEU A 615 45.42 -2.61 46.03
C LEU A 615 46.92 -2.45 45.78
N ASP A 616 47.74 -2.72 46.79
CA ASP A 616 49.19 -2.54 46.67
C ASP A 616 49.79 -3.46 45.61
N ALA A 617 49.42 -4.73 45.65
CA ALA A 617 49.94 -5.70 44.69
C ALA A 617 49.48 -5.38 43.27
N LYS A 618 48.20 -5.02 43.13
CA LYS A 618 47.63 -4.71 41.82
C LYS A 618 48.24 -3.45 41.22
N LEU A 619 48.54 -2.47 42.06
CA LEU A 619 49.16 -1.23 41.58
C LEU A 619 50.57 -1.51 41.06
N LYS A 620 51.29 -2.40 41.71
CA LYS A 620 52.65 -2.73 41.31
C LYS A 620 52.65 -3.55 40.02
N GLU A 621 51.71 -4.49 39.91
CA GLU A 621 51.57 -5.27 38.68
C GLU A 621 51.17 -4.34 37.52
N PHE A 622 50.28 -3.41 37.82
CA PHE A 622 49.79 -2.41 36.87
C PHE A 622 50.94 -1.66 36.20
N VAL A 623 51.80 -1.08 37.02
CA VAL A 623 52.89 -0.25 36.52
C VAL A 623 54.01 -1.10 35.90
N SER A 624 54.21 -2.31 36.41
CA SER A 624 55.32 -3.14 35.96
C SER A 624 54.97 -3.93 34.70
N THR A 625 53.70 -3.89 34.32
CA THR A 625 53.24 -4.61 33.15
C THR A 625 53.86 -4.05 31.88
N LYS A 626 54.42 -4.92 31.04
CA LYS A 626 54.89 -4.48 29.74
C LYS A 626 53.73 -4.49 28.76
N GLY A 627 53.61 -3.42 27.98
CA GLY A 627 52.50 -3.26 27.06
C GLY A 627 51.38 -2.45 27.68
N PRO A 628 50.34 -2.16 26.89
CA PRO A 628 49.20 -1.38 27.39
C PRO A 628 48.38 -2.19 28.38
N VAL A 629 47.93 -1.57 29.45
CA VAL A 629 47.18 -2.29 30.48
C VAL A 629 46.16 -1.37 31.15
N LEU A 630 45.00 -1.93 31.47
CA LEU A 630 43.97 -1.19 32.17
C LEU A 630 43.79 -1.74 33.58
N LEU A 631 43.75 -0.85 34.56
CA LEU A 631 43.44 -1.23 35.94
C LEU A 631 42.19 -0.50 36.42
N GLU A 632 41.16 -1.26 36.74
CA GLU A 632 39.96 -0.69 37.34
C GLU A 632 40.01 -0.83 38.84
N VAL A 633 39.77 0.28 39.54
CA VAL A 633 39.67 0.25 40.99
C VAL A 633 38.26 0.67 41.42
N GLU A 634 37.55 -0.24 42.07
CA GLU A 634 36.26 0.09 42.65
C GLU A 634 36.48 0.99 43.85
N VAL A 635 36.08 2.25 43.73
CA VAL A 635 36.27 3.21 44.82
C VAL A 635 34.93 3.60 45.43
N ASP A 636 34.99 4.17 46.63
CA ASP A 636 33.79 4.59 47.35
C ASP A 636 33.04 5.67 46.57
N LYS A 637 31.73 5.73 46.77
CA LYS A 637 30.87 6.60 45.97
C LYS A 637 30.37 7.80 46.76
N LYS A 638 29.95 8.84 46.03
CA LYS A 638 29.42 10.06 46.63
C LYS A 638 30.40 10.66 47.63
N VAL A 639 31.67 10.73 47.22
CA VAL A 639 32.71 11.32 48.04
C VAL A 639 33.10 12.67 47.45
N PRO A 640 32.86 13.75 48.21
CA PRO A 640 33.12 15.09 47.69
C PRO A 640 34.60 15.41 47.62
N VAL A 641 35.00 16.19 46.60
CA VAL A 641 36.34 16.75 46.54
C VAL A 641 36.41 17.97 47.44
N LEU A 642 37.27 17.91 48.45
CA LEU A 642 37.48 19.03 49.36
C LEU A 642 38.97 19.35 49.45
N PRO A 643 39.33 20.62 49.73
CA PRO A 643 38.42 21.76 49.99
C PRO A 643 37.69 22.24 48.76
N MET A 644 36.69 23.09 48.95
CA MET A 644 35.91 23.60 47.83
C MET A 644 35.49 25.05 48.04
N VAL A 645 35.85 25.90 47.07
CA VAL A 645 35.38 27.28 47.04
C VAL A 645 34.33 27.43 45.96
N ALA A 646 33.08 27.56 46.37
CA ALA A 646 31.99 27.71 45.41
C ALA A 646 30.97 28.74 45.90
N GLY A 647 29.95 28.99 45.08
CA GLY A 647 28.99 30.03 45.39
C GLY A 647 29.66 31.39 45.29
N GLY A 648 29.34 32.27 46.22
CA GLY A 648 29.95 33.59 46.24
C GLY A 648 31.11 33.65 47.21
N SER A 649 31.67 32.49 47.54
CA SER A 649 32.75 32.42 48.51
C SER A 649 34.06 32.98 47.97
N GLY A 650 34.84 33.59 48.85
CA GLY A 650 36.20 34.00 48.52
C GLY A 650 37.12 32.81 48.72
N LEU A 651 38.38 32.94 48.31
CA LEU A 651 39.33 31.84 48.42
C LEU A 651 39.52 31.35 49.85
N ASP A 652 39.39 32.26 50.81
CA ASP A 652 39.58 31.91 52.21
C ASP A 652 38.30 31.34 52.84
N GLU A 653 37.22 31.34 52.07
CA GLU A 653 35.94 30.85 52.55
C GLU A 653 35.60 29.48 51.98
N PHE A 654 36.59 28.59 52.01
CA PHE A 654 36.43 27.25 51.48
C PHE A 654 35.65 26.33 52.42
N ILE A 655 34.99 25.34 51.84
CA ILE A 655 34.43 24.24 52.61
C ILE A 655 35.54 23.24 52.88
N ASN A 656 35.77 22.91 54.14
CA ASN A 656 36.84 21.98 54.48
C ASN A 656 36.30 20.62 54.91
N PHE A 657 37.14 19.60 54.84
CA PHE A 657 36.73 18.25 55.21
C PHE A 657 36.44 18.12 56.70
N ASP A 658 35.37 17.41 57.00
CA ASP A 658 35.00 17.08 58.37
C ASP A 658 34.35 15.70 58.39
N PRO A 659 34.95 14.76 59.13
CA PRO A 659 34.46 13.37 59.17
C PRO A 659 33.01 13.27 59.64
N GLU A 660 32.61 14.08 60.61
CA GLU A 660 31.26 14.03 61.14
C GLU A 660 30.25 14.57 60.11
N VAL A 661 30.64 15.61 59.40
CA VAL A 661 29.79 16.18 58.36
C VAL A 661 29.53 15.14 57.26
N GLU A 662 30.58 14.40 56.89
CA GLU A 662 30.46 13.38 55.85
C GLU A 662 29.45 12.31 56.24
N ARG A 663 29.51 11.86 57.50
CA ARG A 663 28.58 10.86 57.99
C ARG A 663 27.15 11.38 58.01
N GLN A 664 26.99 12.65 58.41
CA GLN A 664 25.69 13.30 58.41
C GLN A 664 25.15 13.43 57.00
N GLN A 665 26.05 13.71 56.06
CA GLN A 665 25.69 13.79 54.65
C GLN A 665 25.26 12.43 54.10
N THR A 666 25.92 11.38 54.58
CA THR A 666 25.60 10.02 54.16
C THR A 666 24.18 9.64 54.59
N GLU A 667 23.83 9.96 55.84
CA GLU A 667 22.50 9.67 56.35
C GLU A 667 21.42 10.49 55.64
N LEU A 668 21.73 11.76 55.40
CA LEU A 668 20.81 12.65 54.69
C LEU A 668 20.59 12.18 53.26
N ARG A 669 21.67 11.76 52.60
CA ARG A 669 21.59 11.26 51.23
C ARG A 669 20.77 9.96 51.17
N HIS A 670 20.98 9.07 52.14
CA HIS A 670 20.22 7.84 52.20
CA HIS A 670 20.21 7.83 52.23
C HIS A 670 18.72 8.12 52.33
N LYS A 671 18.38 9.06 53.22
CA LYS A 671 17.00 9.46 53.43
C LYS A 671 16.35 9.99 52.15
N ARG A 672 17.05 10.88 51.47
CA ARG A 672 16.49 11.57 50.31
C ARG A 672 16.45 10.71 49.04
N THR A 673 17.29 9.69 48.96
CA THR A 673 17.31 8.85 47.76
C THR A 673 16.65 7.50 48.02
N GLY A 674 16.03 7.36 49.19
CA GLY A 674 15.36 6.12 49.55
C GLY A 674 16.32 4.95 49.64
N GLY A 675 17.55 5.25 50.03
CA GLY A 675 18.56 4.22 50.23
C GLY A 675 19.22 3.76 48.95
N LYS A 676 18.94 4.45 47.85
CA LYS A 676 19.54 4.06 46.57
C LYS A 676 20.98 4.55 46.48
N HIS A 677 21.28 5.66 47.17
CA HIS A 677 22.63 6.21 47.16
C HIS A 677 23.06 6.66 48.55
N PRO B 73 -45.33 22.13 0.88
CA PRO B 73 -44.19 22.14 1.79
C PRO B 73 -42.95 22.59 1.06
N ASP B 74 -43.09 23.55 0.18
CA ASP B 74 -42.01 24.07 -0.64
C ASP B 74 -42.01 23.23 -1.88
N MET B 75 -42.30 23.85 -3.00
CA MET B 75 -42.38 23.14 -4.23
C MET B 75 -41.35 23.56 -5.22
N ASP B 76 -41.12 22.70 -6.20
CA ASP B 76 -40.17 22.94 -7.25
C ASP B 76 -40.92 22.88 -8.57
N THR B 77 -40.76 23.90 -9.38
CA THR B 77 -41.49 23.99 -10.64
C THR B 77 -40.64 23.68 -11.87
N SER B 78 -39.35 23.42 -11.66
CA SER B 78 -38.40 23.34 -12.77
C SER B 78 -38.62 22.17 -13.73
N PHE B 79 -39.31 21.13 -13.29
CA PHE B 79 -39.57 19.97 -14.15
C PHE B 79 -40.92 20.09 -14.86
N VAL B 80 -41.70 21.11 -14.52
CA VAL B 80 -43.02 21.28 -15.11
C VAL B 80 -42.91 21.49 -16.61
N GLY B 81 -43.64 20.71 -17.38
CA GLY B 81 -43.59 20.78 -18.83
C GLY B 81 -42.78 19.66 -19.45
N LEU B 82 -41.98 18.98 -18.63
CA LEU B 82 -41.18 17.86 -19.09
C LEU B 82 -41.96 16.55 -19.02
N THR B 83 -41.66 15.63 -19.95
CA THR B 83 -42.23 14.30 -19.87
C THR B 83 -41.51 13.49 -18.80
N GLY B 84 -42.10 12.38 -18.39
CA GLY B 84 -41.47 11.50 -17.42
C GLY B 84 -40.11 11.02 -17.92
N GLY B 85 -40.07 10.68 -19.20
CA GLY B 85 -38.82 10.26 -19.84
C GLY B 85 -37.75 11.32 -19.71
N GLN B 86 -38.11 12.56 -20.00
CA GLN B 86 -37.16 13.67 -19.93
C GLN B 86 -36.72 13.92 -18.50
N ILE B 87 -37.63 13.73 -17.56
CA ILE B 87 -37.31 13.85 -16.14
C ILE B 87 -36.33 12.76 -15.71
N PHE B 88 -36.55 11.53 -16.19
CA PHE B 88 -35.60 10.44 -15.97
C PHE B 88 -34.21 10.83 -16.44
N ASN B 89 -34.14 11.39 -17.64
CA ASN B 89 -32.87 11.83 -18.23
C ASN B 89 -32.16 12.82 -17.31
N GLU B 90 -32.90 13.82 -16.85
CA GLU B 90 -32.33 14.85 -15.97
C GLU B 90 -31.88 14.25 -14.64
N MET B 91 -32.66 13.32 -14.10
CA MET B 91 -32.33 12.72 -12.81
C MET B 91 -31.04 11.90 -12.87
N MET B 92 -30.73 11.36 -14.06
CA MET B 92 -29.51 10.58 -14.22
C MET B 92 -28.26 11.42 -13.97
N SER B 93 -28.25 12.64 -14.48
CA SER B 93 -27.07 13.49 -14.30
C SER B 93 -27.02 14.01 -12.87
N ARG B 94 -28.19 14.18 -12.26
CA ARG B 94 -28.26 14.61 -10.87
C ARG B 94 -27.86 13.49 -9.90
N GLN B 95 -27.96 12.24 -10.36
CA GLN B 95 -27.54 11.10 -9.55
C GLN B 95 -26.14 10.64 -9.91
N ASN B 96 -25.41 11.47 -10.64
CA ASN B 96 -24.01 11.20 -10.99
C ASN B 96 -23.86 9.89 -11.76
N VAL B 97 -24.83 9.59 -12.62
CA VAL B 97 -24.78 8.40 -13.45
C VAL B 97 -24.03 8.68 -14.75
N ASP B 98 -22.94 7.96 -15.01
CA ASP B 98 -22.18 8.19 -16.24
C ASP B 98 -22.34 7.05 -17.24
N THR B 99 -22.97 5.96 -16.82
CA THR B 99 -23.16 4.81 -17.70
C THR B 99 -24.50 4.13 -17.48
N VAL B 100 -25.18 3.82 -18.58
CA VAL B 100 -26.43 3.08 -18.52
C VAL B 100 -26.37 1.84 -19.43
N PHE B 101 -26.72 0.69 -18.86
CA PHE B 101 -26.78 -0.57 -19.59
C PHE B 101 -28.22 -0.93 -19.86
N GLY B 102 -28.58 -1.18 -21.12
CA GLY B 102 -29.96 -1.53 -21.41
C GLY B 102 -30.30 -1.94 -22.82
N TYR B 103 -31.58 -2.22 -23.02
CA TYR B 103 -32.10 -2.68 -24.30
C TYR B 103 -33.52 -2.15 -24.45
N PRO B 104 -33.82 -1.49 -25.58
CA PRO B 104 -35.12 -0.83 -25.74
C PRO B 104 -36.28 -1.78 -26.01
N GLY B 105 -37.49 -1.24 -25.99
CA GLY B 105 -38.71 -1.99 -26.23
C GLY B 105 -39.89 -1.03 -26.12
N GLY B 106 -41.09 -1.52 -26.43
CA GLY B 106 -42.27 -0.67 -26.52
C GLY B 106 -42.64 0.11 -25.27
N ALA B 107 -42.67 -0.58 -24.13
CA ALA B 107 -43.11 0.04 -22.89
C ALA B 107 -42.14 1.11 -22.38
N ILE B 108 -40.87 0.96 -22.72
CA ILE B 108 -39.82 1.84 -22.21
C ILE B 108 -39.41 2.87 -23.26
N LEU B 109 -40.13 2.86 -24.37
CA LEU B 109 -39.89 3.74 -25.49
C LEU B 109 -39.89 5.22 -25.19
N PRO B 110 -40.79 5.70 -24.35
CA PRO B 110 -40.73 7.13 -24.03
C PRO B 110 -39.44 7.56 -23.32
N VAL B 111 -38.82 6.67 -22.58
CA VAL B 111 -37.58 6.99 -21.90
C VAL B 111 -36.43 6.99 -22.92
N TYR B 112 -36.45 6.01 -23.82
CA TYR B 112 -35.39 5.91 -24.83
C TYR B 112 -35.41 7.10 -25.78
N ASP B 113 -36.59 7.64 -26.07
CA ASP B 113 -36.67 8.83 -26.89
C ASP B 113 -36.04 10.02 -26.17
N ALA B 114 -36.18 10.05 -24.86
CA ALA B 114 -35.67 11.17 -24.05
C ALA B 114 -34.17 11.10 -23.85
N ILE B 115 -33.61 9.89 -23.86
CA ILE B 115 -32.17 9.73 -23.71
C ILE B 115 -31.46 9.62 -25.06
N HIS B 116 -32.19 9.86 -26.14
CA HIS B 116 -31.63 9.80 -27.49
C HIS B 116 -30.51 10.83 -27.65
N ASN B 117 -29.31 10.33 -27.96
CA ASN B 117 -28.12 11.16 -28.17
C ASN B 117 -27.70 11.98 -26.95
N SER B 118 -28.19 11.59 -25.78
CA SER B 118 -27.89 12.29 -24.54
C SER B 118 -26.41 12.18 -24.22
N ASP B 119 -25.77 13.29 -23.88
CA ASP B 119 -24.37 13.22 -23.47
C ASP B 119 -24.25 13.31 -21.95
N LYS B 120 -25.34 12.98 -21.26
CA LYS B 120 -25.34 12.89 -19.80
C LYS B 120 -24.61 11.63 -19.35
N PHE B 121 -24.59 10.62 -20.23
CA PHE B 121 -24.01 9.33 -19.90
C PHE B 121 -23.73 8.50 -21.14
N ASN B 122 -22.83 7.55 -21.00
CA ASN B 122 -22.58 6.59 -22.06
CA ASN B 122 -22.56 6.57 -22.06
C ASN B 122 -23.59 5.44 -21.98
N PHE B 123 -24.12 5.04 -23.13
CA PHE B 123 -25.07 3.93 -23.15
C PHE B 123 -24.41 2.67 -23.71
N VAL B 124 -24.63 1.54 -23.04
CA VAL B 124 -24.07 0.27 -23.50
C VAL B 124 -25.17 -0.71 -23.86
N LEU B 125 -25.16 -1.14 -25.12
CA LEU B 125 -26.16 -2.05 -25.64
C LEU B 125 -25.63 -3.48 -25.70
N PRO B 126 -26.23 -4.40 -24.93
CA PRO B 126 -25.89 -5.81 -24.98
C PRO B 126 -26.69 -6.52 -26.06
N LYS B 127 -26.56 -7.83 -26.16
CA LYS B 127 -27.40 -8.61 -27.05
C LYS B 127 -28.59 -9.19 -26.29
N HIS B 128 -28.46 -9.24 -24.97
CA HIS B 128 -29.44 -9.87 -24.08
C HIS B 128 -29.50 -9.08 -22.78
N GLU B 129 -30.69 -8.89 -22.22
CA GLU B 129 -30.84 -8.08 -21.01
C GLU B 129 -30.06 -8.66 -19.83
N GLN B 130 -29.92 -9.99 -19.80
CA GLN B 130 -29.09 -10.62 -18.78
C GLN B 130 -27.67 -10.07 -18.86
N GLY B 131 -27.21 -9.85 -20.09
CA GLY B 131 -25.91 -9.25 -20.32
C GLY B 131 -25.84 -7.86 -19.72
N ALA B 132 -26.90 -7.08 -19.90
CA ALA B 132 -26.96 -5.73 -19.34
C ALA B 132 -26.85 -5.77 -17.82
N GLY B 133 -27.55 -6.71 -17.20
CA GLY B 133 -27.52 -6.86 -15.75
C GLY B 133 -26.14 -7.19 -15.21
N HIS B 134 -25.51 -8.21 -15.80
CA HIS B 134 -24.18 -8.63 -15.35
C HIS B 134 -23.12 -7.58 -15.67
N MET B 135 -23.26 -6.88 -16.79
CA MET B 135 -22.38 -5.77 -17.11
C MET B 135 -22.48 -4.70 -16.03
N ALA B 136 -23.72 -4.39 -15.65
CA ALA B 136 -23.96 -3.40 -14.61
C ALA B 136 -23.32 -3.82 -13.29
N GLU B 137 -23.34 -5.11 -13.01
CA GLU B 137 -22.72 -5.64 -11.80
C GLU B 137 -21.20 -5.47 -11.85
N GLY B 138 -20.61 -5.84 -12.98
CA GLY B 138 -19.17 -5.71 -13.17
C GLY B 138 -18.74 -4.26 -13.10
N TYR B 139 -19.55 -3.39 -13.68
CA TYR B 139 -19.31 -1.95 -13.61
C TYR B 139 -19.32 -1.47 -12.16
N ALA B 140 -20.32 -1.91 -11.42
CA ALA B 140 -20.48 -1.47 -10.03
C ALA B 140 -19.33 -1.94 -9.16
N ARG B 141 -18.91 -3.18 -9.37
CA ARG B 141 -17.83 -3.78 -8.59
C ARG B 141 -16.49 -3.10 -8.85
N ALA B 142 -16.29 -2.66 -10.09
CA ALA B 142 -15.01 -2.06 -10.46
C ALA B 142 -14.97 -0.57 -10.12
N SER B 143 -16.14 0.09 -10.13
CA SER B 143 -16.18 1.54 -9.96
C SER B 143 -16.58 1.97 -8.54
N GLY B 144 -17.45 1.19 -7.90
CA GLY B 144 -17.97 1.58 -6.60
C GLY B 144 -19.23 2.40 -6.72
N LYS B 145 -19.65 2.67 -7.96
CA LYS B 145 -20.90 3.36 -8.23
C LYS B 145 -21.98 2.33 -8.53
N PRO B 146 -23.25 2.69 -8.32
CA PRO B 146 -24.32 1.74 -8.65
C PRO B 146 -24.43 1.50 -10.16
N GLY B 147 -24.72 0.26 -10.54
CA GLY B 147 -24.94 -0.08 -11.93
C GLY B 147 -26.37 0.21 -12.33
N VAL B 148 -26.55 0.84 -13.48
CA VAL B 148 -27.89 1.26 -13.89
C VAL B 148 -28.36 0.49 -15.12
N VAL B 149 -29.53 -0.12 -15.00
CA VAL B 149 -30.10 -0.95 -16.06
C VAL B 149 -31.42 -0.37 -16.55
N LEU B 150 -31.60 -0.31 -17.87
CA LEU B 150 -32.80 0.25 -18.48
C LEU B 150 -33.37 -0.69 -19.54
N VAL B 151 -34.41 -1.44 -19.18
CA VAL B 151 -34.98 -2.41 -20.10
C VAL B 151 -36.49 -2.27 -20.21
N THR B 152 -37.08 -3.00 -21.15
CA THR B 152 -38.52 -2.90 -21.39
C THR B 152 -39.31 -3.86 -20.49
N SER B 153 -40.62 -3.90 -20.70
CA SER B 153 -41.51 -4.74 -19.92
C SER B 153 -41.45 -6.20 -20.35
N GLY B 154 -42.26 -7.02 -19.71
CA GLY B 154 -42.40 -8.42 -20.07
C GLY B 154 -41.08 -9.17 -20.07
N PRO B 155 -40.65 -9.65 -21.24
CA PRO B 155 -39.44 -10.45 -21.38
C PRO B 155 -38.17 -9.63 -21.09
N GLY B 156 -38.23 -8.32 -21.28
CA GLY B 156 -37.12 -7.46 -20.95
C GLY B 156 -36.84 -7.52 -19.46
N ALA B 157 -37.91 -7.41 -18.67
CA ALA B 157 -37.80 -7.42 -17.23
C ALA B 157 -37.45 -8.79 -16.66
N THR B 158 -38.10 -9.84 -17.15
CA THR B 158 -37.82 -11.18 -16.63
C THR B 158 -36.40 -11.64 -16.96
N ASN B 159 -35.81 -11.06 -18.01
CA ASN B 159 -34.44 -11.41 -18.39
C ASN B 159 -33.38 -10.86 -17.44
N VAL B 160 -33.75 -9.94 -16.56
CA VAL B 160 -32.79 -9.38 -15.62
C VAL B 160 -33.00 -9.90 -14.18
N VAL B 161 -33.85 -10.90 -14.03
CA VAL B 161 -34.08 -11.50 -12.71
C VAL B 161 -32.82 -12.19 -12.17
N THR B 162 -32.12 -12.92 -13.01
CA THR B 162 -30.90 -13.60 -12.58
C THR B 162 -29.80 -12.60 -12.14
N PRO B 163 -29.53 -11.55 -12.95
CA PRO B 163 -28.57 -10.56 -12.43
C PRO B 163 -29.01 -9.90 -11.12
N MET B 164 -30.30 -9.66 -10.94
CA MET B 164 -30.79 -9.07 -9.69
C MET B 164 -30.55 -10.03 -8.52
N ALA B 165 -30.95 -11.29 -8.70
CA ALA B 165 -30.72 -12.32 -7.68
C ALA B 165 -29.23 -12.45 -7.38
N ASP B 166 -28.40 -12.28 -8.42
CA ASP B 166 -26.96 -12.34 -8.27
C ASP B 166 -26.43 -11.16 -7.46
N ALA B 167 -26.90 -9.96 -7.77
CA ALA B 167 -26.48 -8.76 -7.07
C ALA B 167 -26.99 -8.78 -5.63
N PHE B 168 -28.16 -9.36 -5.44
CA PHE B 168 -28.75 -9.49 -4.11
C PHE B 168 -27.90 -10.40 -3.25
N ALA B 169 -27.44 -11.51 -3.81
CA ALA B 169 -26.63 -12.47 -3.07
C ALA B 169 -25.26 -11.91 -2.72
N ASP B 170 -24.69 -11.11 -3.62
CA ASP B 170 -23.32 -10.63 -3.43
C ASP B 170 -23.23 -9.16 -2.97
N GLY B 171 -24.38 -8.56 -2.69
CA GLY B 171 -24.40 -7.21 -2.16
C GLY B 171 -23.87 -6.16 -3.11
N ILE B 172 -24.37 -6.19 -4.35
CA ILE B 172 -23.91 -5.28 -5.39
C ILE B 172 -24.93 -4.18 -5.65
N PRO B 173 -24.51 -2.91 -5.56
CA PRO B 173 -25.44 -1.79 -5.78
C PRO B 173 -25.89 -1.74 -7.24
N MET B 174 -27.20 -1.82 -7.44
CA MET B 174 -27.77 -1.83 -8.78
C MET B 174 -29.15 -1.21 -8.76
N VAL B 175 -29.41 -0.32 -9.72
CA VAL B 175 -30.75 0.22 -9.89
C VAL B 175 -31.31 -0.24 -11.23
N VAL B 176 -32.35 -1.06 -11.18
CA VAL B 176 -32.91 -1.62 -12.41
C VAL B 176 -34.22 -0.91 -12.78
N PHE B 177 -34.22 -0.28 -13.94
CA PHE B 177 -35.42 0.39 -14.44
C PHE B 177 -36.10 -0.49 -15.48
N THR B 178 -37.33 -0.90 -15.18
CA THR B 178 -38.10 -1.71 -16.11
C THR B 178 -39.30 -0.95 -16.62
N GLY B 179 -39.45 -0.90 -17.94
CA GLY B 179 -40.64 -0.35 -18.54
C GLY B 179 -41.80 -1.23 -18.15
N GLN B 180 -43.00 -0.66 -18.11
CA GLN B 180 -44.19 -1.42 -17.74
C GLN B 180 -45.34 -0.98 -18.64
N VAL B 181 -46.30 -1.88 -18.86
CA VAL B 181 -47.49 -1.55 -19.63
C VAL B 181 -48.20 -0.37 -18.97
N PRO B 182 -49.01 0.37 -19.75
CA PRO B 182 -49.75 1.51 -19.18
C PRO B 182 -50.54 1.13 -17.93
N THR B 183 -50.68 2.07 -17.00
CA THR B 183 -51.34 1.82 -15.72
C THR B 183 -52.77 1.27 -15.92
N SER B 184 -53.42 1.67 -17.00
CA SER B 184 -54.77 1.22 -17.28
C SER B 184 -54.82 -0.22 -17.78
N ALA B 185 -53.66 -0.77 -18.13
CA ALA B 185 -53.59 -2.14 -18.64
C ALA B 185 -53.06 -3.12 -17.61
N ILE B 186 -52.50 -2.58 -16.53
CA ILE B 186 -51.91 -3.41 -15.48
C ILE B 186 -52.97 -4.28 -14.79
N GLY B 187 -52.70 -5.58 -14.70
CA GLY B 187 -53.61 -6.50 -14.05
C GLY B 187 -54.61 -7.12 -15.00
N THR B 188 -54.51 -6.78 -16.28
CA THR B 188 -55.44 -7.29 -17.29
C THR B 188 -54.80 -8.35 -18.19
N ASP B 189 -53.64 -8.85 -17.78
CA ASP B 189 -52.86 -9.79 -18.59
C ASP B 189 -52.63 -9.21 -19.98
N ALA B 190 -52.05 -8.03 -20.01
CA ALA B 190 -51.83 -7.30 -21.25
C ALA B 190 -50.58 -7.77 -21.96
N PHE B 191 -50.42 -7.30 -23.20
CA PHE B 191 -49.26 -7.60 -24.02
C PHE B 191 -47.96 -7.22 -23.31
N GLN B 192 -47.03 -8.14 -23.24
CA GLN B 192 -45.76 -7.93 -22.58
C GLN B 192 -45.86 -7.46 -21.15
N GLU B 193 -46.84 -7.95 -20.44
CA GLU B 193 -47.01 -7.57 -19.04
C GLU B 193 -46.50 -8.67 -18.11
N ALA B 194 -45.66 -8.27 -17.16
CA ALA B 194 -45.23 -9.17 -16.11
C ALA B 194 -45.42 -8.48 -14.76
N ASP B 195 -45.71 -9.27 -13.73
CA ASP B 195 -45.75 -8.75 -12.37
C ASP B 195 -44.32 -8.68 -11.84
N VAL B 196 -43.57 -7.73 -12.36
CA VAL B 196 -42.14 -7.61 -12.08
C VAL B 196 -41.87 -7.25 -10.63
N VAL B 197 -42.74 -6.42 -10.05
CA VAL B 197 -42.64 -6.06 -8.65
C VAL B 197 -42.79 -7.31 -7.77
N GLY B 198 -43.74 -8.17 -8.13
CA GLY B 198 -43.93 -9.42 -7.43
C GLY B 198 -42.80 -10.41 -7.65
N ILE B 199 -42.42 -10.60 -8.90
CA ILE B 199 -41.35 -11.50 -9.28
C ILE B 199 -40.05 -11.16 -8.56
N SER B 200 -39.70 -9.88 -8.53
CA SER B 200 -38.41 -9.44 -8.01
C SER B 200 -38.41 -9.06 -6.53
N ARG B 201 -39.51 -9.30 -5.83
CA ARG B 201 -39.60 -8.90 -4.43
C ARG B 201 -38.55 -9.59 -3.56
N SER B 202 -38.31 -10.87 -3.83
CA SER B 202 -37.40 -11.66 -3.02
C SER B 202 -35.93 -11.49 -3.42
N CYS B 203 -35.67 -10.85 -4.55
CA CYS B 203 -34.28 -10.68 -4.98
C CYS B 203 -33.88 -9.22 -5.17
N THR B 204 -34.59 -8.32 -4.49
CA THR B 204 -34.18 -6.91 -4.42
C THR B 204 -34.27 -6.44 -2.98
N LYS B 205 -33.48 -5.41 -2.64
CA LYS B 205 -33.59 -4.78 -1.32
C LYS B 205 -34.93 -4.09 -1.19
N TRP B 206 -35.45 -3.62 -2.32
CA TRP B 206 -36.65 -2.80 -2.36
C TRP B 206 -37.05 -2.67 -3.82
N ASN B 207 -38.35 -2.59 -4.09
CA ASN B 207 -38.80 -2.23 -5.42
C ASN B 207 -40.07 -1.39 -5.34
N VAL B 208 -40.46 -0.82 -6.48
CA VAL B 208 -41.59 0.09 -6.50
C VAL B 208 -42.11 0.26 -7.92
N MET B 209 -43.42 0.45 -8.05
CA MET B 209 -43.98 0.88 -9.31
C MET B 209 -44.32 2.36 -9.22
N VAL B 210 -43.77 3.15 -10.14
CA VAL B 210 -44.09 4.57 -10.22
C VAL B 210 -45.47 4.75 -10.82
N LYS B 211 -46.38 5.36 -10.07
CA LYS B 211 -47.78 5.40 -10.49
C LYS B 211 -48.19 6.77 -11.03
N SER B 212 -47.29 7.74 -10.96
CA SER B 212 -47.51 9.05 -11.55
C SER B 212 -46.17 9.74 -11.79
N VAL B 213 -46.14 10.64 -12.77
CA VAL B 213 -44.92 11.35 -13.11
C VAL B 213 -44.48 12.25 -11.95
N GLU B 214 -45.44 12.70 -11.15
CA GLU B 214 -45.15 13.54 -9.99
C GLU B 214 -44.18 12.88 -9.01
N GLU B 215 -44.27 11.57 -8.86
CA GLU B 215 -43.47 10.87 -7.86
C GLU B 215 -42.22 10.23 -8.44
N LEU B 216 -42.00 10.41 -9.73
CA LEU B 216 -40.85 9.79 -10.40
C LEU B 216 -39.49 10.24 -9.82
N PRO B 217 -39.28 11.55 -9.61
CA PRO B 217 -37.99 11.92 -8.99
C PRO B 217 -37.80 11.32 -7.60
N LEU B 218 -38.86 11.31 -6.79
CA LEU B 218 -38.78 10.77 -5.43
C LEU B 218 -38.35 9.31 -5.46
N ARG B 219 -39.02 8.50 -6.26
CA ARG B 219 -38.73 7.07 -6.34
C ARG B 219 -37.32 6.82 -6.84
N ILE B 220 -36.87 7.62 -7.81
CA ILE B 220 -35.52 7.50 -8.32
C ILE B 220 -34.50 7.76 -7.20
N ASN B 221 -34.72 8.83 -6.45
CA ASN B 221 -33.84 9.18 -5.35
C ASN B 221 -33.84 8.14 -4.24
N GLU B 222 -35.01 7.60 -3.95
CA GLU B 222 -35.13 6.54 -2.95
C GLU B 222 -34.41 5.28 -3.42
N ALA B 223 -34.56 4.95 -4.70
CA ALA B 223 -33.92 3.77 -5.27
C ALA B 223 -32.40 3.80 -5.14
N PHE B 224 -31.79 4.92 -5.53
CA PHE B 224 -30.35 5.04 -5.50
C PHE B 224 -29.80 5.00 -4.08
N GLU B 225 -30.52 5.62 -3.15
CA GLU B 225 -30.09 5.65 -1.77
C GLU B 225 -30.13 4.27 -1.13
N ILE B 226 -31.21 3.54 -1.37
CA ILE B 226 -31.38 2.21 -0.79
C ILE B 226 -30.36 1.24 -1.38
N ALA B 227 -30.10 1.37 -2.68
CA ALA B 227 -29.15 0.51 -3.37
C ALA B 227 -27.73 0.65 -2.84
N THR B 228 -27.37 1.86 -2.43
CA THR B 228 -25.97 2.15 -2.09
C THR B 228 -25.71 2.30 -0.60
N SER B 229 -26.72 2.05 0.23
CA SER B 229 -26.56 2.19 1.67
C SER B 229 -26.66 0.83 2.37
N GLY B 230 -26.34 0.81 3.66
CA GLY B 230 -26.29 -0.43 4.43
C GLY B 230 -25.41 -1.43 3.72
N ARG B 231 -25.89 -2.66 3.60
CA ARG B 231 -25.29 -3.58 2.65
C ARG B 231 -25.85 -3.25 1.28
N PRO B 232 -25.00 -2.85 0.34
CA PRO B 232 -25.48 -2.48 -1.00
C PRO B 232 -26.23 -3.63 -1.65
N GLY B 233 -27.08 -3.30 -2.63
CA GLY B 233 -27.86 -4.32 -3.29
C GLY B 233 -28.70 -3.76 -4.41
N PRO B 234 -29.42 -4.63 -5.12
CA PRO B 234 -30.24 -4.20 -6.25
C PRO B 234 -31.61 -3.70 -5.84
N VAL B 235 -32.09 -2.68 -6.53
CA VAL B 235 -33.47 -2.24 -6.39
C VAL B 235 -34.09 -2.14 -7.77
N LEU B 236 -35.41 -2.31 -7.84
CA LEU B 236 -36.10 -2.25 -9.12
C LEU B 236 -37.16 -1.15 -9.14
N VAL B 237 -37.13 -0.33 -10.18
CA VAL B 237 -38.14 0.72 -10.34
C VAL B 237 -38.96 0.44 -11.59
N ASP B 238 -40.26 0.22 -11.41
CA ASP B 238 -41.16 -0.13 -12.51
C ASP B 238 -41.75 1.14 -13.13
N LEU B 239 -41.62 1.28 -14.45
CA LEU B 239 -42.00 2.51 -15.14
C LEU B 239 -43.06 2.32 -16.21
N PRO B 240 -44.35 2.48 -15.84
CA PRO B 240 -45.46 2.37 -16.79
C PRO B 240 -45.34 3.37 -17.93
N LYS B 241 -45.66 2.92 -19.15
CA LYS B 241 -45.47 3.73 -20.35
C LYS B 241 -46.19 5.08 -20.29
N ASP B 242 -47.41 5.08 -19.76
CA ASP B 242 -48.18 6.32 -19.68
C ASP B 242 -47.57 7.31 -18.71
N VAL B 243 -46.80 6.81 -17.74
CA VAL B 243 -46.14 7.68 -16.78
C VAL B 243 -44.92 8.37 -17.40
N THR B 244 -44.13 7.62 -18.15
CA THR B 244 -42.92 8.20 -18.75
C THR B 244 -43.26 9.06 -19.97
N ALA B 245 -44.43 8.82 -20.54
CA ALA B 245 -44.91 9.64 -21.67
C ALA B 245 -45.63 10.88 -21.18
N ALA B 246 -46.14 10.84 -19.96
CA ALA B 246 -46.93 11.96 -19.42
C ALA B 246 -46.07 13.18 -19.17
N ILE B 247 -46.67 14.35 -19.36
CA ILE B 247 -46.03 15.62 -19.07
C ILE B 247 -46.37 16.04 -17.64
N LEU B 248 -45.34 16.44 -16.88
CA LEU B 248 -45.55 16.92 -15.52
C LEU B 248 -46.28 18.26 -15.53
N ARG B 249 -47.47 18.29 -14.97
CA ARG B 249 -48.30 19.50 -14.98
C ARG B 249 -48.41 20.13 -13.60
N ASN B 250 -47.82 19.49 -12.60
CA ASN B 250 -47.89 20.02 -11.23
C ASN B 250 -46.50 20.22 -10.65
N PRO B 251 -46.31 21.35 -9.95
CA PRO B 251 -45.08 21.51 -9.16
C PRO B 251 -44.97 20.37 -8.16
N ILE B 252 -43.75 19.94 -7.87
CA ILE B 252 -43.54 18.83 -6.94
C ILE B 252 -42.59 19.27 -5.83
N PRO B 253 -42.70 18.66 -4.68
CA PRO B 253 -41.89 19.01 -3.53
C PRO B 253 -40.43 19.01 -3.82
N THR B 254 -39.76 20.07 -3.45
CA THR B 254 -38.35 20.19 -3.72
C THR B 254 -37.52 19.10 -3.12
N LYS B 255 -37.92 18.62 -1.95
CA LYS B 255 -37.18 17.58 -1.29
C LYS B 255 -37.17 16.26 -2.06
N THR B 256 -38.12 16.09 -2.95
CA THR B 256 -38.21 14.88 -3.71
C THR B 256 -37.37 14.90 -4.95
N THR B 257 -36.88 16.06 -5.33
CA THR B 257 -36.07 16.14 -6.52
C THR B 257 -34.61 16.19 -6.20
N LEU B 258 -34.31 16.28 -4.93
CA LEU B 258 -32.93 16.32 -4.51
C LEU B 258 -32.41 15.04 -3.97
N PRO B 259 -31.21 14.65 -4.52
CA PRO B 259 -30.67 13.39 -3.98
C PRO B 259 -30.18 13.59 -2.57
N THR B 267 -28.01 10.80 12.92
CA THR B 267 -27.43 9.79 13.79
C THR B 267 -27.74 10.05 15.26
N SER B 268 -28.23 9.02 15.95
CA SER B 268 -28.58 9.15 17.37
C SER B 268 -27.34 9.14 18.25
N ARG B 269 -27.34 10.00 19.26
CA ARG B 269 -26.21 10.12 20.18
C ARG B 269 -26.04 8.85 21.02
N ALA B 270 -27.15 8.35 21.54
CA ALA B 270 -27.13 7.12 22.34
C ALA B 270 -26.65 5.94 21.51
N GLN B 271 -26.89 6.01 20.22
CA GLN B 271 -26.46 4.99 19.30
C GLN B 271 -24.96 5.07 19.09
N ASP B 272 -24.46 6.26 18.88
CA ASP B 272 -23.05 6.44 18.69
C ASP B 272 -22.33 5.96 19.89
N GLU B 273 -22.93 6.16 21.04
CA GLU B 273 -22.30 5.76 22.27
C GLU B 273 -22.37 4.27 22.44
N PHE B 274 -23.43 3.64 21.97
CA PHE B 274 -23.55 2.21 22.07
C PHE B 274 -22.52 1.52 21.19
N VAL B 275 -22.24 2.07 20.03
CA VAL B 275 -21.28 1.50 19.13
C VAL B 275 -19.89 1.66 19.71
N MET B 276 -19.63 2.79 20.31
CA MET B 276 -18.35 3.01 20.92
C MET B 276 -18.12 2.09 22.10
N GLN B 277 -19.16 1.77 22.82
CA GLN B 277 -19.04 0.88 23.93
C GLN B 277 -18.72 -0.52 23.43
N SER B 278 -19.45 -0.99 22.44
CA SER B 278 -19.07 -2.20 21.65
CA SER B 278 -19.07 -2.21 21.67
C SER B 278 -17.63 -2.38 21.02
N ILE B 279 -17.18 -1.23 20.60
CA ILE B 279 -15.83 -1.04 20.16
C ILE B 279 -14.83 -1.20 21.28
N ASN B 280 -15.09 -0.58 22.41
CA ASN B 280 -14.22 -0.73 23.58
C ASN B 280 -14.11 -2.18 24.03
N LYS B 281 -15.23 -2.90 23.95
CA LYS B 281 -15.24 -4.32 24.29
C LYS B 281 -14.44 -5.15 23.29
N ALA B 282 -14.58 -4.82 22.01
CA ALA B 282 -13.84 -5.53 20.96
C ALA B 282 -12.34 -5.38 21.16
N ALA B 283 -11.91 -4.15 21.48
CA ALA B 283 -10.51 -3.86 21.70
C ALA B 283 -9.96 -4.66 22.88
N ASP B 284 -10.73 -4.69 23.97
CA ASP B 284 -10.34 -5.47 25.15
C ASP B 284 -10.12 -6.94 24.81
N LEU B 285 -11.01 -7.51 24.01
CA LEU B 285 -10.89 -8.91 23.61
C LEU B 285 -9.66 -9.11 22.73
N ILE B 286 -9.44 -8.18 21.80
CA ILE B 286 -8.30 -8.25 20.91
C ILE B 286 -6.98 -8.14 21.68
N ASN B 287 -6.93 -7.21 22.64
CA ASN B 287 -5.74 -7.03 23.46
C ASN B 287 -5.46 -8.23 24.35
N LEU B 288 -6.44 -9.12 24.45
CA LEU B 288 -6.34 -10.30 25.30
C LEU B 288 -5.92 -11.54 24.50
N ALA B 289 -6.16 -11.52 23.20
CA ALA B 289 -5.94 -12.68 22.34
C ALA B 289 -4.48 -13.10 22.20
N LYS B 290 -4.25 -14.41 22.15
CA LYS B 290 -2.90 -14.96 21.98
C LYS B 290 -2.75 -15.60 20.62
N LYS B 291 -3.87 -16.04 20.03
CA LYS B 291 -3.88 -16.58 18.69
C LYS B 291 -5.00 -15.98 17.84
N PRO B 292 -4.95 -14.66 17.60
CA PRO B 292 -6.04 -14.01 16.84
C PRO B 292 -5.98 -14.30 15.35
N VAL B 293 -7.14 -14.25 14.70
CA VAL B 293 -7.20 -14.29 13.24
C VAL B 293 -8.19 -13.25 12.72
N LEU B 294 -7.77 -12.47 11.74
CA LEU B 294 -8.69 -11.58 11.03
C LEU B 294 -9.37 -12.34 9.90
N TYR B 295 -10.69 -12.46 10.00
CA TYR B 295 -11.52 -13.12 9.00
C TYR B 295 -12.25 -12.05 8.21
N VAL B 296 -11.75 -11.77 7.01
CA VAL B 296 -12.11 -10.56 6.26
C VAL B 296 -12.90 -10.87 4.98
N GLY B 297 -13.99 -10.15 4.75
CA GLY B 297 -14.80 -10.37 3.57
C GLY B 297 -15.07 -9.14 2.73
N ALA B 298 -16.08 -9.22 1.87
CA ALA B 298 -16.42 -8.16 0.93
C ALA B 298 -16.71 -6.81 1.60
N GLY B 299 -17.17 -6.84 2.84
CA GLY B 299 -17.55 -5.63 3.55
C GLY B 299 -16.45 -4.60 3.69
N ILE B 300 -15.20 -5.05 3.74
CA ILE B 300 -14.07 -4.15 3.93
C ILE B 300 -13.76 -3.38 2.65
N LEU B 301 -14.27 -3.87 1.53
CA LEU B 301 -14.04 -3.24 0.24
C LEU B 301 -15.10 -2.19 -0.08
N ASN B 302 -16.08 -2.03 0.82
CA ASN B 302 -17.15 -1.06 0.60
C ASN B 302 -16.79 0.30 1.19
N HIS B 303 -15.52 0.48 1.50
CA HIS B 303 -14.99 1.77 1.88
C HIS B 303 -13.57 1.88 1.34
N ALA B 304 -13.26 3.03 0.75
CA ALA B 304 -11.96 3.24 0.10
C ALA B 304 -10.79 3.02 1.06
N ASP B 305 -11.00 3.36 2.33
CA ASP B 305 -9.93 3.24 3.33
C ASP B 305 -9.90 1.87 3.99
N GLY B 306 -10.81 0.99 3.60
CA GLY B 306 -10.91 -0.34 4.18
C GLY B 306 -9.62 -1.13 4.23
N PRO B 307 -9.02 -1.42 3.06
CA PRO B 307 -7.78 -2.20 3.02
C PRO B 307 -6.65 -1.55 3.81
N ARG B 308 -6.55 -0.22 3.77
CA ARG B 308 -5.50 0.49 4.50
C ARG B 308 -5.63 0.33 6.01
N LEU B 309 -6.84 0.44 6.53
CA LEU B 309 -7.07 0.31 7.97
C LEU B 309 -6.95 -1.15 8.41
N LEU B 310 -7.39 -2.05 7.54
CA LEU B 310 -7.20 -3.48 7.77
C LEU B 310 -5.72 -3.79 7.98
N LYS B 311 -4.88 -3.28 7.08
CA LYS B 311 -3.44 -3.49 7.17
C LYS B 311 -2.87 -2.88 8.44
N GLU B 312 -3.31 -1.66 8.75
CA GLU B 312 -2.84 -0.96 9.94
C GLU B 312 -3.13 -1.76 11.22
N LEU B 313 -4.34 -2.29 11.31
CA LEU B 313 -4.73 -3.11 12.46
C LEU B 313 -3.90 -4.39 12.52
N SER B 314 -3.71 -5.00 11.36
CA SER B 314 -2.92 -6.23 11.26
C SER B 314 -1.49 -6.02 11.73
N ASP B 315 -0.88 -4.92 11.29
CA ASP B 315 0.50 -4.61 11.67
C ASP B 315 0.60 -4.24 13.13
N ARG B 316 -0.39 -3.51 13.63
CA ARG B 316 -0.35 -2.98 14.99
C ARG B 316 -0.43 -4.09 16.04
N ALA B 317 -1.28 -5.08 15.80
CA ALA B 317 -1.48 -6.14 16.79
C ALA B 317 -0.94 -7.49 16.30
N GLN B 318 -0.21 -7.46 15.19
CA GLN B 318 0.40 -8.66 14.61
C GLN B 318 -0.61 -9.78 14.40
N ILE B 319 -1.68 -9.47 13.66
CA ILE B 319 -2.75 -10.43 13.43
C ILE B 319 -2.73 -10.94 12.00
N PRO B 320 -2.67 -12.27 11.83
CA PRO B 320 -2.71 -12.87 10.49
C PRO B 320 -4.07 -12.65 9.84
N VAL B 321 -4.08 -12.53 8.52
CA VAL B 321 -5.30 -12.19 7.80
C VAL B 321 -5.69 -13.23 6.74
N THR B 322 -6.88 -13.79 6.89
CA THR B 322 -7.47 -14.62 5.85
C THR B 322 -8.69 -13.91 5.27
N THR B 323 -8.96 -14.13 3.99
CA THR B 323 -10.14 -13.54 3.37
C THR B 323 -11.04 -14.60 2.75
N THR B 324 -12.32 -14.25 2.60
CA THR B 324 -13.23 -15.06 1.81
C THR B 324 -12.92 -14.87 0.33
N LEU B 325 -13.64 -15.62 -0.51
CA LEU B 325 -13.59 -15.44 -1.95
C LEU B 325 -13.89 -13.99 -2.33
N GLN B 326 -14.86 -13.37 -1.65
CA GLN B 326 -15.30 -12.03 -2.01
C GLN B 326 -14.46 -10.94 -1.34
N GLY B 327 -13.51 -11.34 -0.52
CA GLY B 327 -12.62 -10.39 0.12
C GLY B 327 -11.24 -10.38 -0.50
N LEU B 328 -11.01 -11.27 -1.48
CA LEU B 328 -9.72 -11.34 -2.16
C LEU B 328 -9.37 -10.00 -2.80
N GLY B 329 -8.15 -9.55 -2.57
CA GLY B 329 -7.70 -8.25 -3.05
C GLY B 329 -7.67 -7.20 -1.96
N SER B 330 -8.35 -7.47 -0.84
CA SER B 330 -8.40 -6.51 0.25
C SER B 330 -7.13 -6.56 1.10
N PHE B 331 -6.36 -7.64 0.93
CA PHE B 331 -5.12 -7.80 1.67
C PHE B 331 -4.01 -8.25 0.73
N ASP B 332 -2.84 -7.65 0.88
CA ASP B 332 -1.70 -7.99 0.06
C ASP B 332 -1.19 -9.40 0.39
N GLN B 333 -1.40 -10.33 -0.54
CA GLN B 333 -1.05 -11.73 -0.30
C GLN B 333 0.46 -11.99 -0.33
N GLU B 334 1.25 -10.97 -0.63
CA GLU B 334 2.70 -11.07 -0.53
C GLU B 334 3.14 -10.89 0.92
N ASP B 335 2.28 -10.26 1.71
CA ASP B 335 2.59 -9.98 3.11
C ASP B 335 2.73 -11.28 3.91
N PRO B 336 3.77 -11.36 4.75
CA PRO B 336 4.03 -12.52 5.62
C PRO B 336 2.83 -12.89 6.52
N LYS B 337 1.98 -11.93 6.84
CA LYS B 337 0.84 -12.20 7.71
C LYS B 337 -0.39 -12.66 6.92
N SER B 338 -0.24 -12.84 5.61
CA SER B 338 -1.36 -13.29 4.79
C SER B 338 -1.58 -14.79 4.94
N LEU B 339 -2.84 -15.18 5.16
CA LEU B 339 -3.20 -16.59 5.28
C LEU B 339 -3.83 -17.11 4.00
N ASP B 340 -3.99 -16.23 3.01
CA ASP B 340 -4.68 -16.56 1.75
C ASP B 340 -6.16 -16.86 2.04
N MET B 341 -6.83 -17.50 1.09
CA MET B 341 -8.27 -17.73 1.20
C MET B 341 -8.59 -18.88 2.14
N LEU B 342 -9.73 -18.79 2.83
CA LEU B 342 -10.21 -19.89 3.66
C LEU B 342 -11.50 -20.47 3.10
N GLY B 343 -11.87 -21.65 3.58
CA GLY B 343 -13.15 -22.23 3.21
C GLY B 343 -13.09 -23.58 2.54
N MET B 344 -14.18 -23.93 1.86
CA MET B 344 -14.36 -25.21 1.19
C MET B 344 -13.19 -25.55 0.27
N HIS B 345 -12.65 -24.54 -0.40
CA HIS B 345 -11.50 -24.72 -1.28
C HIS B 345 -10.37 -23.76 -0.92
N GLY B 346 -10.32 -23.36 0.34
CA GLY B 346 -9.30 -22.44 0.80
C GLY B 346 -7.98 -23.10 1.13
N CYS B 347 -6.96 -22.28 1.38
CA CYS B 347 -5.65 -22.73 1.82
C CYS B 347 -5.78 -23.51 3.13
N ALA B 348 -5.09 -24.63 3.24
CA ALA B 348 -5.14 -25.42 4.46
C ALA B 348 -4.65 -24.59 5.65
N THR B 349 -3.67 -23.73 5.42
CA THR B 349 -3.12 -22.88 6.47
C THR B 349 -4.17 -21.94 7.03
N ALA B 350 -4.96 -21.32 6.15
CA ALA B 350 -6.02 -20.43 6.58
C ALA B 350 -7.05 -21.18 7.42
N ASN B 351 -7.46 -22.34 6.94
CA ASN B 351 -8.44 -23.17 7.64
C ASN B 351 -7.95 -23.62 9.00
N LEU B 352 -6.68 -24.04 9.07
CA LEU B 352 -6.10 -24.53 10.30
C LEU B 352 -5.96 -23.38 11.31
N ALA B 353 -5.61 -22.20 10.81
CA ALA B 353 -5.47 -21.03 11.68
C ALA B 353 -6.81 -20.69 12.34
N VAL B 354 -7.87 -20.68 11.53
CA VAL B 354 -9.21 -20.40 12.03
C VAL B 354 -9.68 -21.45 13.03
N GLN B 355 -9.39 -22.71 12.74
CA GLN B 355 -9.79 -23.80 13.62
C GLN B 355 -9.03 -23.78 14.94
N ASN B 356 -7.87 -23.13 14.96
CA ASN B 356 -7.04 -23.10 16.16
C ASN B 356 -6.96 -21.72 16.82
N ALA B 357 -7.67 -20.74 16.25
CA ALA B 357 -7.64 -19.39 16.81
C ALA B 357 -8.44 -19.30 18.10
N ASP B 358 -7.96 -18.49 19.04
CA ASP B 358 -8.72 -18.24 20.27
C ASP B 358 -9.64 -17.04 20.07
N LEU B 359 -9.37 -16.25 19.04
CA LEU B 359 -10.22 -15.11 18.72
C LEU B 359 -10.34 -14.93 17.21
N ILE B 360 -11.58 -14.89 16.73
CA ILE B 360 -11.83 -14.62 15.33
C ILE B 360 -12.44 -13.23 15.17
N ILE B 361 -11.74 -12.36 14.46
CA ILE B 361 -12.22 -11.02 14.22
C ILE B 361 -12.83 -10.95 12.82
N ALA B 362 -14.15 -11.11 12.77
CA ALA B 362 -14.88 -11.14 11.51
C ALA B 362 -15.15 -9.72 11.01
N VAL B 363 -14.62 -9.40 9.84
CA VAL B 363 -14.73 -8.07 9.27
C VAL B 363 -15.38 -8.09 7.90
N GLY B 364 -16.65 -7.71 7.84
CA GLY B 364 -17.38 -7.66 6.59
C GLY B 364 -17.54 -9.00 5.90
N ALA B 365 -17.88 -10.03 6.66
CA ALA B 365 -18.11 -11.37 6.11
C ALA B 365 -19.29 -12.03 6.83
N ARG B 366 -20.01 -12.93 6.15
CA ARG B 366 -21.27 -13.40 6.74
C ARG B 366 -21.34 -14.88 7.14
N PHE B 367 -20.18 -15.53 7.26
CA PHE B 367 -20.11 -16.91 7.78
C PHE B 367 -20.94 -17.92 6.98
N ASP B 368 -20.89 -17.82 5.66
CA ASP B 368 -21.55 -18.80 4.80
C ASP B 368 -20.88 -20.16 4.99
N ASP B 369 -21.59 -21.24 4.76
CA ASP B 369 -21.01 -22.56 5.03
C ASP B 369 -20.03 -23.01 3.94
N ARG B 370 -19.93 -22.25 2.85
CA ARG B 370 -18.85 -22.44 1.88
C ARG B 370 -17.53 -22.02 2.53
N VAL B 371 -17.63 -21.28 3.63
CA VAL B 371 -16.47 -20.80 4.38
C VAL B 371 -16.26 -21.61 5.66
N THR B 372 -17.34 -21.86 6.40
CA THR B 372 -17.24 -22.47 7.72
C THR B 372 -17.10 -23.98 7.72
N GLY B 373 -17.56 -24.62 6.64
CA GLY B 373 -17.69 -26.07 6.63
C GLY B 373 -18.77 -26.46 7.63
N ASN B 374 -18.70 -27.69 8.13
CA ASN B 374 -19.61 -28.14 9.18
C ASN B 374 -19.57 -27.18 10.36
N ILE B 375 -20.66 -26.44 10.56
CA ILE B 375 -20.70 -25.36 11.53
C ILE B 375 -20.51 -25.84 12.98
N SER B 376 -20.84 -27.11 13.24
CA SER B 376 -20.68 -27.66 14.58
C SER B 376 -19.22 -28.03 14.84
N LYS B 377 -18.41 -28.04 13.78
CA LYS B 377 -16.98 -28.30 13.91
C LYS B 377 -16.17 -27.03 13.73
N PHE B 378 -16.86 -25.93 13.43
CA PHE B 378 -16.21 -24.67 13.09
C PHE B 378 -15.65 -23.95 14.32
N ALA B 379 -14.41 -23.46 14.17
CA ALA B 379 -13.73 -22.65 15.19
C ALA B 379 -13.86 -23.20 16.61
N PRO B 380 -13.38 -24.43 16.85
CA PRO B 380 -13.53 -25.04 18.18
C PRO B 380 -12.72 -24.31 19.26
N GLU B 381 -11.57 -23.79 18.90
CA GLU B 381 -10.72 -23.09 19.86
C GLU B 381 -11.30 -21.73 20.24
N ALA B 382 -12.04 -21.13 19.33
CA ALA B 382 -12.69 -19.85 19.62
C ALA B 382 -13.84 -20.05 20.58
N ARG B 383 -14.60 -21.12 20.38
CA ARG B 383 -15.72 -21.44 21.25
C ARG B 383 -15.23 -21.75 22.65
N ARG B 384 -14.13 -22.49 22.74
CA ARG B 384 -13.53 -22.82 24.02
C ARG B 384 -13.05 -21.55 24.73
N ALA B 385 -12.44 -20.65 23.97
CA ALA B 385 -11.96 -19.38 24.50
C ALA B 385 -13.13 -18.53 25.01
N ALA B 386 -14.24 -18.54 24.27
CA ALA B 386 -15.44 -17.83 24.66
C ALA B 386 -16.01 -18.41 25.94
N ALA B 387 -15.94 -19.74 26.07
CA ALA B 387 -16.47 -20.43 27.25
C ALA B 387 -15.66 -20.08 28.48
N GLU B 388 -14.40 -19.69 28.28
CA GLU B 388 -13.52 -19.33 29.38
C GLU B 388 -13.33 -17.82 29.48
N GLY B 389 -14.18 -17.08 28.77
CA GLY B 389 -14.16 -15.62 28.80
C GLY B 389 -12.86 -14.97 28.35
N ARG B 390 -12.18 -15.59 27.38
CA ARG B 390 -10.88 -15.09 26.94
C ARG B 390 -10.77 -15.00 25.42
N GLY B 391 -11.92 -14.98 24.74
CA GLY B 391 -11.93 -14.90 23.30
C GLY B 391 -13.28 -15.25 22.71
N GLY B 392 -13.27 -15.76 21.48
CA GLY B 392 -14.49 -16.09 20.78
C GLY B 392 -14.54 -15.41 19.43
N ILE B 393 -15.65 -14.76 19.13
CA ILE B 393 -15.84 -14.14 17.83
C ILE B 393 -16.34 -12.71 17.94
N ILE B 394 -15.62 -11.79 17.30
CA ILE B 394 -16.04 -10.40 17.16
C ILE B 394 -16.56 -10.20 15.74
N HIS B 395 -17.65 -9.45 15.59
CA HIS B 395 -18.28 -9.30 14.28
C HIS B 395 -18.53 -7.83 13.91
N PHE B 396 -17.81 -7.35 12.89
CA PHE B 396 -18.05 -6.02 12.34
C PHE B 396 -19.02 -6.14 11.17
N GLU B 397 -20.28 -5.81 11.42
CA GLU B 397 -21.34 -6.06 10.45
C GLU B 397 -22.25 -4.84 10.29
N VAL B 398 -22.58 -4.52 9.05
CA VAL B 398 -23.39 -3.34 8.75
C VAL B 398 -24.90 -3.65 8.78
N SER B 399 -25.26 -4.91 8.58
CA SER B 399 -26.67 -5.29 8.48
C SER B 399 -27.14 -6.11 9.67
N PRO B 400 -28.17 -5.62 10.38
CA PRO B 400 -28.75 -6.33 11.53
C PRO B 400 -29.26 -7.72 11.16
N LYS B 401 -29.65 -7.90 9.90
CA LYS B 401 -30.13 -9.19 9.41
C LYS B 401 -29.07 -10.28 9.58
N ASN B 402 -27.80 -9.91 9.48
CA ASN B 402 -26.72 -10.89 9.47
C ASN B 402 -25.95 -10.97 10.78
N ILE B 403 -26.41 -10.21 11.78
CA ILE B 403 -25.82 -10.30 13.11
C ILE B 403 -26.50 -11.41 13.90
N ASN B 404 -25.69 -12.29 14.48
CA ASN B 404 -26.18 -13.45 15.25
C ASN B 404 -27.03 -14.40 14.41
N LYS B 405 -26.71 -14.49 13.12
CA LYS B 405 -27.50 -15.29 12.19
C LYS B 405 -26.97 -16.72 12.07
N VAL B 406 -25.67 -16.86 11.93
CA VAL B 406 -25.07 -18.18 11.77
C VAL B 406 -24.38 -18.63 13.05
N VAL B 407 -23.53 -17.76 13.57
CA VAL B 407 -22.68 -18.13 14.70
C VAL B 407 -22.96 -17.26 15.92
N GLN B 408 -22.79 -17.86 17.09
CA GLN B 408 -22.84 -17.15 18.37
C GLN B 408 -21.67 -16.18 18.46
N THR B 409 -21.96 -14.90 18.56
CA THR B 409 -20.89 -13.90 18.60
C THR B 409 -20.82 -13.19 19.95
N GLN B 410 -19.60 -13.00 20.44
CA GLN B 410 -19.39 -12.39 21.74
C GLN B 410 -19.63 -10.88 21.67
N ILE B 411 -19.15 -10.25 20.61
CA ILE B 411 -19.34 -8.82 20.42
C ILE B 411 -19.68 -8.49 18.97
N ALA B 412 -20.81 -7.83 18.75
CA ALA B 412 -21.15 -7.31 17.44
C ALA B 412 -20.90 -5.81 17.41
N VAL B 413 -20.14 -5.36 16.42
CA VAL B 413 -19.91 -3.94 16.22
C VAL B 413 -20.67 -3.49 14.99
N GLU B 414 -21.79 -2.81 15.22
CA GLU B 414 -22.71 -2.46 14.15
C GLU B 414 -22.22 -1.27 13.31
N GLY B 415 -22.41 -1.36 12.00
CA GLY B 415 -22.12 -0.26 11.11
C GLY B 415 -21.02 -0.56 10.12
N ASP B 416 -20.53 0.48 9.46
CA ASP B 416 -19.45 0.34 8.50
C ASP B 416 -18.18 -0.16 9.18
N ALA B 417 -17.64 -1.27 8.67
CA ALA B 417 -16.49 -1.93 9.29
C ALA B 417 -15.27 -1.01 9.30
N THR B 418 -14.99 -0.40 8.16
CA THR B 418 -13.85 0.50 8.01
C THR B 418 -13.90 1.65 9.01
N THR B 419 -15.06 2.29 9.10
CA THR B 419 -15.26 3.40 10.02
C THR B 419 -14.99 2.96 11.45
N ASN B 420 -15.52 1.79 11.80
CA ASN B 420 -15.38 1.27 13.15
C ASN B 420 -13.97 0.79 13.48
N LEU B 421 -13.25 0.32 12.47
CA LEU B 421 -11.84 -0.03 12.64
C LEU B 421 -11.02 1.22 12.96
N GLY B 422 -11.38 2.34 12.31
CA GLY B 422 -10.71 3.60 12.55
C GLY B 422 -10.92 4.11 13.95
N LYS B 423 -12.13 3.93 14.48
CA LYS B 423 -12.44 4.34 15.84
C LYS B 423 -11.77 3.45 16.88
N MET B 424 -11.53 2.20 16.52
CA MET B 424 -10.98 1.24 17.47
C MET B 424 -9.45 1.29 17.57
N MET B 425 -8.81 1.76 16.50
CA MET B 425 -7.37 1.60 16.33
C MET B 425 -6.54 2.05 17.53
N SER B 426 -6.88 3.20 18.11
CA SER B 426 -6.09 3.76 19.20
C SER B 426 -6.23 2.98 20.50
N LYS B 427 -7.26 2.13 20.59
CA LYS B 427 -7.51 1.34 21.79
C LYS B 427 -6.78 0.00 21.74
N ILE B 428 -6.18 -0.30 20.58
CA ILE B 428 -5.45 -1.54 20.38
C ILE B 428 -4.00 -1.43 20.83
N PHE B 429 -3.60 -2.27 21.77
CA PHE B 429 -2.22 -2.28 22.25
C PHE B 429 -1.29 -2.79 21.15
N PRO B 430 -0.24 -2.01 20.83
CA PRO B 430 0.77 -2.45 19.86
C PRO B 430 1.44 -3.74 20.30
N VAL B 431 1.56 -4.68 19.38
CA VAL B 431 2.18 -5.97 19.66
C VAL B 431 3.47 -6.11 18.88
N LYS B 432 4.56 -6.46 19.57
CA LYS B 432 5.85 -6.62 18.93
C LYS B 432 5.89 -7.86 18.04
N GLU B 433 5.51 -9.02 18.61
CA GLU B 433 5.52 -10.26 17.86
C GLU B 433 4.65 -11.34 18.51
N ARG B 434 4.25 -12.31 17.71
CA ARG B 434 3.60 -13.52 18.21
C ARG B 434 4.38 -14.72 17.72
N SER B 435 5.52 -14.98 18.36
CA SER B 435 6.49 -15.97 17.91
C SER B 435 5.90 -17.38 17.71
N GLU B 436 5.20 -17.88 18.72
CA GLU B 436 4.65 -19.23 18.67
CA GLU B 436 4.65 -19.23 18.67
C GLU B 436 3.54 -19.37 17.64
N TRP B 437 2.65 -18.39 17.61
CA TRP B 437 1.51 -18.41 16.70
C TRP B 437 1.96 -18.41 15.24
N PHE B 438 2.88 -17.51 14.92
CA PHE B 438 3.34 -17.40 13.53
C PHE B 438 4.30 -18.52 13.14
N ALA B 439 4.96 -19.13 14.12
CA ALA B 439 5.78 -20.31 13.85
C ALA B 439 4.88 -21.46 13.42
N GLN B 440 3.77 -21.62 14.12
CA GLN B 440 2.80 -22.65 13.79
C GLN B 440 2.21 -22.40 12.40
N ILE B 441 1.90 -21.13 12.13
CA ILE B 441 1.35 -20.74 10.85
C ILE B 441 2.34 -21.00 9.72
N ASN B 442 3.60 -20.65 9.93
CA ASN B 442 4.63 -20.87 8.92
C ASN B 442 4.88 -22.36 8.69
N LYS B 443 4.73 -23.14 9.74
CA LYS B 443 4.89 -24.59 9.65
C LYS B 443 3.79 -25.17 8.75
N TRP B 444 2.58 -24.63 8.89
CA TRP B 444 1.46 -25.05 8.05
C TRP B 444 1.65 -24.62 6.59
N LYS B 445 2.24 -23.45 6.39
CA LYS B 445 2.48 -22.95 5.03
C LYS B 445 3.45 -23.85 4.28
N LYS B 446 4.51 -24.27 4.96
CA LYS B 446 5.52 -25.14 4.36
C LYS B 446 4.93 -26.50 4.03
N GLU B 447 4.06 -26.99 4.90
CA GLU B 447 3.51 -28.33 4.77
C GLU B 447 2.33 -28.40 3.79
N TYR B 448 1.56 -27.32 3.70
CA TYR B 448 0.33 -27.39 2.92
C TYR B 448 0.20 -26.33 1.83
N PRO B 449 1.11 -26.34 0.85
CA PRO B 449 0.94 -25.38 -0.25
C PRO B 449 -0.19 -25.81 -1.17
N TYR B 450 -0.55 -24.94 -2.11
CA TYR B 450 -1.54 -25.28 -3.13
C TYR B 450 -0.95 -26.30 -4.13
N ALA B 451 -0.77 -27.53 -3.68
CA ALA B 451 -0.12 -28.54 -4.53
C ALA B 451 -1.07 -29.13 -5.56
N TYR B 452 -0.54 -29.48 -6.72
CA TYR B 452 -1.32 -30.11 -7.78
C TYR B 452 -0.41 -30.92 -8.70
N MET B 453 -0.99 -31.77 -9.53
CA MET B 453 -0.19 -32.54 -10.47
C MET B 453 0.31 -31.63 -11.59
N GLU B 454 1.61 -31.40 -11.63
CA GLU B 454 2.18 -30.47 -12.60
C GLU B 454 2.43 -31.16 -13.94
N GLU B 455 2.71 -30.35 -14.96
CA GLU B 455 2.94 -30.85 -16.31
C GLU B 455 4.07 -31.88 -16.37
N THR B 456 3.90 -32.86 -17.26
CA THR B 456 4.95 -33.79 -17.62
C THR B 456 5.06 -33.74 -19.15
N PRO B 457 6.17 -34.22 -19.73
CA PRO B 457 6.31 -34.15 -21.19
C PRO B 457 5.13 -34.75 -21.95
N GLY B 458 4.56 -33.98 -22.86
CA GLY B 458 3.45 -34.44 -23.68
C GLY B 458 2.08 -34.26 -23.05
N SER B 459 2.04 -34.15 -21.73
CA SER B 459 0.77 -34.05 -21.01
C SER B 459 0.03 -32.79 -21.41
N LYS B 460 -1.28 -32.79 -21.18
CA LYS B 460 -2.07 -31.59 -21.41
C LYS B 460 -1.66 -30.51 -20.43
N ILE B 461 -1.86 -29.26 -20.83
CA ILE B 461 -1.57 -28.12 -19.97
C ILE B 461 -2.42 -28.17 -18.70
N LYS B 462 -1.82 -27.90 -17.56
CA LYS B 462 -2.57 -27.91 -16.29
C LYS B 462 -3.20 -26.54 -16.05
N PRO B 463 -4.50 -26.53 -15.69
CA PRO B 463 -5.24 -25.28 -15.50
C PRO B 463 -4.64 -24.42 -14.38
N GLN B 464 -4.12 -25.05 -13.32
CA GLN B 464 -3.51 -24.32 -12.23
C GLN B 464 -2.27 -23.57 -12.72
N THR B 465 -1.49 -24.25 -13.56
CA THR B 465 -0.27 -23.67 -14.15
C THR B 465 -0.60 -22.42 -14.98
N VAL B 466 -1.71 -22.47 -15.70
CA VAL B 466 -2.15 -21.34 -16.51
C VAL B 466 -2.38 -20.11 -15.64
N ILE B 467 -3.06 -20.30 -14.51
CA ILE B 467 -3.36 -19.20 -13.61
C ILE B 467 -2.08 -18.58 -13.06
N LYS B 468 -1.16 -19.42 -12.59
CA LYS B 468 0.09 -18.95 -12.03
C LYS B 468 0.90 -18.16 -13.05
N LYS B 469 0.99 -18.68 -14.27
CA LYS B 469 1.73 -18.01 -15.33
C LYS B 469 1.08 -16.68 -15.71
N LEU B 470 -0.24 -16.68 -15.90
CA LEU B 470 -0.95 -15.49 -16.32
C LEU B 470 -0.88 -14.42 -15.23
N SER B 471 -0.93 -14.85 -13.97
CA SER B 471 -0.80 -13.95 -12.85
C SER B 471 0.49 -13.14 -12.95
N LYS B 472 1.61 -13.81 -13.20
CA LYS B 472 2.88 -13.12 -13.31
C LYS B 472 2.94 -12.24 -14.55
N VAL B 473 2.50 -12.78 -15.69
CA VAL B 473 2.50 -12.05 -16.95
C VAL B 473 1.69 -10.75 -16.86
N ALA B 474 0.48 -10.84 -16.34
CA ALA B 474 -0.39 -9.68 -16.21
C ALA B 474 0.18 -8.65 -15.24
N ASN B 475 0.72 -9.12 -14.12
CA ASN B 475 1.30 -8.23 -13.13
C ASN B 475 2.51 -7.49 -13.67
N ASP B 476 3.35 -8.19 -14.42
CA ASP B 476 4.57 -7.60 -14.97
C ASP B 476 4.31 -6.51 -16.01
N THR B 477 3.07 -6.38 -16.46
CA THR B 477 2.73 -5.32 -17.42
C THR B 477 2.79 -3.95 -16.76
N GLY B 478 2.62 -3.93 -15.44
CA GLY B 478 2.64 -2.68 -14.70
C GLY B 478 1.30 -1.98 -14.75
N ARG B 479 0.35 -2.55 -15.47
CA ARG B 479 -0.98 -1.99 -15.60
C ARG B 479 -1.83 -2.38 -14.40
N HIS B 480 -2.94 -1.66 -14.22
CA HIS B 480 -3.92 -2.06 -13.23
C HIS B 480 -4.75 -3.20 -13.82
N VAL B 481 -4.83 -4.30 -13.09
CA VAL B 481 -5.46 -5.52 -13.61
C VAL B 481 -6.74 -5.86 -12.87
N ILE B 482 -7.81 -6.09 -13.63
CA ILE B 482 -9.08 -6.54 -13.08
C ILE B 482 -9.40 -7.92 -13.64
N VAL B 483 -9.78 -8.84 -12.76
CA VAL B 483 -10.09 -10.19 -13.15
C VAL B 483 -11.55 -10.56 -12.85
N THR B 484 -12.27 -11.01 -13.87
CA THR B 484 -13.59 -11.60 -13.67
C THR B 484 -13.50 -13.08 -13.99
N THR B 485 -14.49 -13.85 -13.55
CA THR B 485 -14.53 -15.28 -13.85
C THR B 485 -15.94 -15.78 -14.10
N GLY B 486 -16.03 -17.01 -14.59
CA GLY B 486 -17.28 -17.73 -14.59
C GLY B 486 -17.41 -18.49 -13.28
N VAL B 487 -18.18 -19.57 -13.28
CA VAL B 487 -18.39 -20.35 -12.07
C VAL B 487 -17.93 -21.79 -12.26
N GLY B 488 -17.13 -22.27 -11.31
CA GLY B 488 -16.66 -23.65 -11.35
C GLY B 488 -15.21 -23.79 -10.91
N GLN B 489 -14.53 -24.78 -11.47
CA GLN B 489 -13.15 -25.08 -11.09
C GLN B 489 -12.21 -23.95 -11.44
N HIS B 490 -12.33 -23.45 -12.67
CA HIS B 490 -11.50 -22.34 -13.14
C HIS B 490 -11.60 -21.14 -12.21
N GLN B 491 -12.80 -20.94 -11.66
CA GLN B 491 -13.06 -19.86 -10.72
C GLN B 491 -12.25 -20.06 -9.44
N MET B 492 -12.31 -21.27 -8.91
CA MET B 492 -11.56 -21.62 -7.70
C MET B 492 -10.05 -21.56 -7.94
N TRP B 493 -9.60 -22.05 -9.09
CA TRP B 493 -8.18 -22.03 -9.42
C TRP B 493 -7.67 -20.60 -9.62
N ALA B 494 -8.51 -19.74 -10.19
CA ALA B 494 -8.16 -18.33 -10.30
C ALA B 494 -8.03 -17.72 -8.91
N ALA B 495 -8.99 -18.02 -8.04
CA ALA B 495 -8.97 -17.53 -6.67
C ALA B 495 -7.70 -17.95 -5.94
N GLN B 496 -7.37 -19.23 -6.04
CA GLN B 496 -6.22 -19.80 -5.32
C GLN B 496 -4.86 -19.33 -5.83
N HIS B 497 -4.61 -19.50 -7.12
CA HIS B 497 -3.25 -19.42 -7.65
C HIS B 497 -2.87 -18.04 -8.17
N TRP B 498 -3.83 -17.14 -8.24
CA TRP B 498 -3.50 -15.75 -8.52
C TRP B 498 -2.96 -15.11 -7.24
N THR B 499 -2.05 -14.17 -7.39
CA THR B 499 -1.55 -13.41 -6.25
C THR B 499 -2.30 -12.09 -6.14
N TRP B 500 -3.25 -12.03 -5.22
CA TRP B 500 -4.09 -10.85 -5.04
C TRP B 500 -3.41 -9.79 -4.19
N ARG B 501 -3.37 -8.56 -4.71
CA ARG B 501 -2.68 -7.47 -4.02
C ARG B 501 -3.49 -6.18 -3.97
N ASN B 502 -4.41 -6.00 -4.91
CA ASN B 502 -5.14 -4.73 -5.03
C ASN B 502 -6.65 -4.86 -4.83
N PRO B 503 -7.24 -3.88 -4.14
CA PRO B 503 -8.69 -3.85 -3.90
C PRO B 503 -9.52 -3.66 -5.16
N HIS B 504 -10.65 -4.37 -5.24
CA HIS B 504 -11.58 -4.29 -6.36
C HIS B 504 -10.94 -4.76 -7.66
N THR B 505 -10.22 -5.88 -7.59
CA THR B 505 -9.60 -6.45 -8.78
C THR B 505 -10.03 -7.90 -9.01
N PHE B 506 -10.83 -8.44 -8.08
CA PHE B 506 -11.41 -9.76 -8.30
C PHE B 506 -12.94 -9.66 -8.28
N ILE B 507 -13.54 -9.96 -9.43
CA ILE B 507 -14.97 -9.79 -9.60
C ILE B 507 -15.59 -11.11 -10.04
N THR B 508 -16.18 -11.82 -9.08
CA THR B 508 -16.69 -13.17 -9.33
C THR B 508 -18.03 -13.37 -8.65
N SER B 509 -18.88 -14.22 -9.24
CA SER B 509 -20.19 -14.51 -8.67
C SER B 509 -20.07 -15.56 -7.58
N GLY B 510 -20.20 -15.14 -6.33
CA GLY B 510 -19.94 -16.01 -5.21
C GLY B 510 -21.15 -16.63 -4.53
N GLY B 511 -22.15 -15.81 -4.24
CA GLY B 511 -23.31 -16.25 -3.47
C GLY B 511 -24.29 -17.05 -4.30
N LEU B 512 -24.70 -16.50 -5.44
CA LEU B 512 -25.61 -17.19 -6.34
C LEU B 512 -24.83 -18.11 -7.28
N GLY B 513 -23.61 -17.73 -7.61
CA GLY B 513 -22.75 -18.53 -8.47
C GLY B 513 -23.29 -18.69 -9.87
N THR B 514 -23.44 -17.57 -10.57
CA THR B 514 -24.07 -17.55 -11.89
C THR B 514 -23.11 -17.82 -13.04
N MET B 515 -23.22 -18.97 -13.69
CA MET B 515 -22.49 -19.22 -14.94
C MET B 515 -22.86 -18.17 -15.98
N GLY B 516 -21.88 -17.70 -16.74
CA GLY B 516 -22.12 -16.72 -17.78
C GLY B 516 -21.84 -15.31 -17.28
N TYR B 517 -21.40 -15.21 -16.03
CA TYR B 517 -21.09 -13.95 -15.38
C TYR B 517 -19.84 -13.30 -15.96
N GLY B 518 -18.85 -14.13 -16.28
CA GLY B 518 -17.52 -13.68 -16.64
C GLY B 518 -17.39 -12.63 -17.73
N LEU B 519 -17.94 -12.91 -18.91
CA LEU B 519 -17.78 -12.00 -20.04
C LEU B 519 -18.52 -10.67 -19.85
N PRO B 520 -19.83 -10.69 -19.56
CA PRO B 520 -20.48 -9.39 -19.38
C PRO B 520 -19.94 -8.59 -18.19
N ALA B 521 -19.55 -9.26 -17.11
CA ALA B 521 -18.96 -8.54 -15.97
C ALA B 521 -17.66 -7.87 -16.38
N ALA B 522 -16.88 -8.55 -17.22
CA ALA B 522 -15.63 -8.00 -17.72
C ALA B 522 -15.87 -6.76 -18.57
N ILE B 523 -16.90 -6.81 -19.41
CA ILE B 523 -17.27 -5.69 -20.25
C ILE B 523 -17.67 -4.50 -19.38
N GLY B 524 -18.50 -4.75 -18.38
CA GLY B 524 -18.93 -3.71 -17.47
C GLY B 524 -17.78 -3.11 -16.70
N ALA B 525 -16.89 -3.97 -16.21
CA ALA B 525 -15.73 -3.52 -15.47
C ALA B 525 -14.79 -2.68 -16.35
N GLN B 526 -14.71 -3.02 -17.63
CA GLN B 526 -13.85 -2.30 -18.57
C GLN B 526 -14.40 -0.91 -18.84
N VAL B 527 -15.73 -0.80 -18.88
CA VAL B 527 -16.38 0.50 -19.04
C VAL B 527 -16.08 1.39 -17.83
N ALA B 528 -16.10 0.79 -16.65
CA ALA B 528 -15.80 1.50 -15.41
C ALA B 528 -14.35 1.96 -15.36
N LYS B 529 -13.46 1.12 -15.87
CA LYS B 529 -12.02 1.38 -15.81
C LYS B 529 -11.38 1.19 -17.18
N PRO B 530 -11.53 2.18 -18.07
CA PRO B 530 -11.08 2.10 -19.46
C PRO B 530 -9.59 1.83 -19.62
N GLU B 531 -8.79 2.19 -18.60
CA GLU B 531 -7.34 2.03 -18.70
C GLU B 531 -6.84 0.71 -18.10
N SER B 532 -7.70 0.02 -17.37
CA SER B 532 -7.31 -1.24 -16.74
C SER B 532 -7.20 -2.37 -17.75
N LEU B 533 -6.28 -3.29 -17.49
CA LEU B 533 -6.28 -4.57 -18.19
C LEU B 533 -7.33 -5.45 -17.54
N VAL B 534 -8.36 -5.80 -18.29
CA VAL B 534 -9.47 -6.57 -17.74
C VAL B 534 -9.50 -7.97 -18.34
N ILE B 535 -9.34 -8.97 -17.47
CA ILE B 535 -9.25 -10.35 -17.91
C ILE B 535 -10.42 -11.18 -17.38
N ASP B 536 -11.14 -11.82 -18.30
CA ASP B 536 -12.14 -12.80 -17.93
C ASP B 536 -11.53 -14.20 -17.95
N ILE B 537 -11.27 -14.75 -16.76
CA ILE B 537 -10.84 -16.13 -16.65
C ILE B 537 -12.08 -17.01 -16.58
N ASP B 538 -12.41 -17.66 -17.69
CA ASP B 538 -13.71 -18.31 -17.82
C ASP B 538 -13.60 -19.82 -18.03
N GLY B 539 -14.70 -20.53 -17.78
CA GLY B 539 -14.78 -21.94 -18.09
C GLY B 539 -15.50 -22.11 -19.40
N ASP B 540 -15.34 -23.26 -20.05
CA ASP B 540 -15.99 -23.48 -21.34
C ASP B 540 -17.51 -23.54 -21.21
N ALA B 541 -18.00 -24.22 -20.18
CA ALA B 541 -19.45 -24.32 -20.00
C ALA B 541 -20.05 -22.96 -19.61
N SER B 542 -19.39 -22.25 -18.69
CA SER B 542 -19.85 -20.92 -18.27
C SER B 542 -19.87 -19.94 -19.44
N PHE B 543 -18.83 -19.96 -20.26
CA PHE B 543 -18.71 -19.04 -21.37
C PHE B 543 -19.84 -19.23 -22.38
N ASN B 544 -20.24 -20.49 -22.58
CA ASN B 544 -21.33 -20.81 -23.49
C ASN B 544 -22.64 -20.12 -23.13
N MET B 545 -22.85 -19.87 -21.83
CA MET B 545 -24.10 -19.29 -21.36
C MET B 545 -24.37 -17.91 -21.95
N THR B 546 -23.33 -17.08 -22.05
CA THR B 546 -23.52 -15.70 -22.46
C THR B 546 -22.55 -15.23 -23.54
N LEU B 547 -22.03 -16.17 -24.33
CA LEU B 547 -21.01 -15.82 -25.32
C LEU B 547 -21.50 -14.85 -26.40
N THR B 548 -22.80 -14.66 -26.51
CA THR B 548 -23.34 -13.73 -27.51
C THR B 548 -22.89 -12.29 -27.25
N GLU B 549 -22.50 -12.00 -26.01
CA GLU B 549 -22.08 -10.64 -25.66
C GLU B 549 -20.68 -10.31 -26.18
N LEU B 550 -20.07 -11.24 -26.89
CA LEU B 550 -18.76 -11.03 -27.49
C LEU B 550 -18.84 -9.85 -28.49
N SER B 551 -19.90 -9.83 -29.29
CA SER B 551 -20.11 -8.74 -30.23
C SER B 551 -20.42 -7.43 -29.51
N SER B 552 -20.98 -7.53 -28.31
CA SER B 552 -21.27 -6.34 -27.50
C SER B 552 -19.98 -5.67 -27.05
N ALA B 553 -18.95 -6.46 -26.80
CA ALA B 553 -17.65 -5.94 -26.41
C ALA B 553 -17.04 -5.11 -27.55
N VAL B 554 -17.26 -5.57 -28.78
CA VAL B 554 -16.77 -4.86 -29.95
C VAL B 554 -17.52 -3.54 -30.13
N GLN B 555 -18.84 -3.58 -30.03
CA GLN B 555 -19.65 -2.38 -30.17
C GLN B 555 -19.37 -1.37 -29.06
N ALA B 556 -19.11 -1.86 -27.86
CA ALA B 556 -18.87 -0.97 -26.71
C ALA B 556 -17.44 -0.44 -26.67
N GLY B 557 -16.57 -1.00 -27.51
CA GLY B 557 -15.17 -0.58 -27.53
C GLY B 557 -14.42 -0.98 -26.28
N THR B 558 -14.82 -2.09 -25.67
CA THR B 558 -14.15 -2.62 -24.49
C THR B 558 -13.17 -3.73 -24.86
N PRO B 559 -11.86 -3.44 -24.77
CA PRO B 559 -10.82 -4.40 -25.18
C PRO B 559 -10.58 -5.49 -24.13
N VAL B 560 -11.64 -6.21 -23.77
CA VAL B 560 -11.53 -7.24 -22.75
C VAL B 560 -10.68 -8.42 -23.21
N LYS B 561 -9.98 -9.03 -22.26
CA LYS B 561 -9.15 -10.19 -22.52
C LYS B 561 -9.88 -11.44 -22.02
N ILE B 562 -10.38 -12.24 -22.93
CA ILE B 562 -11.16 -13.43 -22.57
C ILE B 562 -10.30 -14.68 -22.58
N LEU B 563 -10.12 -15.29 -21.41
CA LEU B 563 -9.39 -16.54 -21.30
C LEU B 563 -10.34 -17.70 -21.03
N ILE B 564 -10.30 -18.72 -21.88
CA ILE B 564 -11.11 -19.91 -21.65
C ILE B 564 -10.24 -21.08 -21.25
N LEU B 565 -10.39 -21.55 -20.02
CA LEU B 565 -9.79 -22.80 -19.59
C LEU B 565 -10.70 -23.94 -20.02
N ASN B 566 -10.43 -24.49 -21.20
CA ASN B 566 -11.30 -25.48 -21.81
C ASN B 566 -10.93 -26.89 -21.41
N ASN B 567 -11.74 -27.48 -20.53
CA ASN B 567 -11.56 -28.88 -20.16
C ASN B 567 -12.68 -29.72 -20.75
N GLU B 568 -13.44 -29.10 -21.65
CA GLU B 568 -14.53 -29.75 -22.37
C GLU B 568 -15.51 -30.46 -21.44
N GLU B 569 -15.77 -29.83 -20.30
CA GLU B 569 -16.65 -30.39 -19.28
C GLU B 569 -17.17 -29.31 -18.35
N GLN B 570 -18.27 -29.62 -17.67
CA GLN B 570 -18.67 -28.85 -16.50
C GLN B 570 -17.88 -29.41 -15.33
N GLY B 571 -16.66 -28.91 -15.19
CA GLY B 571 -15.65 -29.53 -14.33
C GLY B 571 -16.00 -29.63 -12.86
N MET B 572 -16.63 -28.60 -12.32
CA MET B 572 -16.98 -28.59 -10.91
C MET B 572 -18.02 -29.68 -10.62
N VAL B 573 -18.93 -29.89 -11.57
CA VAL B 573 -19.95 -30.91 -11.42
C VAL B 573 -19.38 -32.31 -11.61
N THR B 574 -18.46 -32.47 -12.57
CA THR B 574 -17.82 -33.76 -12.76
C THR B 574 -16.99 -34.12 -11.53
N GLN B 575 -16.41 -33.11 -10.89
CA GLN B 575 -15.64 -33.33 -9.67
C GLN B 575 -16.52 -33.94 -8.58
N TRP B 576 -17.72 -33.40 -8.43
CA TRP B 576 -18.65 -33.89 -7.43
C TRP B 576 -19.17 -35.27 -7.84
N GLN B 577 -19.34 -35.47 -9.14
CA GLN B 577 -19.79 -36.75 -9.65
C GLN B 577 -18.71 -37.82 -9.48
N SER B 578 -17.45 -37.42 -9.61
CA SER B 578 -16.33 -38.33 -9.39
C SER B 578 -16.26 -38.75 -7.92
N LEU B 579 -16.48 -37.79 -7.03
CA LEU B 579 -16.33 -38.03 -5.59
C LEU B 579 -17.52 -38.76 -4.97
N PHE B 580 -18.73 -38.36 -5.33
CA PHE B 580 -19.90 -38.82 -4.58
C PHE B 580 -20.84 -39.72 -5.39
N TYR B 581 -20.63 -39.79 -6.70
CA TYR B 581 -21.52 -40.57 -7.53
C TYR B 581 -20.74 -41.53 -8.42
N GLU B 582 -19.58 -41.96 -7.91
CA GLU B 582 -18.79 -43.02 -8.53
C GLU B 582 -18.56 -42.84 -10.02
N HIS B 583 -18.15 -41.63 -10.39
CA HIS B 583 -17.78 -41.31 -11.77
C HIS B 583 -18.92 -41.52 -12.77
N ARG B 584 -20.15 -41.35 -12.29
CA ARG B 584 -21.31 -41.32 -13.18
C ARG B 584 -21.53 -39.90 -13.66
N TYR B 585 -21.03 -39.59 -14.86
CA TYR B 585 -21.10 -38.24 -15.37
C TYR B 585 -22.39 -38.02 -16.16
N SER B 586 -23.42 -37.55 -15.45
CA SER B 586 -24.74 -37.39 -16.04
C SER B 586 -24.93 -36.00 -16.64
N HIS B 587 -24.89 -35.94 -17.98
CA HIS B 587 -25.19 -34.73 -18.75
C HIS B 587 -24.32 -33.54 -18.37
N THR B 588 -23.03 -33.79 -18.18
CA THR B 588 -22.11 -32.75 -17.75
C THR B 588 -21.05 -32.46 -18.79
N HIS B 589 -21.30 -32.90 -20.02
CA HIS B 589 -20.39 -32.62 -21.14
C HIS B 589 -21.13 -31.98 -22.30
N GLN B 590 -21.09 -30.65 -22.36
CA GLN B 590 -21.72 -29.91 -23.44
C GLN B 590 -20.79 -29.83 -24.65
N LEU B 591 -21.38 -29.88 -25.84
CA LEU B 591 -20.60 -29.77 -27.07
C LEU B 591 -20.20 -28.33 -27.32
N ASN B 592 -18.91 -28.04 -27.23
CA ASN B 592 -18.42 -26.67 -27.42
C ASN B 592 -18.32 -26.30 -28.90
N PRO B 593 -18.51 -25.00 -29.19
CA PRO B 593 -18.24 -24.50 -30.53
C PRO B 593 -16.73 -24.30 -30.72
N ASP B 594 -16.30 -24.05 -31.95
CA ASP B 594 -14.92 -23.60 -32.18
C ASP B 594 -14.82 -22.17 -31.65
N PHE B 595 -14.20 -22.02 -30.48
CA PHE B 595 -14.13 -20.72 -29.81
C PHE B 595 -13.34 -19.67 -30.61
N ILE B 596 -12.36 -20.13 -31.38
CA ILE B 596 -11.51 -19.22 -32.15
C ILE B 596 -12.28 -18.67 -33.35
N LYS B 597 -13.00 -19.54 -34.05
CA LYS B 597 -13.82 -19.12 -35.17
C LYS B 597 -15.00 -18.30 -34.66
N LEU B 598 -15.45 -18.61 -33.45
CA LEU B 598 -16.51 -17.83 -32.81
C LEU B 598 -16.04 -16.39 -32.59
N ALA B 599 -14.89 -16.26 -31.92
CA ALA B 599 -14.28 -14.96 -31.66
C ALA B 599 -14.16 -14.11 -32.93
N GLU B 600 -13.64 -14.72 -33.98
CA GLU B 600 -13.43 -14.00 -35.23
C GLU B 600 -14.75 -13.62 -35.88
N ALA B 601 -15.75 -14.48 -35.74
CA ALA B 601 -17.09 -14.18 -36.24
C ALA B 601 -17.70 -13.00 -35.50
N MET B 602 -17.35 -12.86 -34.24
CA MET B 602 -17.87 -11.78 -33.39
C MET B 602 -17.07 -10.50 -33.53
N GLY B 603 -15.95 -10.56 -34.25
CA GLY B 603 -15.14 -9.38 -34.50
C GLY B 603 -13.93 -9.21 -33.60
N LEU B 604 -13.56 -10.28 -32.89
CA LEU B 604 -12.40 -10.27 -32.01
C LEU B 604 -11.25 -11.10 -32.58
N LYS B 605 -10.04 -10.84 -32.11
CA LYS B 605 -8.93 -11.75 -32.38
C LYS B 605 -9.12 -13.02 -31.54
N GLY B 606 -8.81 -14.16 -32.14
CA GLY B 606 -8.91 -15.43 -31.44
C GLY B 606 -7.57 -16.16 -31.44
N LEU B 607 -7.18 -16.64 -30.27
CA LEU B 607 -5.93 -17.39 -30.11
C LEU B 607 -6.19 -18.71 -29.41
N ARG B 608 -5.40 -19.73 -29.77
CA ARG B 608 -5.53 -21.03 -29.13
C ARG B 608 -4.17 -21.59 -28.72
N VAL B 609 -4.11 -22.18 -27.53
CA VAL B 609 -2.95 -22.94 -27.08
C VAL B 609 -3.31 -24.39 -26.82
N LYS B 610 -2.57 -25.29 -27.46
CA LYS B 610 -2.75 -26.72 -27.22
C LYS B 610 -1.56 -27.29 -26.46
N LYS B 611 -0.36 -26.85 -26.83
CA LYS B 611 0.88 -27.42 -26.31
C LYS B 611 1.50 -26.58 -25.21
N GLN B 612 2.24 -27.23 -24.31
CA GLN B 612 2.94 -26.56 -23.23
C GLN B 612 3.93 -25.53 -23.76
N GLU B 613 4.60 -25.86 -24.86
CA GLU B 613 5.62 -25.00 -25.45
C GLU B 613 5.05 -23.71 -26.04
N GLU B 614 3.75 -23.69 -26.30
CA GLU B 614 3.10 -22.52 -26.89
C GLU B 614 2.59 -21.53 -25.84
N LEU B 615 2.47 -21.98 -24.60
CA LEU B 615 1.71 -21.25 -23.58
C LEU B 615 2.29 -19.87 -23.25
N ASP B 616 3.58 -19.81 -22.95
CA ASP B 616 4.22 -18.55 -22.56
C ASP B 616 4.08 -17.46 -23.61
N ALA B 617 4.42 -17.79 -24.85
CA ALA B 617 4.36 -16.82 -25.94
C ALA B 617 2.94 -16.33 -26.17
N LYS B 618 1.99 -17.24 -26.11
CA LYS B 618 0.59 -16.90 -26.37
C LYS B 618 -0.03 -16.07 -25.25
N LEU B 619 0.37 -16.33 -24.02
CA LEU B 619 -0.12 -15.55 -22.89
C LEU B 619 0.33 -14.10 -23.02
N LYS B 620 1.57 -13.92 -23.49
CA LYS B 620 2.11 -12.57 -23.67
C LYS B 620 1.43 -11.87 -24.82
N GLU B 621 1.17 -12.59 -25.90
CA GLU B 621 0.44 -12.02 -27.04
C GLU B 621 -0.96 -11.63 -26.62
N PHE B 622 -1.60 -12.52 -25.86
CA PHE B 622 -2.93 -12.30 -25.29
C PHE B 622 -3.03 -10.96 -24.57
N VAL B 623 -2.11 -10.74 -23.64
CA VAL B 623 -2.10 -9.54 -22.80
C VAL B 623 -1.66 -8.29 -23.57
N SER B 624 -0.76 -8.48 -24.54
CA SER B 624 -0.19 -7.38 -25.31
C SER B 624 -1.10 -6.89 -26.43
N THR B 625 -2.13 -7.67 -26.72
CA THR B 625 -3.06 -7.31 -27.79
C THR B 625 -3.83 -6.04 -27.43
N LYS B 626 -3.96 -5.14 -28.40
CA LYS B 626 -4.59 -3.84 -28.15
C LYS B 626 -6.10 -3.95 -27.99
N GLY B 627 -6.77 -4.62 -28.94
CA GLY B 627 -8.21 -4.72 -28.90
C GLY B 627 -8.71 -5.86 -28.03
N PRO B 628 -10.00 -6.20 -28.15
CA PRO B 628 -10.54 -7.36 -27.45
C PRO B 628 -9.99 -8.65 -28.08
N VAL B 629 -9.72 -9.65 -27.25
CA VAL B 629 -9.11 -10.87 -27.74
C VAL B 629 -9.57 -12.06 -26.90
N LEU B 630 -9.78 -13.20 -27.56
CA LEU B 630 -10.10 -14.44 -26.87
C LEU B 630 -8.94 -15.42 -26.99
N LEU B 631 -8.52 -15.97 -25.86
CA LEU B 631 -7.52 -17.02 -25.83
C LEU B 631 -8.10 -18.28 -25.21
N GLU B 632 -8.22 -19.33 -26.02
CA GLU B 632 -8.58 -20.64 -25.50
C GLU B 632 -7.33 -21.42 -25.13
N VAL B 633 -7.27 -21.90 -23.89
CA VAL B 633 -6.22 -22.84 -23.50
C VAL B 633 -6.84 -24.20 -23.26
N GLU B 634 -6.42 -25.19 -24.03
CA GLU B 634 -6.84 -26.57 -23.79
C GLU B 634 -6.16 -27.05 -22.51
N VAL B 635 -6.95 -27.46 -21.53
CA VAL B 635 -6.41 -27.87 -20.25
C VAL B 635 -6.82 -29.29 -19.92
N ASP B 636 -6.12 -29.91 -18.98
CA ASP B 636 -6.36 -31.29 -18.63
C ASP B 636 -7.76 -31.47 -18.04
N LYS B 637 -8.26 -32.70 -18.11
CA LYS B 637 -9.65 -32.98 -17.73
C LYS B 637 -9.75 -33.82 -16.45
N LYS B 638 -10.90 -33.75 -15.80
CA LYS B 638 -11.18 -34.54 -14.60
C LYS B 638 -10.12 -34.32 -13.53
N VAL B 639 -9.77 -33.05 -13.34
CA VAL B 639 -8.81 -32.62 -12.34
C VAL B 639 -9.53 -31.96 -11.18
N PRO B 640 -9.53 -32.59 -10.00
CA PRO B 640 -10.24 -31.99 -8.87
C PRO B 640 -9.56 -30.73 -8.32
N VAL B 641 -10.37 -29.77 -7.90
CA VAL B 641 -9.88 -28.63 -7.14
C VAL B 641 -9.61 -29.07 -5.71
N LEU B 642 -8.38 -28.87 -5.26
CA LEU B 642 -7.98 -29.24 -3.91
C LEU B 642 -7.19 -28.09 -3.29
N PRO B 643 -7.25 -27.93 -1.96
CA PRO B 643 -7.96 -28.74 -0.95
C PRO B 643 -9.47 -28.64 -1.04
N MET B 644 -10.17 -29.59 -0.42
CA MET B 644 -11.62 -29.58 -0.43
C MET B 644 -12.23 -30.02 0.90
N VAL B 645 -13.09 -29.17 1.44
CA VAL B 645 -13.88 -29.52 2.62
C VAL B 645 -15.32 -29.77 2.19
N ALA B 646 -15.76 -31.03 2.29
CA ALA B 646 -17.12 -31.38 1.90
C ALA B 646 -17.71 -32.44 2.83
N GLY B 647 -19.01 -32.66 2.72
CA GLY B 647 -19.70 -33.57 3.61
C GLY B 647 -19.81 -32.98 5.00
N GLY B 648 -19.59 -33.80 6.02
CA GLY B 648 -19.66 -33.33 7.39
C GLY B 648 -18.31 -32.95 7.94
N SER B 649 -17.34 -32.76 7.05
CA SER B 649 -15.97 -32.43 7.44
C SER B 649 -15.87 -31.02 8.03
N GLY B 650 -14.99 -30.86 9.01
CA GLY B 650 -14.66 -29.55 9.52
C GLY B 650 -13.62 -28.91 8.63
N LEU B 651 -13.30 -27.65 8.89
CA LEU B 651 -12.33 -26.92 8.07
C LEU B 651 -10.95 -27.56 8.09
N ASP B 652 -10.61 -28.24 9.17
CA ASP B 652 -9.30 -28.86 9.30
C ASP B 652 -9.32 -30.33 8.88
N GLU B 653 -10.47 -30.79 8.39
CA GLU B 653 -10.59 -32.15 7.88
C GLU B 653 -10.68 -32.15 6.36
N PHE B 654 -9.83 -31.35 5.74
CA PHE B 654 -9.82 -31.17 4.29
C PHE B 654 -9.18 -32.35 3.56
N ILE B 655 -9.62 -32.58 2.32
CA ILE B 655 -8.93 -33.48 1.42
C ILE B 655 -7.75 -32.73 0.79
N ASN B 656 -6.57 -33.32 0.85
CA ASN B 656 -5.38 -32.70 0.30
C ASN B 656 -4.92 -33.40 -0.98
N PHE B 657 -4.16 -32.70 -1.81
CA PHE B 657 -3.63 -33.30 -3.04
C PHE B 657 -2.68 -34.44 -2.73
N ASP B 658 -2.83 -35.53 -3.47
CA ASP B 658 -1.99 -36.71 -3.34
C ASP B 658 -1.79 -37.30 -4.72
N PRO B 659 -0.57 -37.21 -5.27
CA PRO B 659 -0.27 -37.67 -6.63
C PRO B 659 -0.59 -39.15 -6.85
N GLU B 660 -0.33 -39.99 -5.85
CA GLU B 660 -0.64 -41.40 -5.96
C GLU B 660 -2.15 -41.61 -6.05
N VAL B 661 -2.90 -40.88 -5.22
CA VAL B 661 -4.34 -40.96 -5.22
C VAL B 661 -4.93 -40.54 -6.57
N GLU B 662 -4.41 -39.46 -7.14
CA GLU B 662 -4.89 -38.99 -8.43
C GLU B 662 -4.67 -40.04 -9.53
N ARG B 663 -3.54 -40.74 -9.47
CA ARG B 663 -3.26 -41.80 -10.43
C ARG B 663 -4.22 -42.98 -10.27
N GLN B 664 -4.53 -43.32 -9.03
CA GLN B 664 -5.50 -44.36 -8.74
C GLN B 664 -6.88 -43.95 -9.26
N GLN B 665 -7.24 -42.69 -9.03
CA GLN B 665 -8.51 -42.15 -9.46
C GLN B 665 -8.66 -42.20 -10.98
N THR B 666 -7.58 -41.87 -11.68
CA THR B 666 -7.55 -41.89 -13.13
C THR B 666 -7.84 -43.29 -13.66
N GLU B 667 -7.21 -44.30 -13.06
CA GLU B 667 -7.41 -45.68 -13.48
C GLU B 667 -8.82 -46.15 -13.16
N LEU B 668 -9.29 -45.80 -11.97
CA LEU B 668 -10.65 -46.14 -11.55
C LEU B 668 -11.66 -45.51 -12.50
N ARG B 669 -11.45 -44.25 -12.83
CA ARG B 669 -12.34 -43.53 -13.74
C ARG B 669 -12.38 -44.16 -15.12
N HIS B 670 -11.21 -44.53 -15.64
CA HIS B 670 -11.12 -45.16 -16.96
C HIS B 670 -11.93 -46.44 -17.00
N LYS B 671 -11.85 -47.22 -15.93
CA LYS B 671 -12.57 -48.49 -15.83
C LYS B 671 -14.08 -48.27 -15.75
N ARG B 672 -14.51 -47.41 -14.82
CA ARG B 672 -15.93 -47.18 -14.61
C ARG B 672 -16.63 -46.52 -15.80
N THR B 673 -15.91 -45.67 -16.55
CA THR B 673 -16.52 -45.04 -17.70
C THR B 673 -16.27 -45.82 -19.00
N GLY B 674 -15.65 -46.98 -18.88
CA GLY B 674 -15.30 -47.78 -20.04
C GLY B 674 -14.45 -46.98 -21.01
N GLY B 675 -13.45 -46.29 -20.49
CA GLY B 675 -12.52 -45.54 -21.31
C GLY B 675 -13.03 -44.22 -21.86
N LYS B 676 -14.28 -43.88 -21.54
CA LYS B 676 -14.87 -42.64 -22.04
C LYS B 676 -14.19 -41.41 -21.43
N HIS B 677 -13.81 -41.52 -20.16
CA HIS B 677 -13.17 -40.42 -19.45
C HIS B 677 -12.02 -40.91 -18.58
N ASP C 74 -55.30 -48.92 1.36
CA ASP C 74 -54.49 -49.34 0.22
C ASP C 74 -53.19 -48.55 0.15
N MET C 75 -52.07 -49.25 -0.01
CA MET C 75 -50.76 -48.61 -0.09
C MET C 75 -49.94 -49.20 -1.23
N ASP C 76 -48.93 -48.45 -1.67
CA ASP C 76 -48.04 -48.90 -2.74
C ASP C 76 -46.61 -49.03 -2.21
N THR C 77 -45.94 -50.12 -2.55
CA THR C 77 -44.59 -50.36 -2.08
C THR C 77 -43.58 -50.44 -3.22
N SER C 78 -44.02 -50.08 -4.43
CA SER C 78 -43.17 -50.21 -5.61
C SER C 78 -41.98 -49.24 -5.56
N PHE C 79 -42.11 -48.16 -4.81
CA PHE C 79 -41.06 -47.16 -4.72
C PHE C 79 -40.19 -47.31 -3.48
N VAL C 80 -40.55 -48.24 -2.61
CA VAL C 80 -39.82 -48.44 -1.36
C VAL C 80 -38.38 -48.89 -1.61
N GLY C 81 -37.43 -48.13 -1.09
CA GLY C 81 -36.02 -48.42 -1.27
C GLY C 81 -35.37 -47.52 -2.30
N LEU C 82 -36.20 -46.79 -3.05
CA LEU C 82 -35.70 -45.88 -4.05
C LEU C 82 -35.41 -44.50 -3.47
N THR C 83 -34.43 -43.81 -4.02
CA THR C 83 -34.20 -42.42 -3.65
C THR C 83 -35.24 -41.55 -4.35
N GLY C 84 -35.42 -40.33 -3.86
CA GLY C 84 -36.33 -39.39 -4.48
C GLY C 84 -36.03 -39.19 -5.95
N GLY C 85 -34.75 -39.17 -6.28
CA GLY C 85 -34.32 -39.04 -7.66
C GLY C 85 -34.75 -40.24 -8.50
N GLN C 86 -34.63 -41.43 -7.93
CA GLN C 86 -35.00 -42.65 -8.64
C GLN C 86 -36.51 -42.73 -8.84
N ILE C 87 -37.25 -42.17 -7.87
CA ILE C 87 -38.69 -42.08 -7.97
C ILE C 87 -39.08 -41.13 -9.09
N PHE C 88 -38.37 -40.00 -9.20
CA PHE C 88 -38.55 -39.05 -10.28
C PHE C 88 -38.43 -39.73 -11.63
N ASN C 89 -37.33 -40.47 -11.79
CA ASN C 89 -37.06 -41.22 -13.02
C ASN C 89 -38.22 -42.15 -13.39
N GLU C 90 -38.76 -42.85 -12.40
CA GLU C 90 -39.90 -43.73 -12.62
C GLU C 90 -41.17 -42.97 -12.97
N MET C 91 -41.37 -41.83 -12.33
CA MET C 91 -42.59 -41.03 -12.53
C MET C 91 -42.65 -40.41 -13.92
N MET C 92 -41.48 -40.10 -14.48
CA MET C 92 -41.41 -39.61 -15.86
C MET C 92 -42.01 -40.65 -16.80
N SER C 93 -41.66 -41.91 -16.55
CA SER C 93 -42.17 -43.01 -17.36
CA SER C 93 -42.17 -43.01 -17.36
C SER C 93 -43.68 -43.18 -17.19
N ARG C 94 -44.15 -42.99 -15.96
CA ARG C 94 -45.57 -43.12 -15.67
C ARG C 94 -46.38 -41.98 -16.29
N GLN C 95 -45.75 -40.82 -16.42
CA GLN C 95 -46.39 -39.67 -17.05
C GLN C 95 -46.14 -39.68 -18.55
N ASN C 96 -45.60 -40.78 -19.05
CA ASN C 96 -45.28 -40.96 -20.46
C ASN C 96 -44.46 -39.80 -21.02
N VAL C 97 -43.46 -39.38 -20.26
CA VAL C 97 -42.50 -38.39 -20.73
C VAL C 97 -41.46 -39.09 -21.60
N ASP C 98 -41.20 -38.55 -22.79
CA ASP C 98 -40.18 -39.15 -23.65
C ASP C 98 -39.01 -38.21 -23.87
N THR C 99 -39.12 -36.99 -23.35
CA THR C 99 -38.05 -36.01 -23.52
C THR C 99 -37.94 -35.10 -22.31
N VAL C 100 -36.73 -34.92 -21.80
CA VAL C 100 -36.46 -33.97 -20.72
C VAL C 100 -35.41 -32.96 -21.16
N PHE C 101 -35.73 -31.68 -21.02
CA PHE C 101 -34.79 -30.60 -21.30
C PHE C 101 -34.22 -30.07 -19.99
N GLY C 102 -32.90 -29.96 -19.88
CA GLY C 102 -32.33 -29.48 -18.64
C GLY C 102 -30.83 -29.29 -18.58
N TYR C 103 -30.37 -28.81 -17.43
CA TYR C 103 -28.98 -28.52 -17.16
C TYR C 103 -28.70 -28.84 -15.70
N PRO C 104 -27.62 -29.58 -15.43
CA PRO C 104 -27.34 -30.03 -14.05
C PRO C 104 -26.72 -28.95 -13.16
N GLY C 105 -26.56 -29.29 -11.88
CA GLY C 105 -25.98 -28.40 -10.89
C GLY C 105 -26.07 -29.05 -9.51
N GLY C 106 -25.42 -28.44 -8.53
CA GLY C 106 -25.30 -28.99 -7.19
C GLY C 106 -26.57 -29.50 -6.54
N ALA C 107 -27.61 -28.68 -6.51
CA ALA C 107 -28.83 -29.02 -5.79
C ALA C 107 -29.62 -30.14 -6.44
N ILE C 108 -29.49 -30.28 -7.75
CA ILE C 108 -30.31 -31.21 -8.51
C ILE C 108 -29.55 -32.50 -8.85
N LEU C 109 -28.33 -32.59 -8.35
CA LEU C 109 -27.46 -33.72 -8.54
C LEU C 109 -28.03 -35.08 -8.20
N PRO C 110 -28.73 -35.22 -7.10
CA PRO C 110 -29.30 -36.55 -6.80
C PRO C 110 -30.27 -37.06 -7.88
N VAL C 111 -30.96 -36.13 -8.54
CA VAL C 111 -31.86 -36.51 -9.61
C VAL C 111 -31.08 -36.90 -10.86
N TYR C 112 -30.06 -36.12 -11.18
CA TYR C 112 -29.26 -36.41 -12.38
C TYR C 112 -28.52 -37.73 -12.25
N ASP C 113 -28.15 -38.09 -11.03
CA ASP C 113 -27.53 -39.38 -10.81
C ASP C 113 -28.50 -40.51 -11.10
N ALA C 114 -29.77 -40.27 -10.77
CA ALA C 114 -30.79 -41.29 -10.94
C ALA C 114 -31.25 -41.43 -12.39
N ILE C 115 -31.18 -40.35 -13.15
CA ILE C 115 -31.57 -40.40 -14.55
C ILE C 115 -30.38 -40.67 -15.46
N HIS C 116 -29.22 -40.93 -14.87
CA HIS C 116 -28.01 -41.24 -15.62
C HIS C 116 -28.22 -42.45 -16.52
N ASN C 117 -28.05 -42.23 -17.82
CA ASN C 117 -28.27 -43.25 -18.84
C ASN C 117 -29.66 -43.87 -18.80
N SER C 118 -30.66 -43.08 -18.43
CA SER C 118 -32.02 -43.58 -18.34
C SER C 118 -32.55 -43.96 -19.72
N ASP C 119 -33.27 -45.08 -19.77
CA ASP C 119 -33.86 -45.55 -21.01
C ASP C 119 -35.31 -45.11 -21.12
N LYS C 120 -35.76 -44.31 -20.16
CA LYS C 120 -37.16 -43.93 -20.08
C LYS C 120 -37.48 -42.68 -20.88
N PHE C 121 -36.46 -41.90 -21.19
CA PHE C 121 -36.64 -40.69 -21.98
C PHE C 121 -35.33 -40.20 -22.58
N ASN C 122 -35.42 -39.39 -23.63
CA ASN C 122 -34.27 -38.71 -24.19
C ASN C 122 -34.00 -37.42 -23.42
N PHE C 123 -32.73 -37.07 -23.25
CA PHE C 123 -32.37 -35.84 -22.57
C PHE C 123 -31.74 -34.86 -23.56
N VAL C 124 -32.17 -33.61 -23.49
CA VAL C 124 -31.62 -32.57 -24.34
C VAL C 124 -30.88 -31.52 -23.52
N LEU C 125 -29.60 -31.33 -23.83
CA LEU C 125 -28.75 -30.41 -23.08
C LEU C 125 -28.50 -29.11 -23.85
N PRO C 126 -29.03 -27.99 -23.35
CA PRO C 126 -28.80 -26.67 -23.96
C PRO C 126 -27.52 -26.06 -23.43
N LYS C 127 -27.26 -24.80 -23.79
CA LYS C 127 -26.11 -24.10 -23.23
C LYS C 127 -26.54 -23.17 -22.10
N HIS C 128 -27.84 -22.92 -22.02
CA HIS C 128 -28.43 -21.97 -21.07
C HIS C 128 -29.81 -22.49 -20.66
N GLU C 129 -30.18 -22.30 -19.40
CA GLU C 129 -31.47 -22.79 -18.92
C GLU C 129 -32.65 -22.15 -19.64
N GLN C 130 -32.48 -20.91 -20.09
CA GLN C 130 -33.52 -20.26 -20.90
C GLN C 130 -33.75 -21.09 -22.15
N GLY C 131 -32.66 -21.62 -22.71
CA GLY C 131 -32.74 -22.49 -23.88
C GLY C 131 -33.62 -23.69 -23.60
N ALA C 132 -33.33 -24.39 -22.49
CA ALA C 132 -34.12 -25.54 -22.07
C ALA C 132 -35.60 -25.21 -21.97
N GLY C 133 -35.91 -24.06 -21.39
CA GLY C 133 -37.29 -23.64 -21.22
C GLY C 133 -38.00 -23.42 -22.54
N HIS C 134 -37.37 -22.68 -23.43
CA HIS C 134 -37.96 -22.39 -24.74
C HIS C 134 -38.02 -23.64 -25.62
N MET C 135 -37.05 -24.55 -25.43
CA MET C 135 -37.09 -25.82 -26.14
C MET C 135 -38.29 -26.63 -25.70
N ALA C 136 -38.57 -26.62 -24.39
CA ALA C 136 -39.70 -27.34 -23.84
C ALA C 136 -41.02 -26.77 -24.38
N GLU C 137 -41.05 -25.46 -24.57
CA GLU C 137 -42.22 -24.80 -25.14
C GLU C 137 -42.45 -25.22 -26.58
N GLY C 138 -41.40 -25.16 -27.39
CA GLY C 138 -41.46 -25.58 -28.77
C GLY C 138 -41.85 -27.04 -28.88
N TYR C 139 -41.30 -27.85 -27.98
CA TYR C 139 -41.62 -29.27 -27.93
C TYR C 139 -43.10 -29.46 -27.63
N ALA C 140 -43.60 -28.73 -26.63
CA ALA C 140 -44.99 -28.86 -26.20
C ALA C 140 -45.97 -28.46 -27.31
N ARG C 141 -45.63 -27.39 -28.02
CA ARG C 141 -46.50 -26.88 -29.06
C ARG C 141 -46.57 -27.79 -30.28
N ALA C 142 -45.51 -28.55 -30.52
CA ALA C 142 -45.45 -29.43 -31.69
C ALA C 142 -46.00 -30.82 -31.38
N SER C 143 -45.88 -31.24 -30.13
CA SER C 143 -46.25 -32.61 -29.74
C SER C 143 -47.63 -32.71 -29.10
N GLY C 144 -48.04 -31.67 -28.39
CA GLY C 144 -49.29 -31.72 -27.65
C GLY C 144 -49.08 -32.30 -26.27
N LYS C 145 -47.82 -32.56 -25.94
CA LYS C 145 -47.44 -33.10 -24.64
C LYS C 145 -46.79 -32.01 -23.81
N PRO C 146 -46.82 -32.13 -22.48
CA PRO C 146 -46.17 -31.10 -21.67
C PRO C 146 -44.65 -31.12 -21.84
N GLY C 147 -44.02 -29.95 -21.85
CA GLY C 147 -42.58 -29.86 -21.90
C GLY C 147 -42.00 -29.99 -20.51
N VAL C 148 -40.98 -30.84 -20.35
CA VAL C 148 -40.41 -31.08 -19.03
C VAL C 148 -39.02 -30.47 -18.90
N VAL C 149 -38.86 -29.63 -17.87
CA VAL C 149 -37.60 -28.94 -17.62
C VAL C 149 -36.99 -29.39 -16.30
N LEU C 150 -35.68 -29.63 -16.31
CA LEU C 150 -34.97 -30.09 -15.11
C LEU C 150 -33.67 -29.31 -14.90
N VAL C 151 -33.70 -28.35 -13.98
CA VAL C 151 -32.53 -27.50 -13.75
C VAL C 151 -32.16 -27.46 -12.27
N THR C 152 -31.05 -26.80 -11.94
CA THR C 152 -30.57 -26.73 -10.57
C THR C 152 -31.14 -25.51 -9.85
N SER C 153 -30.72 -25.31 -8.60
CA SER C 153 -31.21 -24.19 -7.78
C SER C 153 -30.59 -22.86 -8.19
N GLY C 154 -30.96 -21.80 -7.48
CA GLY C 154 -30.39 -20.48 -7.69
C GLY C 154 -30.48 -20.00 -9.13
N PRO C 155 -29.32 -19.75 -9.76
CA PRO C 155 -29.25 -19.17 -11.11
C PRO C 155 -29.84 -20.10 -12.16
N GLY C 156 -29.83 -21.40 -11.90
CA GLY C 156 -30.45 -22.35 -12.79
C GLY C 156 -31.94 -22.13 -12.87
N ALA C 157 -32.54 -21.87 -11.70
CA ALA C 157 -33.98 -21.66 -11.61
C ALA C 157 -34.39 -20.26 -12.08
N THR C 158 -33.62 -19.24 -11.73
CA THR C 158 -33.96 -17.89 -12.15
C THR C 158 -33.83 -17.75 -13.66
N ASN C 159 -33.00 -18.59 -14.28
CA ASN C 159 -32.82 -18.54 -15.73
C ASN C 159 -34.00 -19.13 -16.51
N VAL C 160 -34.96 -19.75 -15.83
CA VAL C 160 -36.14 -20.29 -16.53
C VAL C 160 -37.39 -19.45 -16.26
N VAL C 161 -37.21 -18.29 -15.62
CA VAL C 161 -38.34 -17.41 -15.35
C VAL C 161 -38.95 -16.85 -16.63
N THR C 162 -38.12 -16.42 -17.58
CA THR C 162 -38.64 -15.88 -18.83
C THR C 162 -39.43 -16.93 -19.64
N PRO C 163 -38.92 -18.17 -19.78
CA PRO C 163 -39.75 -19.16 -20.46
C PRO C 163 -41.05 -19.48 -19.74
N MET C 164 -41.05 -19.46 -18.41
CA MET C 164 -42.27 -19.72 -17.66
C MET C 164 -43.28 -18.60 -17.89
N ALA C 165 -42.83 -17.36 -17.84
CA ALA C 165 -43.70 -16.21 -18.12
C ALA C 165 -44.22 -16.29 -19.55
N ASP C 166 -43.36 -16.76 -20.45
CA ASP C 166 -43.75 -16.93 -21.85
C ASP C 166 -44.84 -17.98 -21.97
N ALA C 167 -44.62 -19.13 -21.33
CA ALA C 167 -45.58 -20.23 -21.37
C ALA C 167 -46.87 -19.85 -20.67
N PHE C 168 -46.76 -19.01 -19.65
CA PHE C 168 -47.92 -18.54 -18.89
C PHE C 168 -48.77 -17.63 -19.77
N ALA C 169 -48.11 -16.77 -20.55
CA ALA C 169 -48.81 -15.83 -21.42
C ALA C 169 -49.52 -16.54 -22.57
N ASP C 170 -48.87 -17.52 -23.17
CA ASP C 170 -49.41 -18.20 -24.35
C ASP C 170 -50.14 -19.49 -24.02
N GLY C 171 -50.19 -19.84 -22.74
CA GLY C 171 -50.91 -21.03 -22.31
C GLY C 171 -50.29 -22.33 -22.80
N ILE C 172 -49.01 -22.51 -22.48
CA ILE C 172 -48.26 -23.68 -22.94
C ILE C 172 -47.97 -24.63 -21.77
N PRO C 173 -48.36 -25.90 -21.91
CA PRO C 173 -48.16 -26.89 -20.84
C PRO C 173 -46.68 -27.18 -20.60
N MET C 174 -46.20 -26.82 -19.41
CA MET C 174 -44.80 -27.02 -19.06
C MET C 174 -44.67 -27.40 -17.60
N VAL C 175 -43.90 -28.44 -17.32
CA VAL C 175 -43.64 -28.82 -15.94
C VAL C 175 -42.18 -28.56 -15.62
N VAL C 176 -41.93 -27.52 -14.81
CA VAL C 176 -40.58 -27.13 -14.48
C VAL C 176 -40.13 -27.69 -13.15
N PHE C 177 -39.08 -28.52 -13.19
CA PHE C 177 -38.48 -29.06 -11.99
C PHE C 177 -37.19 -28.32 -11.66
N THR C 178 -37.17 -27.65 -10.52
CA THR C 178 -35.99 -26.94 -10.09
C THR C 178 -35.41 -27.57 -8.83
N GLY C 179 -34.13 -27.88 -8.88
CA GLY C 179 -33.43 -28.31 -7.68
C GLY C 179 -33.47 -27.19 -6.68
N GLN C 180 -33.42 -27.54 -5.39
CA GLN C 180 -33.44 -26.55 -4.34
C GLN C 180 -32.40 -26.95 -3.30
N VAL C 181 -31.88 -25.97 -2.56
CA VAL C 181 -30.95 -26.25 -1.47
C VAL C 181 -31.61 -27.18 -0.45
N PRO C 182 -30.80 -27.89 0.36
CA PRO C 182 -31.38 -28.79 1.38
C PRO C 182 -32.35 -28.06 2.28
N THR C 183 -33.36 -28.79 2.79
CA THR C 183 -34.38 -28.18 3.64
C THR C 183 -33.79 -27.54 4.89
N SER C 184 -32.63 -28.03 5.31
CA SER C 184 -31.92 -27.48 6.46
C SER C 184 -31.24 -26.16 6.12
N ALA C 185 -31.25 -25.81 4.84
CA ALA C 185 -30.59 -24.59 4.38
C ALA C 185 -31.61 -23.56 3.90
N ILE C 186 -32.83 -24.01 3.65
CA ILE C 186 -33.86 -23.15 3.10
C ILE C 186 -34.24 -22.03 4.06
N GLY C 187 -34.18 -20.79 3.56
CA GLY C 187 -34.53 -19.63 4.35
C GLY C 187 -33.35 -19.06 5.13
N THR C 188 -32.15 -19.56 4.86
CA THR C 188 -30.96 -19.09 5.57
C THR C 188 -30.02 -18.28 4.68
N ASP C 189 -30.48 -17.93 3.48
CA ASP C 189 -29.66 -17.27 2.47
C ASP C 189 -28.44 -18.12 2.14
N ALA C 190 -28.71 -19.37 1.78
CA ALA C 190 -27.65 -20.32 1.51
C ALA C 190 -27.08 -20.17 0.11
N PHE C 191 -25.96 -20.84 -0.11
CA PHE C 191 -25.33 -20.94 -1.42
C PHE C 191 -26.35 -21.36 -2.47
N GLN C 192 -26.40 -20.60 -3.57
CA GLN C 192 -27.30 -20.87 -4.69
C GLN C 192 -28.76 -21.05 -4.29
N GLU C 193 -29.20 -20.29 -3.30
CA GLU C 193 -30.59 -20.32 -2.89
C GLU C 193 -31.37 -19.14 -3.47
N ALA C 194 -32.54 -19.43 -4.01
CA ALA C 194 -33.48 -18.41 -4.45
C ALA C 194 -34.88 -18.78 -3.97
N ASP C 195 -35.71 -17.78 -3.70
CA ASP C 195 -37.11 -18.04 -3.36
C ASP C 195 -37.88 -18.29 -4.66
N VAL C 196 -37.69 -19.48 -5.21
CA VAL C 196 -38.21 -19.83 -6.53
C VAL C 196 -39.73 -19.93 -6.53
N VAL C 197 -40.29 -20.43 -5.44
CA VAL C 197 -41.74 -20.53 -5.30
C VAL C 197 -42.38 -19.14 -5.29
N GLY C 198 -41.72 -18.19 -4.62
CA GLY C 198 -42.19 -16.82 -4.59
C GLY C 198 -41.99 -16.11 -5.91
N ILE C 199 -40.79 -16.25 -6.48
CA ILE C 199 -40.46 -15.63 -7.76
C ILE C 199 -41.43 -16.03 -8.87
N SER C 200 -41.72 -17.33 -8.95
CA SER C 200 -42.48 -17.88 -10.07
C SER C 200 -43.99 -17.94 -9.84
N ARG C 201 -44.46 -17.38 -8.73
CA ARG C 201 -45.87 -17.47 -8.39
C ARG C 201 -46.77 -16.83 -9.45
N SER C 202 -46.38 -15.67 -9.95
CA SER C 202 -47.22 -14.94 -10.91
C SER C 202 -47.05 -15.44 -12.34
N CYS C 203 -46.09 -16.32 -12.58
CA CYS C 203 -45.88 -16.84 -13.92
C CYS C 203 -46.00 -18.36 -13.98
N THR C 204 -46.73 -18.93 -13.02
CA THR C 204 -47.11 -20.34 -13.07
C THR C 204 -48.57 -20.48 -12.69
N LYS C 205 -49.23 -21.52 -13.21
CA LYS C 205 -50.60 -21.82 -12.80
C LYS C 205 -50.62 -22.27 -11.35
N TRP C 206 -49.50 -22.83 -10.91
CA TRP C 206 -49.39 -23.51 -9.63
C TRP C 206 -47.95 -23.91 -9.41
N ASN C 207 -47.45 -23.78 -8.20
CA ASN C 207 -46.14 -24.33 -7.87
C ASN C 207 -46.14 -24.91 -6.47
N VAL C 208 -45.07 -25.60 -6.12
CA VAL C 208 -45.00 -26.27 -4.83
C VAL C 208 -43.56 -26.63 -4.50
N MET C 209 -43.24 -26.66 -3.22
CA MET C 209 -41.98 -27.22 -2.77
C MET C 209 -42.23 -28.58 -2.13
N VAL C 210 -41.65 -29.62 -2.70
CA VAL C 210 -41.76 -30.96 -2.14
C VAL C 210 -40.96 -31.02 -0.85
N LYS C 211 -41.60 -31.43 0.24
CA LYS C 211 -40.98 -31.38 1.55
C LYS C 211 -40.54 -32.74 2.07
N SER C 212 -41.02 -33.80 1.41
CA SER C 212 -40.61 -35.15 1.78
C SER C 212 -40.66 -36.06 0.56
N VAL C 213 -39.87 -37.13 0.59
CA VAL C 213 -39.83 -38.07 -0.52
C VAL C 213 -41.18 -38.78 -0.64
N GLU C 214 -41.88 -38.90 0.49
CA GLU C 214 -43.20 -39.52 0.54
C GLU C 214 -44.22 -38.87 -0.39
N GLU C 215 -44.15 -37.54 -0.51
CA GLU C 215 -45.16 -36.80 -1.27
C GLU C 215 -44.68 -36.44 -2.67
N LEU C 216 -43.52 -36.94 -3.05
CA LEU C 216 -42.96 -36.64 -4.36
C LEU C 216 -43.82 -37.14 -5.54
N PRO C 217 -44.26 -38.42 -5.51
CA PRO C 217 -45.12 -38.85 -6.63
C PRO C 217 -46.42 -38.04 -6.72
N LEU C 218 -46.98 -37.69 -5.57
CA LEU C 218 -48.21 -36.92 -5.53
C LEU C 218 -48.06 -35.57 -6.23
N ARG C 219 -47.01 -34.84 -5.86
CA ARG C 219 -46.78 -33.51 -6.41
C ARG C 219 -46.50 -33.55 -7.90
N ILE C 220 -45.79 -34.59 -8.34
CA ILE C 220 -45.52 -34.76 -9.75
C ILE C 220 -46.81 -34.98 -10.53
N ASN C 221 -47.67 -35.88 -10.03
CA ASN C 221 -48.95 -36.14 -10.64
C ASN C 221 -49.86 -34.91 -10.66
N GLU C 222 -49.82 -34.15 -9.57
CA GLU C 222 -50.58 -32.91 -9.50
C GLU C 222 -50.08 -31.90 -10.52
N ALA C 223 -48.76 -31.81 -10.64
CA ALA C 223 -48.12 -30.89 -11.58
C ALA C 223 -48.56 -31.14 -13.01
N PHE C 224 -48.42 -32.39 -13.46
CA PHE C 224 -48.78 -32.74 -14.83
C PHE C 224 -50.26 -32.57 -15.11
N GLU C 225 -51.08 -32.85 -14.10
CA GLU C 225 -52.53 -32.71 -14.25
C GLU C 225 -52.94 -31.25 -14.40
N ILE C 226 -52.36 -30.39 -13.58
CA ILE C 226 -52.68 -28.97 -13.60
C ILE C 226 -52.17 -28.31 -14.87
N ALA C 227 -50.98 -28.70 -15.30
CA ALA C 227 -50.35 -28.10 -16.47
C ALA C 227 -51.15 -28.38 -17.75
N THR C 228 -51.91 -29.47 -17.76
CA THR C 228 -52.56 -29.93 -18.97
C THR C 228 -54.08 -29.86 -18.92
N SER C 229 -54.61 -29.26 -17.85
CA SER C 229 -56.06 -29.13 -17.71
C SER C 229 -56.47 -27.67 -17.74
N GLY C 230 -57.78 -27.42 -17.89
CA GLY C 230 -58.30 -26.08 -18.06
C GLY C 230 -57.61 -25.42 -19.24
N ARG C 231 -57.11 -24.21 -19.02
CA ARG C 231 -56.19 -23.61 -19.98
C ARG C 231 -54.79 -24.09 -19.65
N PRO C 232 -54.12 -24.75 -20.61
CA PRO C 232 -52.78 -25.28 -20.38
C PRO C 232 -51.82 -24.19 -19.92
N GLY C 233 -50.77 -24.58 -19.20
CA GLY C 233 -49.82 -23.60 -18.71
C GLY C 233 -48.70 -24.22 -17.90
N PRO C 234 -47.73 -23.39 -17.49
CA PRO C 234 -46.55 -23.83 -16.76
C PRO C 234 -46.80 -24.04 -15.27
N VAL C 235 -46.15 -25.05 -14.71
CA VAL C 235 -46.13 -25.28 -13.27
C VAL C 235 -44.70 -25.54 -12.82
N LEU C 236 -44.41 -25.26 -11.56
CA LEU C 236 -43.06 -25.46 -11.04
C LEU C 236 -43.05 -26.38 -9.82
N VAL C 237 -42.10 -27.31 -9.79
CA VAL C 237 -41.95 -28.18 -8.64
C VAL C 237 -40.54 -28.05 -8.08
N ASP C 238 -40.45 -27.53 -6.85
CA ASP C 238 -39.16 -27.28 -6.20
C ASP C 238 -38.69 -28.54 -5.49
N LEU C 239 -37.46 -28.96 -5.78
CA LEU C 239 -36.93 -30.23 -5.27
C LEU C 239 -35.69 -30.05 -4.41
N PRO C 240 -35.87 -29.94 -3.10
CA PRO C 240 -34.74 -29.84 -2.16
C PRO C 240 -33.81 -31.05 -2.28
N LYS C 241 -32.50 -30.79 -2.28
CA LYS C 241 -31.50 -31.82 -2.48
C LYS C 241 -31.64 -33.01 -1.52
N ASP C 242 -31.91 -32.73 -0.24
CA ASP C 242 -32.02 -33.79 0.74
C ASP C 242 -33.26 -34.64 0.52
N VAL C 243 -34.27 -34.06 -0.12
CA VAL C 243 -35.49 -34.79 -0.46
C VAL C 243 -35.22 -35.79 -1.60
N THR C 244 -34.56 -35.33 -2.65
CA THR C 244 -34.29 -36.17 -3.80
C THR C 244 -33.22 -37.22 -3.52
N ALA C 245 -32.38 -36.96 -2.52
CA ALA C 245 -31.36 -37.92 -2.11
C ALA C 245 -31.92 -38.94 -1.13
N ALA C 246 -32.98 -38.56 -0.42
CA ALA C 246 -33.58 -39.41 0.61
C ALA C 246 -34.17 -40.68 0.02
N ILE C 247 -34.18 -41.74 0.83
CA ILE C 247 -34.74 -43.03 0.41
C ILE C 247 -36.12 -43.23 1.01
N LEU C 248 -37.08 -43.60 0.17
CA LEU C 248 -38.43 -43.90 0.65
C LEU C 248 -38.42 -45.18 1.48
N ARG C 249 -38.81 -45.07 2.74
CA ARG C 249 -38.81 -46.22 3.65
C ARG C 249 -40.22 -46.77 3.86
N ASN C 250 -41.21 -45.91 3.67
CA ASN C 250 -42.59 -46.27 3.95
C ASN C 250 -43.47 -46.30 2.71
N PRO C 251 -44.44 -47.18 2.66
CA PRO C 251 -45.32 -47.25 1.52
C PRO C 251 -46.16 -46.01 1.43
N ILE C 252 -46.77 -45.78 0.29
CA ILE C 252 -47.57 -44.61 0.11
C ILE C 252 -48.92 -44.90 -0.53
N PRO C 253 -49.90 -43.98 -0.23
CA PRO C 253 -51.21 -44.26 -0.82
C PRO C 253 -51.24 -44.42 -2.32
N THR C 254 -51.51 -45.64 -2.77
CA THR C 254 -51.55 -45.96 -4.19
C THR C 254 -52.14 -44.88 -5.07
N LYS C 255 -53.21 -44.27 -4.61
CA LYS C 255 -53.86 -43.22 -5.37
C LYS C 255 -52.88 -42.12 -5.74
N THR C 256 -51.99 -41.77 -4.81
CA THR C 256 -51.03 -40.72 -5.06
C THR C 256 -49.95 -41.08 -6.06
N THR C 257 -49.81 -42.34 -6.43
CA THR C 257 -48.75 -42.69 -7.38
C THR C 257 -49.26 -42.86 -8.80
N LEU C 258 -50.57 -43.00 -8.95
CA LEU C 258 -51.12 -43.18 -10.29
C LEU C 258 -51.66 -41.90 -10.86
N PRO C 259 -51.16 -41.52 -12.02
CA PRO C 259 -51.64 -40.30 -12.65
C PRO C 259 -53.14 -40.09 -12.64
N ASP C 272 -74.10 -29.29 -15.58
CA ASP C 272 -73.54 -28.65 -16.75
C ASP C 272 -74.63 -28.09 -17.61
N GLU C 273 -75.82 -28.66 -17.46
CA GLU C 273 -77.04 -28.30 -18.17
C GLU C 273 -77.03 -26.84 -18.47
N PHE C 274 -76.51 -26.12 -17.49
CA PHE C 274 -76.36 -24.71 -17.57
C PHE C 274 -75.57 -24.35 -18.82
N VAL C 275 -74.71 -25.25 -19.25
CA VAL C 275 -73.91 -25.00 -20.42
C VAL C 275 -74.77 -25.25 -21.63
N MET C 276 -75.54 -26.32 -21.56
CA MET C 276 -76.45 -26.69 -22.61
C MET C 276 -77.41 -25.55 -22.86
N GLN C 277 -77.95 -24.99 -21.79
CA GLN C 277 -78.85 -23.87 -21.96
C GLN C 277 -78.10 -22.79 -22.69
N SER C 278 -76.81 -22.66 -22.41
CA SER C 278 -76.01 -21.64 -23.09
C SER C 278 -75.75 -22.02 -24.52
N ILE C 279 -75.57 -23.29 -24.75
CA ILE C 279 -75.33 -23.79 -26.08
C ILE C 279 -76.54 -23.59 -26.96
N ASN C 280 -77.73 -23.77 -26.40
CA ASN C 280 -78.95 -23.63 -27.15
C ASN C 280 -79.17 -22.18 -27.50
N LYS C 281 -78.93 -21.32 -26.53
CA LYS C 281 -79.12 -19.90 -26.75
C LYS C 281 -78.23 -19.37 -27.86
N ALA C 282 -77.00 -19.85 -27.90
CA ALA C 282 -75.99 -19.46 -28.86
C ALA C 282 -76.30 -20.02 -30.25
N ALA C 283 -76.86 -21.23 -30.29
CA ALA C 283 -77.26 -21.84 -31.56
C ALA C 283 -78.40 -21.04 -32.18
N ASP C 284 -79.30 -20.54 -31.35
CA ASP C 284 -80.41 -19.72 -31.80
C ASP C 284 -79.94 -18.41 -32.44
N LEU C 285 -78.94 -17.79 -31.83
CA LEU C 285 -78.44 -16.51 -32.30
C LEU C 285 -77.67 -16.71 -33.61
N ILE C 286 -76.89 -17.78 -33.68
CA ILE C 286 -76.12 -18.09 -34.88
C ILE C 286 -77.06 -18.24 -36.08
N ASN C 287 -78.19 -18.90 -35.87
CA ASN C 287 -79.17 -19.08 -36.93
C ASN C 287 -79.87 -17.77 -37.30
N LEU C 288 -79.72 -16.77 -36.44
CA LEU C 288 -80.32 -15.46 -36.66
C LEU C 288 -79.45 -14.55 -37.52
N ALA C 289 -78.14 -14.62 -37.30
CA ALA C 289 -77.18 -13.70 -37.89
C ALA C 289 -77.16 -13.72 -39.42
N LYS C 290 -76.94 -12.54 -40.02
CA LYS C 290 -76.87 -12.42 -41.47
C LYS C 290 -75.44 -12.15 -41.92
N LYS C 291 -74.65 -11.55 -41.03
CA LYS C 291 -73.24 -11.29 -41.31
C LYS C 291 -72.35 -11.80 -40.18
N PRO C 292 -72.25 -13.14 -40.03
CA PRO C 292 -71.50 -13.72 -38.92
C PRO C 292 -70.00 -13.79 -39.21
N VAL C 293 -69.19 -13.79 -38.16
CA VAL C 293 -67.75 -13.97 -38.29
C VAL C 293 -67.23 -14.89 -37.19
N LEU C 294 -66.49 -15.91 -37.57
CA LEU C 294 -65.83 -16.79 -36.61
C LEU C 294 -64.49 -16.22 -36.19
N TYR C 295 -64.39 -15.82 -34.92
CA TYR C 295 -63.16 -15.28 -34.35
C TYR C 295 -62.45 -16.38 -33.57
N VAL C 296 -61.46 -16.99 -34.20
CA VAL C 296 -60.86 -18.23 -33.69
C VAL C 296 -59.43 -18.01 -33.18
N GLY C 297 -59.14 -18.57 -32.01
CA GLY C 297 -57.83 -18.43 -31.41
C GLY C 297 -57.15 -19.75 -31.09
N ALA C 298 -56.15 -19.69 -30.23
CA ALA C 298 -55.32 -20.85 -29.90
C ALA C 298 -56.09 -21.97 -29.23
N GLY C 299 -57.21 -21.65 -28.60
CA GLY C 299 -57.99 -22.61 -27.85
C GLY C 299 -58.51 -23.79 -28.67
N ILE C 300 -58.77 -23.55 -29.95
CA ILE C 300 -59.29 -24.58 -30.83
C ILE C 300 -58.23 -25.66 -31.12
N LEU C 301 -56.97 -25.31 -30.87
CA LEU C 301 -55.86 -26.21 -31.14
C LEU C 301 -55.53 -27.09 -29.95
N ASN C 302 -56.16 -26.83 -28.81
CA ASN C 302 -55.93 -27.63 -27.61
C ASN C 302 -56.79 -28.89 -27.59
N HIS C 303 -57.31 -29.25 -28.75
CA HIS C 303 -58.04 -30.51 -28.93
C HIS C 303 -57.73 -31.02 -30.34
N ALA C 304 -57.60 -32.33 -30.48
CA ALA C 304 -57.21 -32.93 -31.76
C ALA C 304 -58.26 -32.70 -32.85
N ASP C 305 -59.53 -32.75 -32.46
CA ASP C 305 -60.63 -32.61 -33.42
C ASP C 305 -61.07 -31.16 -33.58
N GLY C 306 -60.34 -30.25 -32.93
CA GLY C 306 -60.65 -28.84 -32.97
C GLY C 306 -60.83 -28.25 -34.36
N PRO C 307 -59.77 -28.24 -35.17
CA PRO C 307 -59.84 -27.70 -36.54
C PRO C 307 -60.92 -28.38 -37.38
N ARG C 308 -61.18 -29.65 -37.10
CA ARG C 308 -62.17 -30.42 -37.85
C ARG C 308 -63.57 -29.86 -37.65
N LEU C 309 -63.96 -29.67 -36.39
CA LEU C 309 -65.28 -29.18 -36.07
C LEU C 309 -65.45 -27.72 -36.49
N LEU C 310 -64.33 -26.99 -36.49
CA LEU C 310 -64.33 -25.61 -36.93
C LEU C 310 -64.72 -25.52 -38.41
N LYS C 311 -64.08 -26.36 -39.22
CA LYS C 311 -64.40 -26.44 -40.65
C LYS C 311 -65.84 -26.93 -40.84
N GLU C 312 -66.25 -27.87 -40.01
CA GLU C 312 -67.60 -28.43 -40.08
C GLU C 312 -68.64 -27.35 -39.83
N LEU C 313 -68.38 -26.51 -38.83
CA LEU C 313 -69.28 -25.40 -38.52
C LEU C 313 -69.20 -24.32 -39.59
N SER C 314 -68.01 -24.08 -40.12
CA SER C 314 -67.81 -23.06 -41.14
C SER C 314 -68.53 -23.41 -42.43
N ASP C 315 -68.48 -24.69 -42.82
CA ASP C 315 -69.14 -25.15 -44.03
C ASP C 315 -70.66 -25.18 -43.88
N ARG C 316 -71.10 -25.67 -42.72
CA ARG C 316 -72.53 -25.88 -42.46
C ARG C 316 -73.32 -24.58 -42.48
N ALA C 317 -72.78 -23.54 -41.86
CA ALA C 317 -73.50 -22.28 -41.73
C ALA C 317 -72.92 -21.17 -42.61
N GLN C 318 -71.94 -21.52 -43.44
CA GLN C 318 -71.28 -20.58 -44.33
C GLN C 318 -70.72 -19.36 -43.58
N ILE C 319 -69.97 -19.61 -42.52
CA ILE C 319 -69.40 -18.54 -41.71
C ILE C 319 -67.92 -18.35 -42.01
N PRO C 320 -67.52 -17.11 -42.37
CA PRO C 320 -66.12 -16.79 -42.59
C PRO C 320 -65.29 -16.91 -41.32
N VAL C 321 -64.02 -17.28 -41.46
CA VAL C 321 -63.16 -17.52 -40.30
C VAL C 321 -61.89 -16.68 -40.33
N THR C 322 -61.70 -15.88 -39.29
CA THR C 322 -60.42 -15.20 -39.08
C THR C 322 -59.78 -15.73 -37.80
N THR C 323 -58.47 -15.91 -37.82
CA THR C 323 -57.78 -16.41 -36.64
C THR C 323 -56.83 -15.37 -36.08
N THR C 324 -56.50 -15.54 -34.81
CA THR C 324 -55.47 -14.73 -34.17
C THR C 324 -54.10 -15.17 -34.64
N LEU C 325 -53.06 -14.54 -34.09
CA LEU C 325 -51.69 -14.96 -34.37
C LEU C 325 -51.48 -16.39 -33.90
N GLN C 326 -52.11 -16.75 -32.79
CA GLN C 326 -51.93 -18.06 -32.19
C GLN C 326 -52.94 -19.08 -32.68
N GLY C 327 -53.82 -18.66 -33.58
CA GLY C 327 -54.82 -19.54 -34.14
C GLY C 327 -54.46 -19.96 -35.55
N LEU C 328 -53.35 -19.39 -36.05
CA LEU C 328 -52.90 -19.68 -37.40
C LEU C 328 -52.57 -21.16 -37.57
N GLY C 329 -53.12 -21.77 -38.61
CA GLY C 329 -52.93 -23.19 -38.86
C GLY C 329 -54.17 -23.99 -38.51
N SER C 330 -55.09 -23.39 -37.76
CA SER C 330 -56.31 -24.08 -37.35
C SER C 330 -57.37 -24.05 -38.43
N PHE C 331 -57.13 -23.25 -39.47
CA PHE C 331 -58.08 -23.14 -40.57
C PHE C 331 -57.35 -23.03 -41.91
N ASP C 332 -57.81 -23.80 -42.88
CA ASP C 332 -57.21 -23.80 -44.22
C ASP C 332 -57.34 -22.43 -44.86
N GLN C 333 -56.22 -21.72 -45.01
CA GLN C 333 -56.23 -20.38 -45.57
C GLN C 333 -56.48 -20.39 -47.07
N GLU C 334 -56.54 -21.57 -47.67
CA GLU C 334 -56.85 -21.69 -49.08
C GLU C 334 -58.36 -21.83 -49.30
N ASP C 335 -59.08 -22.01 -48.19
CA ASP C 335 -60.54 -22.05 -48.23
C ASP C 335 -61.07 -20.66 -48.52
N PRO C 336 -62.08 -20.57 -49.41
CA PRO C 336 -62.68 -19.28 -49.79
C PRO C 336 -63.26 -18.51 -48.59
N LYS C 337 -63.54 -19.20 -47.49
CA LYS C 337 -64.14 -18.57 -46.33
C LYS C 337 -63.10 -18.12 -45.30
N SER C 338 -61.83 -18.17 -45.69
CA SER C 338 -60.75 -17.72 -44.82
C SER C 338 -60.55 -16.21 -44.92
N LEU C 339 -60.46 -15.55 -43.76
CA LEU C 339 -60.25 -14.10 -43.73
C LEU C 339 -58.81 -13.77 -43.38
N ASP C 340 -57.99 -14.80 -43.19
CA ASP C 340 -56.62 -14.68 -42.71
C ASP C 340 -56.61 -14.08 -41.30
N MET C 341 -55.48 -13.49 -40.91
CA MET C 341 -55.32 -13.00 -39.55
C MET C 341 -55.92 -11.61 -39.36
N LEU C 342 -56.45 -11.37 -38.16
CA LEU C 342 -57.01 -10.06 -37.83
C LEU C 342 -56.11 -9.38 -36.79
N GLY C 343 -56.37 -8.10 -36.54
CA GLY C 343 -55.68 -7.40 -35.47
C GLY C 343 -54.80 -6.25 -35.89
N MET C 344 -53.83 -5.94 -35.03
CA MET C 344 -52.93 -4.79 -35.20
C MET C 344 -52.21 -4.82 -36.54
N HIS C 345 -51.78 -6.00 -36.97
CA HIS C 345 -51.15 -6.15 -38.28
C HIS C 345 -51.91 -7.17 -39.12
N GLY C 346 -53.19 -7.33 -38.82
CA GLY C 346 -54.02 -8.30 -39.53
C GLY C 346 -54.43 -7.84 -40.91
N CYS C 347 -55.02 -8.75 -41.67
CA CYS C 347 -55.55 -8.43 -43.00
C CYS C 347 -56.69 -7.44 -42.87
N ALA C 348 -56.75 -6.47 -43.76
CA ALA C 348 -57.80 -5.45 -43.71
C ALA C 348 -59.17 -6.07 -43.91
N THR C 349 -59.23 -7.13 -44.72
CA THR C 349 -60.48 -7.84 -44.94
C THR C 349 -60.97 -8.46 -43.64
N ALA C 350 -60.05 -9.04 -42.88
CA ALA C 350 -60.38 -9.65 -41.60
C ALA C 350 -60.91 -8.60 -40.61
N ASN C 351 -60.19 -7.49 -40.51
CA ASN C 351 -60.58 -6.42 -39.58
C ASN C 351 -61.92 -5.78 -39.96
N LEU C 352 -62.12 -5.54 -41.26
CA LEU C 352 -63.35 -4.93 -41.73
C LEU C 352 -64.56 -5.84 -41.50
N ALA C 353 -64.35 -7.14 -41.70
CA ALA C 353 -65.41 -8.12 -41.48
C ALA C 353 -65.84 -8.12 -40.02
N VAL C 354 -64.85 -8.07 -39.13
CA VAL C 354 -65.10 -8.04 -37.70
C VAL C 354 -65.85 -6.78 -37.29
N GLN C 355 -65.47 -5.65 -37.89
CA GLN C 355 -66.10 -4.38 -37.57
C GLN C 355 -67.53 -4.28 -38.09
N ASN C 356 -67.85 -5.08 -39.11
CA ASN C 356 -69.17 -5.01 -39.74
C ASN C 356 -70.06 -6.22 -39.44
N ALA C 357 -69.56 -7.16 -38.66
CA ALA C 357 -70.33 -8.35 -38.33
C ALA C 357 -71.45 -8.02 -37.36
N ASP C 358 -72.57 -8.71 -37.48
CA ASP C 358 -73.66 -8.54 -36.52
C ASP C 358 -73.52 -9.56 -35.40
N LEU C 359 -72.80 -10.64 -35.68
CA LEU C 359 -72.52 -11.65 -34.67
C LEU C 359 -71.06 -12.09 -34.74
N ILE C 360 -70.39 -12.05 -33.59
CA ILE C 360 -69.01 -12.50 -33.49
C ILE C 360 -68.94 -13.76 -32.63
N ILE C 361 -68.46 -14.84 -33.23
CA ILE C 361 -68.34 -16.12 -32.53
C ILE C 361 -66.90 -16.35 -32.09
N ALA C 362 -66.60 -15.98 -30.85
CA ALA C 362 -65.24 -16.11 -30.32
C ALA C 362 -64.98 -17.52 -29.83
N VAL C 363 -64.03 -18.20 -30.48
CA VAL C 363 -63.69 -19.57 -30.14
C VAL C 363 -62.22 -19.72 -29.77
N GLY C 364 -61.95 -19.89 -28.48
CA GLY C 364 -60.59 -20.09 -28.01
C GLY C 364 -59.70 -18.88 -28.17
N ALA C 365 -60.28 -17.69 -28.01
CA ALA C 365 -59.53 -16.44 -28.09
C ALA C 365 -59.88 -15.54 -26.90
N ARG C 366 -58.93 -14.70 -26.49
CA ARG C 366 -59.10 -13.94 -25.25
C ARG C 366 -59.23 -12.43 -25.44
N PHE C 367 -59.53 -12.00 -26.65
CA PHE C 367 -59.78 -10.59 -26.96
C PHE C 367 -58.66 -9.66 -26.53
N ASP C 368 -57.42 -10.01 -26.85
CA ASP C 368 -56.30 -9.13 -26.55
C ASP C 368 -56.36 -7.90 -27.45
N ASP C 369 -55.78 -6.79 -27.01
CA ASP C 369 -55.91 -5.54 -27.76
C ASP C 369 -54.93 -5.47 -28.94
N ARG C 370 -54.06 -6.47 -29.07
CA ARG C 370 -53.29 -6.62 -30.31
C ARG C 370 -54.25 -7.11 -31.40
N VAL C 371 -55.43 -7.54 -30.97
CA VAL C 371 -56.46 -8.03 -31.87
C VAL C 371 -57.61 -7.03 -32.02
N THR C 372 -58.10 -6.52 -30.89
CA THR C 372 -59.30 -5.68 -30.89
C THR C 372 -59.03 -4.24 -31.32
N GLY C 373 -57.80 -3.77 -31.16
CA GLY C 373 -57.50 -2.37 -31.37
C GLY C 373 -58.16 -1.58 -30.26
N ASN C 374 -58.51 -0.32 -30.53
CA ASN C 374 -59.26 0.49 -29.58
C ASN C 374 -60.54 -0.22 -29.18
N ILE C 375 -60.60 -0.69 -27.94
CA ILE C 375 -61.68 -1.53 -27.46
C ILE C 375 -63.04 -0.83 -27.52
N SER C 376 -63.03 0.50 -27.38
CA SER C 376 -64.26 1.27 -27.43
C SER C 376 -64.75 1.44 -28.87
N LYS C 377 -63.88 1.14 -29.83
CA LYS C 377 -64.23 1.21 -31.24
C LYS C 377 -64.42 -0.18 -31.83
N PHE C 378 -64.28 -1.19 -30.98
CA PHE C 378 -64.27 -2.58 -31.44
C PHE C 378 -65.66 -3.14 -31.69
N ALA C 379 -65.83 -3.74 -32.87
CA ALA C 379 -67.08 -4.42 -33.25
C ALA C 379 -68.34 -3.60 -33.00
N PRO C 380 -68.47 -2.46 -33.70
CA PRO C 380 -69.63 -1.59 -33.48
C PRO C 380 -70.94 -2.20 -33.98
N GLU C 381 -70.87 -2.95 -35.07
CA GLU C 381 -72.06 -3.57 -35.64
C GLU C 381 -72.57 -4.71 -34.78
N ALA C 382 -71.65 -5.43 -34.15
CA ALA C 382 -72.02 -6.53 -33.26
C ALA C 382 -72.72 -5.99 -32.02
N ARG C 383 -72.24 -4.87 -31.51
CA ARG C 383 -72.84 -4.23 -30.34
C ARG C 383 -74.21 -3.68 -30.66
N ARG C 384 -74.36 -3.15 -31.88
CA ARG C 384 -75.65 -2.63 -32.34
C ARG C 384 -76.67 -3.76 -32.42
N ALA C 385 -76.22 -4.91 -32.89
CA ALA C 385 -77.09 -6.07 -33.05
C ALA C 385 -77.47 -6.67 -31.70
N ALA C 386 -76.57 -6.54 -30.73
CA ALA C 386 -76.83 -7.01 -29.38
C ALA C 386 -77.89 -6.14 -28.72
N ALA C 387 -77.78 -4.83 -28.95
CA ALA C 387 -78.73 -3.88 -28.38
C ALA C 387 -80.12 -4.09 -28.97
N GLU C 388 -80.16 -4.59 -30.20
CA GLU C 388 -81.42 -4.84 -30.88
C GLU C 388 -81.79 -6.33 -30.82
N GLY C 389 -81.09 -7.08 -29.98
CA GLY C 389 -81.40 -8.48 -29.74
C GLY C 389 -81.31 -9.37 -30.97
N ARG C 390 -80.44 -9.01 -31.91
CA ARG C 390 -80.30 -9.76 -33.15
C ARG C 390 -78.85 -10.17 -33.40
N GLY C 391 -78.00 -10.00 -32.38
CA GLY C 391 -76.60 -10.33 -32.53
C GLY C 391 -75.80 -10.13 -31.25
N GLY C 392 -74.51 -9.84 -31.41
CA GLY C 392 -73.64 -9.61 -30.28
C GLY C 392 -72.36 -10.42 -30.34
N ILE C 393 -71.97 -10.96 -29.19
CA ILE C 393 -70.73 -11.72 -29.08
C ILE C 393 -70.95 -13.03 -28.32
N ILE C 394 -70.61 -14.14 -28.96
CA ILE C 394 -70.64 -15.44 -28.31
C ILE C 394 -69.21 -15.87 -27.98
N HIS C 395 -68.99 -16.38 -26.77
CA HIS C 395 -67.64 -16.68 -26.32
C HIS C 395 -67.50 -18.12 -25.83
N PHE C 396 -66.73 -18.92 -26.58
CA PHE C 396 -66.39 -20.27 -26.15
C PHE C 396 -65.05 -20.26 -25.41
N GLU C 397 -65.13 -20.20 -24.09
CA GLU C 397 -63.94 -20.03 -23.26
C GLU C 397 -63.85 -21.11 -22.19
N VAL C 398 -62.64 -21.60 -21.93
CA VAL C 398 -62.43 -22.66 -20.95
C VAL C 398 -62.14 -22.08 -19.57
N SER C 399 -61.64 -20.84 -19.54
CA SER C 399 -61.26 -20.21 -18.29
C SER C 399 -62.22 -19.08 -17.93
N PRO C 400 -63.06 -19.31 -16.90
CA PRO C 400 -64.15 -18.41 -16.49
C PRO C 400 -63.71 -16.95 -16.31
N LYS C 401 -62.50 -16.75 -15.80
CA LYS C 401 -62.01 -15.40 -15.53
C LYS C 401 -61.65 -14.65 -16.80
N ASN C 402 -61.70 -15.34 -17.93
CA ASN C 402 -61.46 -14.70 -19.22
C ASN C 402 -62.77 -14.35 -19.92
N ILE C 403 -63.88 -14.75 -19.31
CA ILE C 403 -65.20 -14.43 -19.81
C ILE C 403 -65.63 -13.07 -19.25
N ASN C 404 -66.12 -12.20 -20.14
CA ASN C 404 -66.51 -10.85 -19.77
C ASN C 404 -65.36 -10.08 -19.13
N LYS C 405 -64.14 -10.39 -19.57
CA LYS C 405 -62.94 -9.77 -19.03
C LYS C 405 -62.59 -8.52 -19.80
N VAL C 406 -62.78 -8.57 -21.12
CA VAL C 406 -62.40 -7.46 -22.00
C VAL C 406 -63.62 -6.79 -22.61
N VAL C 407 -64.57 -7.59 -23.05
CA VAL C 407 -65.76 -7.07 -23.71
C VAL C 407 -67.00 -7.80 -23.22
N GLN C 408 -68.11 -7.06 -23.09
CA GLN C 408 -69.36 -7.65 -22.61
C GLN C 408 -69.91 -8.63 -23.64
N THR C 409 -70.00 -9.90 -23.26
CA THR C 409 -70.50 -10.94 -24.15
C THR C 409 -71.98 -11.22 -23.88
N GLN C 410 -72.69 -11.63 -24.93
CA GLN C 410 -74.12 -11.91 -24.82
C GLN C 410 -74.36 -13.33 -24.33
N ILE C 411 -73.55 -14.26 -24.82
CA ILE C 411 -73.68 -15.67 -24.45
C ILE C 411 -72.32 -16.30 -24.20
N ALA C 412 -72.18 -16.94 -23.05
CA ALA C 412 -70.91 -17.55 -22.66
C ALA C 412 -71.04 -19.07 -22.54
N VAL C 413 -70.24 -19.79 -23.33
CA VAL C 413 -70.24 -21.24 -23.29
C VAL C 413 -68.97 -21.74 -22.61
N GLU C 414 -69.08 -22.05 -21.32
CA GLU C 414 -67.93 -22.50 -20.55
C GLU C 414 -67.48 -23.90 -20.94
N GLY C 415 -66.17 -24.14 -20.86
CA GLY C 415 -65.62 -25.45 -21.12
C GLY C 415 -64.77 -25.50 -22.37
N ASP C 416 -64.35 -26.70 -22.75
CA ASP C 416 -63.58 -26.90 -23.96
C ASP C 416 -64.37 -26.48 -25.19
N ALA C 417 -63.77 -25.63 -26.01
CA ALA C 417 -64.42 -25.10 -27.20
C ALA C 417 -64.82 -26.20 -28.16
N THR C 418 -63.88 -27.09 -28.45
CA THR C 418 -64.09 -28.19 -29.37
C THR C 418 -65.26 -29.07 -28.93
N THR C 419 -65.25 -29.47 -27.66
CA THR C 419 -66.30 -30.32 -27.11
C THR C 419 -67.68 -29.69 -27.26
N ASN C 420 -67.78 -28.40 -26.97
CA ASN C 420 -69.06 -27.69 -27.04
C ASN C 420 -69.48 -27.39 -28.48
N LEU C 421 -68.52 -27.27 -29.39
CA LEU C 421 -68.85 -27.10 -30.80
C LEU C 421 -69.56 -28.32 -31.33
N GLY C 422 -69.12 -29.50 -30.89
CA GLY C 422 -69.72 -30.74 -31.30
C GLY C 422 -71.14 -30.89 -30.80
N LYS C 423 -71.39 -30.40 -29.59
CA LYS C 423 -72.72 -30.47 -28.99
C LYS C 423 -73.69 -29.53 -29.69
N MET C 424 -73.18 -28.40 -30.17
CA MET C 424 -74.01 -27.39 -30.82
C MET C 424 -74.30 -27.76 -32.27
N MET C 425 -73.41 -28.56 -32.86
CA MET C 425 -73.40 -28.84 -34.28
C MET C 425 -74.76 -29.21 -34.88
N SER C 426 -75.48 -30.10 -34.21
CA SER C 426 -76.77 -30.57 -34.70
C SER C 426 -77.86 -29.51 -34.58
N LYS C 427 -77.58 -28.46 -33.80
CA LYS C 427 -78.59 -27.43 -33.54
C LYS C 427 -78.43 -26.23 -34.46
N ILE C 428 -77.40 -26.26 -35.30
CA ILE C 428 -77.15 -25.18 -36.25
C ILE C 428 -77.85 -25.45 -37.57
N PHE C 429 -78.69 -24.51 -38.01
CA PHE C 429 -79.36 -24.64 -39.30
C PHE C 429 -78.35 -24.56 -40.43
N PRO C 430 -78.37 -25.55 -41.33
CA PRO C 430 -77.51 -25.53 -42.53
C PRO C 430 -77.81 -24.30 -43.37
N VAL C 431 -76.77 -23.64 -43.88
CA VAL C 431 -76.97 -22.40 -44.62
C VAL C 431 -76.55 -22.53 -46.08
N LYS C 432 -77.53 -22.25 -46.95
CA LYS C 432 -77.37 -22.08 -48.40
C LYS C 432 -76.04 -21.44 -48.79
N GLU C 433 -76.10 -20.14 -49.06
CA GLU C 433 -74.93 -19.30 -49.27
C GLU C 433 -75.22 -17.95 -48.64
N ARG C 434 -74.22 -17.09 -48.57
CA ARG C 434 -74.44 -15.73 -48.10
C ARG C 434 -73.95 -14.75 -49.16
N SER C 435 -74.82 -14.46 -50.11
CA SER C 435 -74.48 -13.63 -51.26
C SER C 435 -73.95 -12.27 -50.86
N GLU C 436 -74.76 -11.50 -50.13
CA GLU C 436 -74.42 -10.15 -49.74
C GLU C 436 -73.15 -10.08 -48.90
N TRP C 437 -73.07 -10.96 -47.90
CA TRP C 437 -71.96 -10.95 -46.95
C TRP C 437 -70.63 -11.31 -47.61
N PHE C 438 -70.63 -12.36 -48.42
CA PHE C 438 -69.39 -12.81 -49.05
C PHE C 438 -68.98 -11.95 -50.23
N ALA C 439 -69.93 -11.33 -50.91
CA ALA C 439 -69.59 -10.39 -51.97
C ALA C 439 -68.88 -9.18 -51.37
N GLN C 440 -69.37 -8.76 -50.22
CA GLN C 440 -68.79 -7.66 -49.46
C GLN C 440 -67.39 -8.02 -48.98
N ILE C 441 -67.28 -9.17 -48.33
CA ILE C 441 -65.99 -9.72 -47.94
C ILE C 441 -65.06 -9.85 -49.12
N ASN C 442 -65.55 -10.40 -50.23
CA ASN C 442 -64.69 -10.62 -51.40
C ASN C 442 -64.17 -9.32 -52.00
N LYS C 443 -65.01 -8.30 -52.14
CA LYS C 443 -64.52 -7.06 -52.76
C LYS C 443 -63.52 -6.37 -51.83
N TRP C 444 -63.56 -6.71 -50.54
CA TRP C 444 -62.50 -6.26 -49.63
C TRP C 444 -61.17 -6.96 -49.90
N LYS C 445 -61.23 -8.25 -50.22
CA LYS C 445 -60.04 -9.06 -50.47
C LYS C 445 -59.24 -8.54 -51.67
N LYS C 446 -59.94 -8.10 -52.71
CA LYS C 446 -59.29 -7.59 -53.91
C LYS C 446 -58.86 -6.12 -53.73
N GLU C 447 -59.55 -5.40 -52.86
CA GLU C 447 -59.17 -4.02 -52.57
C GLU C 447 -58.00 -3.96 -51.59
N TYR C 448 -57.98 -4.88 -50.63
CA TYR C 448 -56.97 -4.85 -49.58
C TYR C 448 -56.14 -6.13 -49.45
N PRO C 449 -55.26 -6.40 -50.42
CA PRO C 449 -54.33 -7.52 -50.26
C PRO C 449 -53.15 -7.14 -49.37
N TYR C 450 -52.32 -8.09 -48.98
CA TYR C 450 -51.11 -7.81 -48.22
C TYR C 450 -50.06 -7.12 -49.09
N ALA C 451 -50.37 -5.92 -49.55
CA ALA C 451 -49.50 -5.19 -50.46
C ALA C 451 -48.25 -4.65 -49.77
N TYR C 452 -47.17 -4.50 -50.54
CA TYR C 452 -45.93 -3.94 -50.06
C TYR C 452 -45.08 -3.46 -51.23
N MET C 453 -43.98 -2.78 -50.96
CA MET C 453 -43.10 -2.32 -52.02
C MET C 453 -42.22 -3.48 -52.50
N GLU C 454 -42.49 -3.94 -53.72
CA GLU C 454 -41.80 -5.10 -54.26
C GLU C 454 -40.47 -4.73 -54.89
N GLU C 455 -39.64 -5.75 -55.11
CA GLU C 455 -38.31 -5.57 -55.69
C GLU C 455 -38.33 -4.80 -57.00
N THR C 456 -37.26 -4.03 -57.22
CA THR C 456 -37.02 -3.35 -58.48
C THR C 456 -35.56 -3.62 -58.85
N PRO C 457 -35.21 -3.46 -60.14
CA PRO C 457 -33.82 -3.64 -60.56
C PRO C 457 -32.84 -2.86 -59.70
N GLY C 458 -31.87 -3.56 -59.11
CA GLY C 458 -30.84 -2.92 -58.31
C GLY C 458 -31.21 -2.74 -56.86
N SER C 459 -32.47 -2.99 -56.51
CA SER C 459 -32.91 -2.79 -55.13
C SER C 459 -32.51 -3.97 -54.25
N LYS C 460 -32.55 -3.75 -52.94
CA LYS C 460 -32.33 -4.82 -51.99
C LYS C 460 -33.51 -5.80 -52.03
N ILE C 461 -33.28 -7.00 -51.50
CA ILE C 461 -34.34 -7.99 -51.37
C ILE C 461 -35.36 -7.52 -50.35
N LYS C 462 -36.64 -7.70 -50.66
CA LYS C 462 -37.70 -7.32 -49.74
C LYS C 462 -38.07 -8.49 -48.84
N PRO C 463 -38.17 -8.24 -47.54
CA PRO C 463 -38.41 -9.30 -46.56
C PRO C 463 -39.74 -10.04 -46.80
N GLN C 464 -40.77 -9.30 -47.23
CA GLN C 464 -42.05 -9.92 -47.53
C GLN C 464 -41.93 -10.95 -48.65
N THR C 465 -41.04 -10.68 -49.61
CA THR C 465 -40.84 -11.56 -50.74
C THR C 465 -40.21 -12.89 -50.31
N VAL C 466 -39.26 -12.82 -49.37
CA VAL C 466 -38.60 -14.01 -48.86
C VAL C 466 -39.60 -14.98 -48.26
N ILE C 467 -40.53 -14.46 -47.46
CA ILE C 467 -41.55 -15.27 -46.83
C ILE C 467 -42.39 -16.01 -47.87
N LYS C 468 -42.86 -15.27 -48.87
CA LYS C 468 -43.67 -15.84 -49.96
C LYS C 468 -42.95 -16.97 -50.67
N LYS C 469 -41.72 -16.70 -51.11
CA LYS C 469 -40.93 -17.69 -51.84
C LYS C 469 -40.62 -18.90 -50.97
N LEU C 470 -40.19 -18.67 -49.73
CA LEU C 470 -39.85 -19.76 -48.83
C LEU C 470 -41.06 -20.64 -48.56
N SER C 471 -42.23 -20.01 -48.41
CA SER C 471 -43.47 -20.72 -48.19
C SER C 471 -43.73 -21.72 -49.32
N LYS C 472 -43.57 -21.26 -50.56
CA LYS C 472 -43.74 -22.09 -51.73
C LYS C 472 -42.71 -23.21 -51.77
N VAL C 473 -41.45 -22.85 -51.53
CA VAL C 473 -40.35 -23.80 -51.58
C VAL C 473 -40.49 -24.89 -50.51
N ALA C 474 -40.84 -24.48 -49.29
CA ALA C 474 -40.98 -25.42 -48.18
C ALA C 474 -42.05 -26.47 -48.45
N ASN C 475 -43.21 -26.02 -48.93
CA ASN C 475 -44.31 -26.93 -49.20
C ASN C 475 -44.00 -27.84 -50.38
N ASP C 476 -43.22 -27.34 -51.34
CA ASP C 476 -42.84 -28.12 -52.52
C ASP C 476 -42.04 -29.37 -52.17
N THR C 477 -41.56 -29.44 -50.93
CA THR C 477 -40.79 -30.60 -50.48
C THR C 477 -41.70 -31.79 -50.19
N GLY C 478 -42.97 -31.52 -49.94
CA GLY C 478 -43.93 -32.56 -49.63
C GLY C 478 -43.82 -33.03 -48.18
N ARG C 479 -42.94 -32.37 -47.43
CA ARG C 479 -42.73 -32.73 -46.04
C ARG C 479 -43.65 -31.93 -45.12
N HIS C 480 -43.90 -32.46 -43.92
CA HIS C 480 -44.61 -31.71 -42.90
C HIS C 480 -43.72 -30.58 -42.42
N VAL C 481 -44.23 -29.35 -42.48
CA VAL C 481 -43.44 -28.18 -42.17
C VAL C 481 -43.91 -27.49 -40.90
N ILE C 482 -42.96 -27.20 -40.02
CA ILE C 482 -43.25 -26.45 -38.80
C ILE C 482 -42.42 -25.17 -38.80
N VAL C 483 -43.07 -24.05 -38.52
CA VAL C 483 -42.39 -22.75 -38.51
C VAL C 483 -42.37 -22.15 -37.12
N THR C 484 -41.19 -21.75 -36.67
CA THR C 484 -41.07 -20.93 -35.47
C THR C 484 -40.50 -19.58 -35.88
N THR C 485 -40.65 -18.57 -35.01
CA THR C 485 -40.13 -17.25 -35.31
C THR C 485 -39.53 -16.60 -34.07
N GLY C 486 -38.81 -15.50 -34.30
CA GLY C 486 -38.45 -14.60 -33.22
C GLY C 486 -39.57 -13.60 -33.01
N VAL C 487 -39.21 -12.39 -32.59
CA VAL C 487 -40.20 -11.36 -32.32
C VAL C 487 -39.87 -10.07 -33.07
N GLY C 488 -40.86 -9.51 -33.75
CA GLY C 488 -40.68 -8.27 -34.48
C GLY C 488 -41.32 -8.29 -35.84
N GLN C 489 -40.73 -7.56 -36.78
CA GLN C 489 -41.27 -7.44 -38.13
C GLN C 489 -41.29 -8.77 -38.88
N HIS C 490 -40.17 -9.49 -38.83
CA HIS C 490 -40.07 -10.80 -39.48
C HIS C 490 -41.16 -11.75 -39.00
N GLN C 491 -41.54 -11.60 -37.74
CA GLN C 491 -42.58 -12.42 -37.12
C GLN C 491 -43.94 -12.15 -37.76
N MET C 492 -44.28 -10.87 -37.89
CA MET C 492 -45.56 -10.49 -38.50
C MET C 492 -45.61 -10.87 -39.98
N TRP C 493 -44.51 -10.64 -40.68
CA TRP C 493 -44.44 -10.95 -42.10
C TRP C 493 -44.54 -12.46 -42.34
N ALA C 494 -43.98 -13.24 -41.43
CA ALA C 494 -44.12 -14.69 -41.49
C ALA C 494 -45.59 -15.08 -41.30
N ALA C 495 -46.24 -14.43 -40.34
CA ALA C 495 -47.65 -14.67 -40.06
C ALA C 495 -48.52 -14.31 -41.26
N GLN C 496 -48.21 -13.19 -41.89
CA GLN C 496 -49.02 -12.68 -43.00
C GLN C 496 -48.87 -13.47 -44.28
N HIS C 497 -47.64 -13.59 -44.77
CA HIS C 497 -47.40 -14.02 -46.14
C HIS C 497 -47.19 -15.52 -46.31
N TRP C 498 -47.20 -16.24 -45.20
CA TRP C 498 -47.18 -17.69 -45.27
C TRP C 498 -48.60 -18.19 -45.46
N THR C 499 -48.76 -19.32 -46.14
CA THR C 499 -50.09 -19.89 -46.34
C THR C 499 -50.32 -21.02 -45.34
N TRP C 500 -51.05 -20.72 -44.28
CA TRP C 500 -51.23 -21.67 -43.19
C TRP C 500 -52.40 -22.62 -43.45
N ARG C 501 -52.12 -23.91 -43.36
CA ARG C 501 -53.09 -24.94 -43.69
C ARG C 501 -53.17 -26.04 -42.64
N ASN C 502 -52.06 -26.29 -41.95
CA ASN C 502 -51.99 -27.40 -41.01
C ASN C 502 -51.90 -26.92 -39.56
N PRO C 503 -52.61 -27.62 -38.65
CA PRO C 503 -52.60 -27.28 -37.23
C PRO C 503 -51.26 -27.56 -36.56
N HIS C 504 -50.90 -26.74 -35.58
CA HIS C 504 -49.65 -26.87 -34.83
C HIS C 504 -48.42 -26.79 -35.72
N THR C 505 -48.44 -25.85 -36.66
CA THR C 505 -47.31 -25.65 -37.56
C THR C 505 -46.77 -24.22 -37.51
N PHE C 506 -47.42 -23.36 -36.74
CA PHE C 506 -46.89 -22.02 -36.48
C PHE C 506 -46.68 -21.84 -34.97
N ILE C 507 -45.42 -21.70 -34.59
CA ILE C 507 -45.05 -21.66 -33.17
C ILE C 507 -44.28 -20.38 -32.85
N THR C 508 -45.00 -19.37 -32.38
CA THR C 508 -44.39 -18.06 -32.13
C THR C 508 -44.79 -17.52 -30.75
N SER C 509 -43.95 -16.66 -30.18
CA SER C 509 -44.25 -16.05 -28.90
C SER C 509 -45.16 -14.83 -29.07
N GLY C 510 -46.43 -14.97 -28.69
CA GLY C 510 -47.40 -13.94 -28.94
C GLY C 510 -47.72 -13.05 -27.76
N GLY C 511 -48.04 -13.68 -26.62
CA GLY C 511 -48.45 -12.95 -25.44
C GLY C 511 -47.33 -12.15 -24.79
N LEU C 512 -46.23 -12.83 -24.47
CA LEU C 512 -45.09 -12.16 -23.85
C LEU C 512 -44.18 -11.55 -24.90
N GLY C 513 -44.09 -12.21 -26.05
CA GLY C 513 -43.28 -11.72 -27.16
C GLY C 513 -41.80 -11.74 -26.85
N THR C 514 -41.27 -12.93 -26.62
CA THR C 514 -39.89 -13.08 -26.18
C THR C 514 -38.90 -13.21 -27.34
N MET C 515 -38.08 -12.19 -27.53
CA MET C 515 -36.96 -12.30 -28.49
C MET C 515 -36.07 -13.46 -28.08
N GLY C 516 -35.57 -14.21 -29.07
CA GLY C 516 -34.70 -15.33 -28.79
C GLY C 516 -35.46 -16.65 -28.76
N TYR C 517 -36.78 -16.54 -28.88
CA TYR C 517 -37.68 -17.69 -28.88
C TYR C 517 -37.43 -18.63 -30.05
N GLY C 518 -37.14 -18.05 -31.22
CA GLY C 518 -37.08 -18.78 -32.48
C GLY C 518 -36.23 -20.04 -32.52
N LEU C 519 -34.96 -19.92 -32.17
CA LEU C 519 -34.03 -21.04 -32.32
C LEU C 519 -34.30 -22.17 -31.33
N PRO C 520 -34.37 -21.88 -30.01
CA PRO C 520 -34.63 -23.01 -29.12
C PRO C 520 -36.01 -23.64 -29.31
N ALA C 521 -37.02 -22.85 -29.68
CA ALA C 521 -38.35 -23.41 -29.93
C ALA C 521 -38.31 -24.36 -31.13
N ALA C 522 -37.53 -23.99 -32.15
CA ALA C 522 -37.35 -24.83 -33.32
C ALA C 522 -36.69 -26.16 -32.95
N ILE C 523 -35.68 -26.07 -32.10
CA ILE C 523 -34.96 -27.26 -31.62
C ILE C 523 -35.91 -28.20 -30.88
N GLY C 524 -36.72 -27.63 -30.00
CA GLY C 524 -37.70 -28.41 -29.26
C GLY C 524 -38.76 -29.03 -30.15
N ALA C 525 -39.24 -28.25 -31.13
CA ALA C 525 -40.24 -28.74 -32.07
C ALA C 525 -39.67 -29.87 -32.92
N GLN C 526 -38.40 -29.76 -33.28
CA GLN C 526 -37.73 -30.79 -34.07
C GLN C 526 -37.60 -32.08 -33.28
N VAL C 527 -37.38 -31.97 -31.97
CA VAL C 527 -37.30 -33.13 -31.12
C VAL C 527 -38.65 -33.85 -31.09
N ALA C 528 -39.71 -33.07 -31.02
CA ALA C 528 -41.08 -33.62 -31.01
C ALA C 528 -41.44 -34.25 -32.34
N LYS C 529 -40.97 -33.65 -33.43
CA LYS C 529 -41.30 -34.11 -34.77
C LYS C 529 -40.03 -34.27 -35.62
N PRO C 530 -39.28 -35.36 -35.40
CA PRO C 530 -38.00 -35.61 -36.05
C PRO C 530 -38.07 -35.65 -37.58
N GLU C 531 -39.23 -36.00 -38.12
CA GLU C 531 -39.38 -36.14 -39.56
C GLU C 531 -39.79 -34.82 -40.23
N SER C 532 -40.30 -33.91 -39.42
CA SER C 532 -40.77 -32.63 -39.95
C SER C 532 -39.62 -31.73 -40.39
N LEU C 533 -39.92 -30.89 -41.38
CA LEU C 533 -39.02 -29.81 -41.75
C LEU C 533 -39.30 -28.62 -40.85
N VAL C 534 -38.37 -28.32 -39.95
CA VAL C 534 -38.57 -27.25 -38.97
C VAL C 534 -37.78 -26.01 -39.34
N ILE C 535 -38.49 -24.92 -39.59
CA ILE C 535 -37.86 -23.67 -40.01
C ILE C 535 -38.04 -22.55 -39.00
N ASP C 536 -36.92 -21.97 -38.59
CA ASP C 536 -36.96 -20.79 -37.74
C ASP C 536 -36.79 -19.53 -38.58
N ILE C 537 -37.88 -18.81 -38.77
CA ILE C 537 -37.83 -17.50 -39.43
C ILE C 537 -37.55 -16.45 -38.38
N ASP C 538 -36.30 -15.98 -38.32
CA ASP C 538 -35.85 -15.17 -37.21
C ASP C 538 -35.39 -13.78 -37.66
N GLY C 539 -35.32 -12.85 -36.71
CA GLY C 539 -34.76 -11.54 -36.96
C GLY C 539 -33.34 -11.50 -36.42
N ASP C 540 -32.55 -10.54 -36.89
CA ASP C 540 -31.15 -10.48 -36.50
C ASP C 540 -30.98 -10.14 -35.01
N ALA C 541 -31.82 -9.25 -34.50
CA ALA C 541 -31.74 -8.87 -33.08
C ALA C 541 -32.25 -10.00 -32.20
N SER C 542 -33.38 -10.59 -32.58
CA SER C 542 -33.95 -11.73 -31.86
C SER C 542 -32.96 -12.89 -31.78
N PHE C 543 -32.31 -13.19 -32.90
CA PHE C 543 -31.41 -14.32 -33.00
C PHE C 543 -30.19 -14.14 -32.08
N ASN C 544 -29.70 -12.91 -31.97
CA ASN C 544 -28.57 -12.60 -31.11
C ASN C 544 -28.80 -12.95 -29.64
N MET C 545 -30.07 -12.95 -29.23
CA MET C 545 -30.41 -13.21 -27.84
C MET C 545 -30.03 -14.62 -27.40
N THR C 546 -30.29 -15.61 -28.24
CA THR C 546 -30.10 -16.99 -27.85
C THR C 546 -29.30 -17.81 -28.85
N LEU C 547 -28.44 -17.16 -29.63
CA LEU C 547 -27.71 -17.84 -30.70
C LEU C 547 -26.74 -18.91 -30.19
N THR C 548 -26.46 -18.92 -28.90
CA THR C 548 -25.54 -19.90 -28.34
C THR C 548 -26.11 -21.32 -28.44
N GLU C 549 -27.42 -21.44 -28.63
CA GLU C 549 -28.06 -22.75 -28.71
C GLU C 549 -27.88 -23.39 -30.09
N LEU C 550 -27.11 -22.73 -30.95
CA LEU C 550 -26.79 -23.26 -32.27
C LEU C 550 -26.01 -24.57 -32.11
N SER C 551 -25.06 -24.58 -31.17
CA SER C 551 -24.27 -25.78 -30.91
C SER C 551 -25.11 -26.87 -30.26
N SER C 552 -26.16 -26.46 -29.55
CA SER C 552 -27.06 -27.40 -28.90
C SER C 552 -27.84 -28.20 -29.92
N ALA C 553 -28.16 -27.56 -31.05
CA ALA C 553 -28.84 -28.22 -32.15
C ALA C 553 -27.97 -29.32 -32.73
N VAL C 554 -26.67 -29.06 -32.82
CA VAL C 554 -25.74 -30.05 -33.33
C VAL C 554 -25.66 -31.22 -32.38
N GLN C 555 -25.57 -30.94 -31.08
CA GLN C 555 -25.46 -32.00 -30.08
C GLN C 555 -26.75 -32.79 -29.97
N ALA C 556 -27.89 -32.13 -30.15
CA ALA C 556 -29.19 -32.78 -30.06
C ALA C 556 -29.53 -33.58 -31.31
N GLY C 557 -28.81 -33.30 -32.40
CA GLY C 557 -29.07 -33.95 -33.67
C GLY C 557 -30.35 -33.45 -34.31
N THR C 558 -30.66 -32.17 -34.09
CA THR C 558 -31.84 -31.56 -34.69
C THR C 558 -31.48 -30.72 -35.91
N PRO C 559 -31.83 -31.20 -37.11
CA PRO C 559 -31.52 -30.51 -38.36
C PRO C 559 -32.43 -29.31 -38.63
N VAL C 560 -32.46 -28.36 -37.71
CA VAL C 560 -33.29 -27.17 -37.86
C VAL C 560 -32.81 -26.28 -39.00
N LYS C 561 -33.74 -25.61 -39.67
CA LYS C 561 -33.39 -24.67 -40.72
C LYS C 561 -33.58 -23.24 -40.21
N ILE C 562 -32.47 -22.54 -40.01
CA ILE C 562 -32.51 -21.19 -39.45
C ILE C 562 -32.45 -20.12 -40.52
N LEU C 563 -33.51 -19.32 -40.62
CA LEU C 563 -33.52 -18.20 -41.56
C LEU C 563 -33.42 -16.88 -40.80
N ILE C 564 -32.48 -16.04 -41.21
CA ILE C 564 -32.37 -14.72 -40.61
C ILE C 564 -32.68 -13.63 -41.64
N LEU C 565 -33.79 -12.93 -41.42
CA LEU C 565 -34.09 -11.74 -42.18
C LEU C 565 -33.28 -10.59 -41.60
N ASN C 566 -32.10 -10.37 -42.15
CA ASN C 566 -31.18 -9.39 -41.59
C ASN C 566 -31.36 -7.99 -42.15
N ASN C 567 -32.03 -7.13 -41.39
CA ASN C 567 -32.17 -5.73 -41.74
C ASN C 567 -31.24 -4.84 -40.92
N GLU C 568 -30.34 -5.49 -40.16
CA GLU C 568 -29.36 -4.80 -39.33
C GLU C 568 -29.99 -3.78 -38.40
N GLU C 569 -31.13 -4.14 -37.84
CA GLU C 569 -31.89 -3.23 -36.98
C GLU C 569 -32.88 -3.99 -36.12
N GLN C 570 -33.28 -3.38 -35.02
CA GLN C 570 -34.44 -3.84 -34.27
C GLN C 570 -35.68 -3.28 -34.96
N GLY C 571 -36.02 -3.89 -36.09
CA GLY C 571 -36.99 -3.36 -37.03
C GLY C 571 -38.33 -2.89 -36.47
N MET C 572 -38.94 -3.70 -35.63
CA MET C 572 -40.24 -3.37 -35.07
C MET C 572 -40.15 -2.10 -34.22
N VAL C 573 -39.01 -1.91 -33.55
CA VAL C 573 -38.83 -0.72 -32.73
C VAL C 573 -38.52 0.51 -33.58
N THR C 574 -37.72 0.32 -34.62
CA THR C 574 -37.41 1.43 -35.53
C THR C 574 -38.67 1.86 -36.26
N GLN C 575 -39.58 0.92 -36.50
CA GLN C 575 -40.86 1.23 -37.13
C GLN C 575 -41.68 2.16 -36.24
N TRP C 576 -41.70 1.86 -34.95
CA TRP C 576 -42.43 2.68 -33.99
C TRP C 576 -41.74 4.02 -33.77
N GLN C 577 -40.43 4.03 -33.92
CA GLN C 577 -39.65 5.26 -33.76
C GLN C 577 -39.83 6.15 -34.99
N SER C 578 -39.97 5.54 -36.16
CA SER C 578 -40.23 6.28 -37.40
C SER C 578 -41.59 6.96 -37.34
N LEU C 579 -42.58 6.23 -36.83
CA LEU C 579 -43.96 6.70 -36.79
C LEU C 579 -44.24 7.70 -35.67
N PHE C 580 -43.87 7.34 -34.45
CA PHE C 580 -44.29 8.11 -33.28
C PHE C 580 -43.20 8.99 -32.68
N TYR C 581 -41.96 8.80 -33.11
CA TYR C 581 -40.86 9.54 -32.51
C TYR C 581 -39.93 10.20 -33.54
N GLU C 582 -40.52 10.65 -34.65
CA GLU C 582 -39.84 11.48 -35.63
C GLU C 582 -38.48 10.92 -36.08
N HIS C 583 -38.44 9.62 -36.31
CA HIS C 583 -37.26 8.94 -36.84
C HIS C 583 -36.03 9.09 -35.94
N ARG C 584 -36.27 9.21 -34.64
CA ARG C 584 -35.18 9.22 -33.67
C ARG C 584 -34.89 7.80 -33.23
N TYR C 585 -33.83 7.22 -33.79
CA TYR C 585 -33.54 5.81 -33.55
C TYR C 585 -32.60 5.64 -32.37
N SER C 586 -33.21 5.51 -31.19
CA SER C 586 -32.46 5.43 -29.94
C SER C 586 -32.06 3.99 -29.63
N HIS C 587 -30.79 3.68 -29.84
CA HIS C 587 -30.17 2.41 -29.46
C HIS C 587 -30.89 1.18 -30.01
N THR C 588 -31.30 1.26 -31.27
CA THR C 588 -32.03 0.17 -31.89
C THR C 588 -31.24 -0.49 -33.01
N HIS C 589 -29.94 -0.22 -33.05
CA HIS C 589 -29.06 -0.84 -34.05
C HIS C 589 -27.90 -1.59 -33.40
N GLN C 590 -28.11 -2.88 -33.15
CA GLN C 590 -27.09 -3.70 -32.53
C GLN C 590 -26.06 -4.16 -33.56
N LEU C 591 -24.80 -4.26 -33.14
CA LEU C 591 -23.74 -4.71 -34.02
C LEU C 591 -23.78 -6.23 -34.17
N ASN C 592 -24.15 -6.70 -35.35
CA ASN C 592 -24.27 -8.13 -35.62
C ASN C 592 -22.93 -8.81 -35.84
N PRO C 593 -22.84 -10.09 -35.46
CA PRO C 593 -21.70 -10.92 -35.82
C PRO C 593 -21.81 -11.39 -37.27
N ASP C 594 -20.74 -11.94 -37.82
CA ASP C 594 -20.81 -12.61 -39.11
C ASP C 594 -21.60 -13.90 -38.91
N PHE C 595 -22.85 -13.90 -39.36
CA PHE C 595 -23.74 -15.02 -39.10
C PHE C 595 -23.30 -16.31 -39.78
N ILE C 596 -22.56 -16.20 -40.88
CA ILE C 596 -22.14 -17.38 -41.62
C ILE C 596 -20.94 -18.02 -40.93
N LYS C 597 -19.97 -17.19 -40.55
CA LYS C 597 -18.82 -17.69 -39.80
C LYS C 597 -19.28 -18.20 -38.43
N LEU C 598 -20.29 -17.55 -37.87
CA LEU C 598 -20.86 -17.98 -36.60
C LEU C 598 -21.45 -19.38 -36.71
N ALA C 599 -22.27 -19.60 -37.72
CA ALA C 599 -22.89 -20.90 -37.95
C ALA C 599 -21.84 -21.99 -38.08
N GLU C 600 -20.79 -21.70 -38.83
CA GLU C 600 -19.72 -22.66 -39.05
C GLU C 600 -18.96 -22.95 -37.75
N ALA C 601 -18.71 -21.91 -36.97
CA ALA C 601 -18.07 -22.06 -35.68
C ALA C 601 -18.89 -22.97 -34.77
N MET C 602 -20.20 -22.89 -34.91
CA MET C 602 -21.13 -23.67 -34.10
C MET C 602 -21.33 -25.09 -34.64
N GLY C 603 -20.88 -25.34 -35.87
CA GLY C 603 -20.96 -26.67 -36.44
C GLY C 603 -22.05 -26.85 -37.48
N LEU C 604 -22.57 -25.74 -37.99
CA LEU C 604 -23.63 -25.77 -39.01
C LEU C 604 -23.10 -25.33 -40.36
N LYS C 605 -23.88 -25.58 -41.40
CA LYS C 605 -23.64 -24.98 -42.70
C LYS C 605 -24.18 -23.55 -42.66
N GLY C 606 -23.44 -22.62 -43.25
CA GLY C 606 -23.86 -21.23 -43.32
C GLY C 606 -24.03 -20.76 -44.76
N LEU C 607 -25.18 -20.17 -45.06
CA LEU C 607 -25.45 -19.63 -46.38
C LEU C 607 -25.86 -18.16 -46.28
N ARG C 608 -25.44 -17.37 -47.26
CA ARG C 608 -25.80 -15.95 -47.31
C ARG C 608 -26.27 -15.57 -48.71
N VAL C 609 -27.28 -14.70 -48.77
CA VAL C 609 -27.70 -14.15 -50.06
C VAL C 609 -27.89 -12.63 -49.92
N LYS C 610 -27.46 -11.90 -50.95
CA LYS C 610 -27.64 -10.45 -51.02
C LYS C 610 -28.40 -10.09 -52.28
N LYS C 611 -28.09 -10.76 -53.38
CA LYS C 611 -28.66 -10.45 -54.68
C LYS C 611 -30.00 -11.13 -54.89
N GLN C 612 -30.90 -10.46 -55.60
CA GLN C 612 -32.22 -11.00 -55.91
C GLN C 612 -32.12 -12.29 -56.72
N GLU C 613 -31.15 -12.34 -57.62
CA GLU C 613 -31.01 -13.44 -58.57
C GLU C 613 -30.63 -14.76 -57.88
N GLU C 614 -30.02 -14.66 -56.72
CA GLU C 614 -29.54 -15.85 -56.01
C GLU C 614 -30.53 -16.37 -54.98
N LEU C 615 -31.61 -15.62 -54.75
CA LEU C 615 -32.56 -15.96 -53.68
C LEU C 615 -33.21 -17.32 -53.88
N ASP C 616 -33.77 -17.55 -55.06
CA ASP C 616 -34.47 -18.80 -55.36
C ASP C 616 -33.59 -20.03 -55.15
N ALA C 617 -32.38 -20.00 -55.67
CA ALA C 617 -31.46 -21.12 -55.54
C ALA C 617 -31.01 -21.31 -54.09
N LYS C 618 -30.76 -20.21 -53.40
CA LYS C 618 -30.30 -20.28 -52.01
C LYS C 618 -31.38 -20.86 -51.12
N LEU C 619 -32.63 -20.48 -51.37
CA LEU C 619 -33.76 -21.00 -50.60
C LEU C 619 -33.91 -22.50 -50.79
N LYS C 620 -33.73 -22.98 -52.03
CA LYS C 620 -33.84 -24.40 -52.31
C LYS C 620 -32.71 -25.19 -51.65
N GLU C 621 -31.49 -24.68 -51.76
CA GLU C 621 -30.34 -25.31 -51.14
C GLU C 621 -30.50 -25.32 -49.62
N PHE C 622 -31.04 -24.22 -49.10
CA PHE C 622 -31.33 -24.08 -47.68
C PHE C 622 -32.21 -25.20 -47.17
N VAL C 623 -33.36 -25.36 -47.80
CA VAL C 623 -34.35 -26.35 -47.40
C VAL C 623 -33.89 -27.78 -47.71
N SER C 624 -33.14 -27.96 -48.79
CA SER C 624 -32.71 -29.28 -49.22
C SER C 624 -31.49 -29.78 -48.45
N THR C 625 -30.89 -28.90 -47.65
CA THR C 625 -29.69 -29.25 -46.91
C THR C 625 -29.98 -30.35 -45.88
N LYS C 626 -29.13 -31.37 -45.88
CA LYS C 626 -29.19 -32.42 -44.90
C LYS C 626 -28.47 -31.99 -43.62
N GLY C 627 -29.21 -31.89 -42.53
CA GLY C 627 -28.63 -31.42 -41.27
C GLY C 627 -29.02 -29.99 -40.97
N PRO C 628 -28.54 -29.46 -39.82
CA PRO C 628 -28.84 -28.09 -39.43
C PRO C 628 -28.12 -27.07 -40.32
N VAL C 629 -28.78 -25.96 -40.61
CA VAL C 629 -28.21 -24.99 -41.54
C VAL C 629 -28.76 -23.60 -41.25
N LEU C 630 -27.94 -22.58 -41.44
CA LEU C 630 -28.36 -21.20 -41.28
C LEU C 630 -28.29 -20.47 -42.62
N LEU C 631 -29.37 -19.76 -42.95
CA LEU C 631 -29.38 -18.91 -44.14
C LEU C 631 -29.65 -17.47 -43.75
N GLU C 632 -28.67 -16.60 -43.98
CA GLU C 632 -28.86 -15.17 -43.79
C GLU C 632 -29.29 -14.53 -45.09
N VAL C 633 -30.42 -13.83 -45.05
CA VAL C 633 -30.84 -13.04 -46.19
C VAL C 633 -30.73 -11.56 -45.87
N GLU C 634 -29.91 -10.84 -46.62
CA GLU C 634 -29.85 -9.39 -46.48
C GLU C 634 -31.10 -8.77 -47.08
N VAL C 635 -31.91 -8.14 -46.24
CA VAL C 635 -33.16 -7.55 -46.70
C VAL C 635 -33.14 -6.03 -46.54
N ASP C 636 -34.07 -5.37 -47.22
CA ASP C 636 -34.15 -3.91 -47.18
C ASP C 636 -34.49 -3.42 -45.77
N LYS C 637 -34.04 -2.22 -45.46
CA LYS C 637 -34.13 -1.68 -44.10
C LYS C 637 -35.21 -0.63 -43.96
N LYS C 638 -35.66 -0.43 -42.72
CA LYS C 638 -36.65 0.60 -42.39
C LYS C 638 -37.93 0.42 -43.20
N VAL C 639 -38.35 -0.83 -43.34
CA VAL C 639 -39.59 -1.16 -44.04
C VAL C 639 -40.68 -1.49 -43.03
N PRO C 640 -41.77 -0.72 -43.04
CA PRO C 640 -42.84 -0.90 -42.05
C PRO C 640 -43.73 -2.10 -42.35
N VAL C 641 -44.16 -2.80 -41.30
CA VAL C 641 -45.17 -3.83 -41.42
C VAL C 641 -46.53 -3.16 -41.55
N LEU C 642 -47.20 -3.41 -42.68
CA LEU C 642 -48.53 -2.86 -42.91
C LEU C 642 -49.47 -4.01 -43.33
N PRO C 643 -50.78 -3.87 -43.05
CA PRO C 643 -51.47 -2.76 -42.39
C PRO C 643 -51.10 -2.61 -40.91
N MET C 644 -51.49 -1.48 -40.32
CA MET C 644 -51.20 -1.25 -38.91
C MET C 644 -52.31 -0.47 -38.21
N VAL C 645 -52.81 -1.03 -37.13
CA VAL C 645 -53.76 -0.34 -36.27
C VAL C 645 -53.04 0.09 -34.99
N ALA C 646 -52.82 1.40 -34.85
CA ALA C 646 -52.12 1.91 -33.67
C ALA C 646 -52.74 3.19 -33.17
N GLY C 647 -52.34 3.61 -31.98
CA GLY C 647 -52.91 4.78 -31.34
C GLY C 647 -54.29 4.45 -30.79
N GLY C 648 -55.25 5.32 -31.06
CA GLY C 648 -56.62 5.07 -30.65
C GLY C 648 -57.46 4.58 -31.82
N SER C 649 -56.78 4.10 -32.86
CA SER C 649 -57.46 3.67 -34.08
C SER C 649 -58.28 2.41 -33.85
N GLY C 650 -59.44 2.34 -34.50
CA GLY C 650 -60.24 1.14 -34.50
C GLY C 650 -59.68 0.19 -35.54
N LEU C 651 -60.21 -1.03 -35.59
CA LEU C 651 -59.74 -2.03 -36.54
C LEU C 651 -59.96 -1.59 -37.99
N ASP C 652 -60.97 -0.77 -38.21
CA ASP C 652 -61.28 -0.27 -39.54
C ASP C 652 -60.52 1.03 -39.84
N GLU C 653 -59.75 1.49 -38.87
CA GLU C 653 -58.97 2.73 -39.02
C GLU C 653 -57.49 2.43 -39.14
N PHE C 654 -57.17 1.44 -39.96
CA PHE C 654 -55.80 0.97 -40.14
C PHE C 654 -55.01 1.84 -41.10
N ILE C 655 -53.69 1.82 -40.94
CA ILE C 655 -52.79 2.44 -41.91
C ILE C 655 -52.50 1.42 -43.00
N ASN C 656 -52.63 1.84 -44.27
CA ASN C 656 -52.42 0.92 -45.37
C ASN C 656 -51.16 1.25 -46.16
N PHE C 657 -50.67 0.30 -46.94
CA PHE C 657 -49.48 0.53 -47.76
C PHE C 657 -49.76 1.51 -48.89
N ASP C 658 -48.79 2.39 -49.14
CA ASP C 658 -48.87 3.36 -50.22
C ASP C 658 -47.45 3.63 -50.70
N PRO C 659 -47.14 3.26 -51.95
CA PRO C 659 -45.79 3.37 -52.51
C PRO C 659 -45.26 4.81 -52.47
N GLU C 660 -46.12 5.79 -52.70
CA GLU C 660 -45.70 7.18 -52.66
C GLU C 660 -45.40 7.63 -51.23
N VAL C 661 -46.19 7.12 -50.29
CA VAL C 661 -45.97 7.43 -48.89
C VAL C 661 -44.62 6.87 -48.41
N GLU C 662 -44.27 5.68 -48.89
CA GLU C 662 -43.00 5.07 -48.53
C GLU C 662 -41.82 5.89 -49.05
N ARG C 663 -41.95 6.38 -50.28
CA ARG C 663 -40.89 7.18 -50.89
C ARG C 663 -40.70 8.51 -50.18
N GLN C 664 -41.82 9.11 -49.76
CA GLN C 664 -41.76 10.35 -49.00
C GLN C 664 -41.14 10.10 -47.64
N GLN C 665 -41.55 9.00 -47.00
CA GLN C 665 -41.00 8.60 -45.70
C GLN C 665 -39.51 8.35 -45.79
N THR C 666 -39.07 7.76 -46.89
CA THR C 666 -37.66 7.50 -47.13
C THR C 666 -36.86 8.81 -47.14
N GLU C 667 -37.35 9.79 -47.90
CA GLU C 667 -36.67 11.07 -48.01
C GLU C 667 -36.68 11.85 -46.70
N LEU C 668 -37.79 11.75 -45.97
CA LEU C 668 -37.89 12.42 -44.67
C LEU C 668 -36.94 11.78 -43.67
N ARG C 669 -36.80 10.47 -43.75
CA ARG C 669 -35.90 9.72 -42.87
C ARG C 669 -34.45 10.09 -43.14
N HIS C 670 -34.11 10.30 -44.40
CA HIS C 670 -32.76 10.70 -44.78
C HIS C 670 -32.42 12.09 -44.25
N LYS C 671 -33.37 13.01 -44.35
CA LYS C 671 -33.21 14.35 -43.81
C LYS C 671 -32.94 14.34 -42.31
N ARG C 672 -33.79 13.63 -41.57
CA ARG C 672 -33.77 13.66 -40.12
C ARG C 672 -32.60 12.88 -39.52
N THR C 673 -32.07 11.92 -40.27
CA THR C 673 -30.94 11.13 -39.76
C THR C 673 -29.63 11.53 -40.43
N GLY C 674 -29.69 12.59 -41.23
CA GLY C 674 -28.51 13.07 -41.94
C GLY C 674 -27.94 12.04 -42.89
N GLY C 675 -28.82 11.26 -43.52
CA GLY C 675 -28.40 10.28 -44.51
C GLY C 675 -27.93 8.96 -43.93
N LYS C 676 -27.91 8.87 -42.60
CA LYS C 676 -27.43 7.66 -41.93
C LYS C 676 -28.42 6.50 -42.09
N HIS C 677 -29.70 6.83 -42.20
CA HIS C 677 -30.74 5.81 -42.33
C HIS C 677 -31.75 6.16 -43.41
N ASP D 74 -1.93 41.08 25.26
CA ASP D 74 -2.43 40.04 26.15
C ASP D 74 -1.28 39.32 26.86
N MET D 75 -1.32 39.30 28.19
CA MET D 75 -0.23 38.75 28.99
C MET D 75 -0.60 37.43 29.66
N ASP D 76 0.41 36.61 29.91
CA ASP D 76 0.23 35.33 30.58
C ASP D 76 1.07 35.29 31.86
N THR D 77 0.44 34.98 32.98
CA THR D 77 1.11 35.01 34.27
C THR D 77 1.33 33.61 34.86
N SER D 78 0.98 32.58 34.10
CA SER D 78 0.99 31.22 34.62
C SER D 78 2.39 30.69 34.94
N PHE D 79 3.41 31.19 34.24
CA PHE D 79 4.77 30.74 34.47
C PHE D 79 5.49 31.57 35.54
N VAL D 80 4.86 32.64 36.00
CA VAL D 80 5.43 33.48 37.05
C VAL D 80 5.72 32.65 38.30
N GLY D 81 6.95 32.74 38.80
CA GLY D 81 7.36 32.00 39.98
C GLY D 81 8.20 30.78 39.68
N LEU D 82 8.16 30.33 38.43
CA LEU D 82 8.92 29.17 38.01
C LEU D 82 10.32 29.55 37.55
N THR D 83 11.27 28.64 37.72
CA THR D 83 12.60 28.85 37.18
C THR D 83 12.59 28.63 35.68
N GLY D 84 13.62 29.12 34.99
CA GLY D 84 13.78 28.86 33.59
C GLY D 84 13.79 27.37 33.29
N GLY D 85 14.46 26.61 34.15
CA GLY D 85 14.50 25.17 34.01
C GLY D 85 13.12 24.56 34.08
N GLN D 86 12.34 25.00 35.06
CA GLN D 86 10.98 24.51 35.24
C GLN D 86 10.12 24.88 34.04
N ILE D 87 10.33 26.06 33.49
CA ILE D 87 9.62 26.50 32.30
C ILE D 87 9.98 25.62 31.09
N PHE D 88 11.26 25.31 30.96
CA PHE D 88 11.72 24.40 29.92
C PHE D 88 10.97 23.06 29.98
N ASN D 89 10.90 22.51 31.18
CA ASN D 89 10.22 21.24 31.44
C ASN D 89 8.76 21.31 30.99
N GLU D 90 8.09 22.40 31.35
CA GLU D 90 6.70 22.60 30.96
C GLU D 90 6.53 22.75 29.46
N MET D 91 7.47 23.43 28.82
CA MET D 91 7.39 23.66 27.39
C MET D 91 7.57 22.36 26.60
N MET D 92 8.21 21.37 27.20
CA MET D 92 8.42 20.09 26.52
C MET D 92 7.09 19.35 26.29
N SER D 93 6.22 19.34 27.29
CA SER D 93 4.95 18.66 27.13
C SER D 93 4.01 19.48 26.25
N ARG D 94 4.19 20.80 26.24
CA ARG D 94 3.39 21.67 25.38
C ARG D 94 3.84 21.51 23.92
N GLN D 95 5.07 21.07 23.72
CA GLN D 95 5.61 20.85 22.38
C GLN D 95 5.52 19.39 21.95
N ASN D 96 4.77 18.58 22.71
CA ASN D 96 4.55 17.18 22.38
C ASN D 96 5.85 16.37 22.31
N VAL D 97 6.80 16.70 23.17
CA VAL D 97 8.06 15.98 23.25
C VAL D 97 7.92 14.77 24.16
N ASP D 98 8.22 13.57 23.65
CA ASP D 98 8.09 12.36 24.47
C ASP D 98 9.45 11.74 24.76
N THR D 99 10.50 12.28 24.15
CA THR D 99 11.84 11.74 24.33
C THR D 99 12.90 12.82 24.27
N VAL D 100 13.81 12.80 25.23
CA VAL D 100 14.94 13.73 25.24
C VAL D 100 16.25 12.95 25.34
N PHE D 101 17.18 13.26 24.44
CA PHE D 101 18.51 12.66 24.45
C PHE D 101 19.49 13.69 25.00
N GLY D 102 20.30 13.30 25.97
CA GLY D 102 21.21 14.26 26.55
C GLY D 102 22.21 13.76 27.56
N TYR D 103 23.05 14.68 28.04
CA TYR D 103 24.11 14.40 28.98
C TYR D 103 24.32 15.65 29.81
N PRO D 104 24.34 15.51 31.14
CA PRO D 104 24.39 16.67 32.03
C PRO D 104 25.78 17.29 32.19
N GLY D 105 25.81 18.47 32.79
CA GLY D 105 27.04 19.19 33.06
C GLY D 105 26.70 20.45 33.85
N GLY D 106 27.71 21.19 34.25
CA GLY D 106 27.52 22.34 35.13
C GLY D 106 26.53 23.39 34.62
N ALA D 107 26.75 23.87 33.41
CA ALA D 107 25.95 24.97 32.87
C ALA D 107 24.47 24.60 32.70
N ILE D 108 24.20 23.33 32.48
CA ILE D 108 22.83 22.90 32.17
C ILE D 108 22.15 22.23 33.36
N LEU D 109 22.82 22.22 34.50
CA LEU D 109 22.33 21.67 35.76
C LEU D 109 21.00 22.21 36.26
N PRO D 110 20.73 23.50 36.06
CA PRO D 110 19.41 24.00 36.48
C PRO D 110 18.25 23.37 35.69
N VAL D 111 18.51 22.99 34.45
CA VAL D 111 17.48 22.34 33.64
C VAL D 111 17.36 20.88 34.04
N TYR D 112 18.49 20.24 34.33
CA TYR D 112 18.47 18.83 34.71
C TYR D 112 17.79 18.62 36.06
N ASP D 113 17.92 19.59 36.96
CA ASP D 113 17.21 19.49 38.23
C ASP D 113 15.71 19.62 38.01
N ALA D 114 15.30 20.38 37.01
CA ALA D 114 13.89 20.59 36.74
C ALA D 114 13.23 19.38 36.08
N ILE D 115 13.99 18.65 35.28
CA ILE D 115 13.45 17.47 34.59
C ILE D 115 13.72 16.19 35.37
N HIS D 116 14.24 16.33 36.58
CA HIS D 116 14.52 15.19 37.45
C HIS D 116 13.24 14.40 37.72
N ASN D 117 13.25 13.12 37.33
CA ASN D 117 12.13 12.21 37.49
C ASN D 117 10.84 12.67 36.80
N SER D 118 11.00 13.55 35.83
CA SER D 118 9.86 14.07 35.09
C SER D 118 9.19 12.95 34.30
N ASP D 119 7.86 12.89 34.33
CA ASP D 119 7.17 11.89 33.54
C ASP D 119 6.57 12.49 32.28
N LYS D 120 7.07 13.66 31.88
CA LYS D 120 6.64 14.30 30.65
C LYS D 120 7.24 13.59 29.43
N PHE D 121 8.40 12.98 29.63
CA PHE D 121 9.12 12.36 28.54
C PHE D 121 10.10 11.32 29.05
N ASN D 122 10.55 10.44 28.16
CA ASN D 122 11.61 9.52 28.47
C ASN D 122 12.95 10.17 28.20
N PHE D 123 13.90 9.96 29.11
CA PHE D 123 15.24 10.50 28.92
C PHE D 123 16.20 9.39 28.51
N VAL D 124 17.00 9.64 27.48
CA VAL D 124 17.97 8.67 27.01
C VAL D 124 19.39 9.19 27.19
N LEU D 125 20.20 8.44 27.94
CA LEU D 125 21.56 8.82 28.27
C LEU D 125 22.59 8.02 27.47
N PRO D 126 23.34 8.71 26.60
CA PRO D 126 24.44 8.09 25.85
C PRO D 126 25.72 8.10 26.66
N LYS D 127 26.83 7.73 26.05
CA LYS D 127 28.14 7.84 26.69
C LYS D 127 28.87 9.08 26.18
N HIS D 128 28.41 9.60 25.05
CA HIS D 128 29.04 10.71 24.36
C HIS D 128 27.95 11.56 23.71
N GLU D 129 28.10 12.89 23.75
CA GLU D 129 27.07 13.77 23.21
C GLU D 129 26.84 13.58 21.71
N GLN D 130 27.87 13.16 20.99
CA GLN D 130 27.69 12.84 19.57
C GLN D 130 26.66 11.73 19.43
N GLY D 131 26.70 10.77 20.35
CA GLY D 131 25.72 9.70 20.40
C GLY D 131 24.31 10.22 20.59
N ALA D 132 24.15 11.17 21.53
CA ALA D 132 22.85 11.81 21.75
C ALA D 132 22.32 12.45 20.47
N GLY D 133 23.21 13.14 19.75
CA GLY D 133 22.84 13.80 18.52
C GLY D 133 22.36 12.84 17.45
N HIS D 134 23.15 11.79 17.20
CA HIS D 134 22.80 10.80 16.18
C HIS D 134 21.58 9.97 16.60
N MET D 135 21.42 9.74 17.90
CA MET D 135 20.23 9.07 18.40
C MET D 135 18.98 9.89 18.09
N ALA D 136 19.06 11.20 18.35
CA ALA D 136 17.94 12.10 18.08
C ALA D 136 17.61 12.12 16.59
N GLU D 137 18.65 12.05 15.75
CA GLU D 137 18.45 11.98 14.31
C GLU D 137 17.69 10.72 13.91
N GLY D 138 18.16 9.58 14.38
CA GLY D 138 17.51 8.31 14.10
C GLY D 138 16.08 8.30 14.62
N TYR D 139 15.89 8.89 15.80
CA TYR D 139 14.56 9.04 16.37
C TYR D 139 13.67 9.87 15.45
N ALA D 140 14.19 11.00 14.99
CA ALA D 140 13.44 11.89 14.12
C ALA D 140 13.05 11.22 12.81
N ARG D 141 13.99 10.51 12.20
CA ARG D 141 13.76 9.83 10.93
C ARG D 141 12.69 8.75 11.05
N ALA D 142 12.65 8.09 12.19
CA ALA D 142 11.73 6.96 12.38
C ALA D 142 10.35 7.44 12.81
N SER D 143 10.30 8.54 13.55
CA SER D 143 9.05 9.01 14.15
C SER D 143 8.38 10.12 13.35
N GLY D 144 9.17 10.97 12.70
CA GLY D 144 8.62 12.13 12.02
C GLY D 144 8.47 13.31 12.97
N LYS D 145 8.95 13.13 14.20
CA LYS D 145 8.94 14.20 15.20
C LYS D 145 10.36 14.74 15.34
N PRO D 146 10.51 15.99 15.78
CA PRO D 146 11.87 16.53 15.95
C PRO D 146 12.63 15.80 17.05
N GLY D 147 13.93 15.58 16.84
CA GLY D 147 14.78 14.98 17.84
C GLY D 147 15.26 16.06 18.80
N VAL D 148 15.14 15.80 20.09
CA VAL D 148 15.47 16.83 21.09
C VAL D 148 16.72 16.47 21.88
N VAL D 149 17.71 17.36 21.86
CA VAL D 149 18.99 17.12 22.51
C VAL D 149 19.22 18.13 23.65
N LEU D 150 19.71 17.63 24.78
CA LEU D 150 19.95 18.47 25.95
C LEU D 150 21.34 18.22 26.52
N VAL D 151 22.29 19.11 26.23
CA VAL D 151 23.66 18.93 26.68
C VAL D 151 24.21 20.18 27.36
N THR D 152 25.41 20.07 27.92
CA THR D 152 25.98 21.18 28.68
C THR D 152 26.82 22.09 27.78
N SER D 153 27.46 23.08 28.38
CA SER D 153 28.27 24.03 27.63
C SER D 153 29.61 23.43 27.23
N GLY D 154 30.44 24.25 26.59
CA GLY D 154 31.78 23.86 26.23
C GLY D 154 31.85 22.58 25.42
N PRO D 155 32.54 21.56 25.97
CA PRO D 155 32.76 20.29 25.27
C PRO D 155 31.44 19.56 24.99
N GLY D 156 30.45 19.78 25.84
CA GLY D 156 29.14 19.19 25.61
C GLY D 156 28.55 19.70 24.31
N ALA D 157 28.64 21.01 24.10
CA ALA D 157 28.09 21.63 22.91
C ALA D 157 28.91 21.32 21.65
N THR D 158 30.22 21.39 21.74
CA THR D 158 31.06 21.13 20.58
C THR D 158 30.95 19.67 20.14
N ASN D 159 30.59 18.79 21.07
CA ASN D 159 30.44 17.37 20.75
C ASN D 159 29.19 17.05 19.94
N VAL D 160 28.28 18.01 19.79
CA VAL D 160 27.09 17.77 18.97
C VAL D 160 27.14 18.53 17.63
N VAL D 161 28.31 19.08 17.31
CA VAL D 161 28.47 19.83 16.06
C VAL D 161 28.33 18.90 14.84
N THR D 162 28.95 17.73 14.89
CA THR D 162 28.85 16.78 13.80
C THR D 162 27.40 16.30 13.55
N PRO D 163 26.66 15.91 14.61
CA PRO D 163 25.26 15.57 14.37
C PRO D 163 24.41 16.71 13.79
N MET D 164 24.65 17.94 14.22
CA MET D 164 23.90 19.07 13.68
C MET D 164 24.20 19.26 12.21
N ALA D 165 25.48 19.23 11.85
CA ALA D 165 25.89 19.33 10.46
C ALA D 165 25.32 18.17 9.65
N ASP D 166 25.24 17.00 10.28
CA ASP D 166 24.67 15.83 9.64
C ASP D 166 23.18 16.01 9.38
N ALA D 167 22.45 16.49 10.39
CA ALA D 167 21.03 16.75 10.26
C ALA D 167 20.76 17.87 9.26
N PHE D 168 21.67 18.84 9.21
CA PHE D 168 21.54 19.97 8.29
C PHE D 168 21.64 19.49 6.84
N ALA D 169 22.61 18.63 6.57
CA ALA D 169 22.81 18.11 5.22
C ALA D 169 21.65 17.23 4.75
N ASP D 170 21.05 16.48 5.67
CA ASP D 170 20.01 15.51 5.30
C ASP D 170 18.59 15.98 5.64
N GLY D 171 18.45 17.21 6.10
CA GLY D 171 17.15 17.79 6.36
C GLY D 171 16.39 17.12 7.50
N ILE D 172 17.08 16.91 8.63
CA ILE D 172 16.48 16.21 9.78
C ILE D 172 16.08 17.20 10.86
N PRO D 173 14.80 17.17 11.26
CA PRO D 173 14.32 18.09 12.31
C PRO D 173 14.94 17.76 13.66
N MET D 174 15.61 18.74 14.26
CA MET D 174 16.29 18.52 15.52
C MET D 174 16.38 19.84 16.30
N VAL D 175 16.06 19.78 17.59
CA VAL D 175 16.21 20.95 18.43
C VAL D 175 17.28 20.66 19.47
N VAL D 176 18.40 21.37 19.37
CA VAL D 176 19.52 21.13 20.26
C VAL D 176 19.60 22.22 21.32
N PHE D 177 19.44 21.80 22.57
CA PHE D 177 19.57 22.70 23.71
C PHE D 177 20.94 22.57 24.34
N THR D 178 21.72 23.64 24.30
CA THR D 178 23.04 23.64 24.91
C THR D 178 23.06 24.58 26.10
N GLY D 179 23.52 24.08 27.24
CA GLY D 179 23.75 24.93 28.39
C GLY D 179 24.85 25.91 28.03
N GLN D 180 24.85 27.06 28.68
CA GLN D 180 25.87 28.07 28.42
C GLN D 180 26.32 28.66 29.75
N VAL D 181 27.53 29.20 29.78
CA VAL D 181 28.02 29.91 30.97
C VAL D 181 27.09 31.08 31.28
N PRO D 182 27.07 31.54 32.54
CA PRO D 182 26.22 32.67 32.91
C PRO D 182 26.45 33.89 32.02
N THR D 183 25.39 34.63 31.72
CA THR D 183 25.47 35.79 30.83
C THR D 183 26.60 36.76 31.19
N SER D 184 26.85 36.93 32.48
CA SER D 184 27.91 37.84 32.92
C SER D 184 29.31 37.30 32.61
N ALA D 185 29.40 36.01 32.30
CA ALA D 185 30.69 35.38 32.02
C ALA D 185 30.93 35.21 30.52
N ILE D 186 29.89 35.40 29.72
CA ILE D 186 29.98 35.21 28.28
C ILE D 186 30.92 36.24 27.66
N GLY D 187 31.86 35.76 26.84
CA GLY D 187 32.80 36.62 26.17
C GLY D 187 34.04 36.93 27.00
N THR D 188 34.16 36.28 28.16
CA THR D 188 35.32 36.47 29.02
C THR D 188 36.27 35.28 28.99
N ASP D 189 36.05 34.37 28.05
CA ASP D 189 36.79 33.11 27.97
C ASP D 189 36.66 32.34 29.28
N ALA D 190 35.42 32.04 29.64
CA ALA D 190 35.12 31.41 30.92
C ALA D 190 35.33 29.91 30.87
N PHE D 191 35.26 29.30 32.04
CA PHE D 191 35.28 27.84 32.19
C PHE D 191 34.21 27.21 31.33
N GLN D 192 34.59 26.26 30.50
CA GLN D 192 33.67 25.59 29.63
C GLN D 192 32.83 26.49 28.76
N GLU D 193 33.40 27.56 28.29
CA GLU D 193 32.68 28.46 27.39
C GLU D 193 33.07 28.21 25.94
N ALA D 194 32.06 28.02 25.10
CA ALA D 194 32.27 27.98 23.66
C ALA D 194 31.33 28.96 22.98
N ASP D 195 31.78 29.54 21.88
CA ASP D 195 30.94 30.38 21.05
C ASP D 195 30.10 29.47 20.14
N VAL D 196 29.13 28.81 20.76
CA VAL D 196 28.32 27.78 20.10
C VAL D 196 27.40 28.34 19.03
N VAL D 197 26.85 29.51 19.29
CA VAL D 197 26.02 30.19 18.31
C VAL D 197 26.82 30.51 17.06
N GLY D 198 28.09 30.88 17.25
CA GLY D 198 28.98 31.14 16.13
C GLY D 198 29.43 29.87 15.44
N ILE D 199 29.81 28.87 16.22
CA ILE D 199 30.26 27.59 15.67
C ILE D 199 29.18 26.92 14.82
N SER D 200 27.94 26.95 15.32
CA SER D 200 26.86 26.20 14.69
C SER D 200 26.06 27.00 13.66
N ARG D 201 26.47 28.23 13.40
CA ARG D 201 25.69 29.09 12.51
C ARG D 201 25.55 28.49 11.11
N SER D 202 26.64 27.97 10.56
CA SER D 202 26.62 27.43 9.21
C SER D 202 26.03 26.02 9.12
N CYS D 203 25.77 25.38 10.25
CA CYS D 203 25.24 24.02 10.22
C CYS D 203 23.92 23.87 10.98
N THR D 204 23.19 24.98 11.12
CA THR D 204 21.81 24.95 11.62
C THR D 204 20.93 25.84 10.75
N LYS D 205 19.63 25.57 10.71
CA LYS D 205 18.69 26.44 10.02
C LYS D 205 18.60 27.80 10.70
N TRP D 206 18.84 27.78 12.00
CA TRP D 206 18.66 28.93 12.86
C TRP D 206 19.23 28.57 14.22
N ASN D 207 19.78 29.56 14.92
CA ASN D 207 20.10 29.36 16.31
C ASN D 207 19.87 30.64 17.08
N VAL D 208 19.98 30.56 18.40
CA VAL D 208 19.66 31.70 19.24
C VAL D 208 20.21 31.50 20.64
N MET D 209 20.64 32.59 21.27
CA MET D 209 20.96 32.54 22.69
C MET D 209 19.85 33.23 23.48
N VAL D 210 19.24 32.48 24.39
CA VAL D 210 18.22 33.04 25.27
C VAL D 210 18.88 33.96 26.29
N LYS D 211 18.46 35.22 26.32
CA LYS D 211 19.17 36.21 27.14
C LYS D 211 18.42 36.55 28.42
N SER D 212 17.19 36.07 28.53
CA SER D 212 16.39 36.26 29.74
C SER D 212 15.35 35.16 29.84
N VAL D 213 14.89 34.89 31.06
CA VAL D 213 13.89 33.84 31.26
C VAL D 213 12.59 34.24 30.58
N GLU D 214 12.33 35.55 30.48
CA GLU D 214 11.12 36.07 29.85
C GLU D 214 10.92 35.59 28.41
N GLU D 215 12.01 35.44 27.65
CA GLU D 215 11.91 35.09 26.25
C GLU D 215 12.15 33.59 26.00
N LEU D 216 12.29 32.82 27.07
CA LEU D 216 12.55 31.39 26.93
C LEU D 216 11.43 30.63 26.21
N PRO D 217 10.15 30.81 26.61
CA PRO D 217 9.12 30.08 25.86
C PRO D 217 9.04 30.50 24.39
N LEU D 218 9.22 31.79 24.12
CA LEU D 218 9.22 32.30 22.75
C LEU D 218 10.26 31.59 21.89
N ARG D 219 11.49 31.51 22.40
CA ARG D 219 12.60 30.94 21.66
C ARG D 219 12.40 29.44 21.44
N ILE D 220 11.84 28.77 22.44
CA ILE D 220 11.56 27.34 22.32
C ILE D 220 10.53 27.11 21.22
N ASN D 221 9.49 27.94 21.22
CA ASN D 221 8.45 27.81 20.21
C ASN D 221 8.95 28.11 18.80
N GLU D 222 9.82 29.11 18.68
CA GLU D 222 10.40 29.45 17.38
C GLU D 222 11.32 28.34 16.88
N ALA D 223 12.09 27.75 17.79
CA ALA D 223 13.02 26.68 17.46
C ALA D 223 12.30 25.48 16.85
N PHE D 224 11.28 24.97 17.56
CA PHE D 224 10.52 23.81 17.09
C PHE D 224 9.81 24.08 15.76
N GLU D 225 9.31 25.30 15.58
CA GLU D 225 8.61 25.63 14.35
C GLU D 225 9.58 25.65 13.17
N ILE D 226 10.72 26.30 13.34
CA ILE D 226 11.71 26.41 12.28
C ILE D 226 12.30 25.04 11.95
N ALA D 227 12.50 24.22 12.96
CA ALA D 227 13.09 22.89 12.77
C ALA D 227 12.18 22.00 11.93
N THR D 228 10.87 22.18 12.06
CA THR D 228 9.93 21.24 11.46
C THR D 228 9.20 21.80 10.23
N SER D 229 9.46 23.05 9.88
CA SER D 229 8.80 23.64 8.71
C SER D 229 9.77 23.72 7.51
N GLY D 230 9.23 24.06 6.35
CA GLY D 230 10.00 24.13 5.12
C GLY D 230 10.75 22.82 4.86
N ARG D 231 12.03 22.91 4.58
CA ARG D 231 12.89 21.74 4.65
C ARG D 231 13.33 21.59 6.09
N PRO D 232 12.95 20.47 6.73
CA PRO D 232 13.29 20.28 8.14
C PRO D 232 14.79 20.35 8.38
N GLY D 233 15.19 20.71 9.58
CA GLY D 233 16.60 20.82 9.89
C GLY D 233 16.83 21.07 11.35
N PRO D 234 18.12 21.10 11.75
CA PRO D 234 18.52 21.33 13.13
C PRO D 234 18.50 22.81 13.51
N VAL D 235 18.09 23.10 14.74
CA VAL D 235 18.19 24.44 15.31
C VAL D 235 18.85 24.32 16.68
N LEU D 236 19.59 25.34 17.08
CA LEU D 236 20.26 25.32 18.36
C LEU D 236 19.76 26.44 19.27
N VAL D 237 19.47 26.09 20.52
CA VAL D 237 19.07 27.07 21.51
C VAL D 237 20.07 27.09 22.67
N ASP D 238 20.75 28.20 22.83
CA ASP D 238 21.81 28.34 23.83
C ASP D 238 21.21 28.84 25.16
N LEU D 239 21.45 28.10 26.24
CA LEU D 239 20.78 28.35 27.51
C LEU D 239 21.73 28.70 28.65
N PRO D 240 21.99 30.01 28.85
CA PRO D 240 22.85 30.49 29.94
C PRO D 240 22.37 30.03 31.32
N LYS D 241 23.32 29.62 32.16
CA LYS D 241 22.98 29.01 33.45
C LYS D 241 22.14 29.93 34.33
N ASP D 242 22.43 31.23 34.29
CA ASP D 242 21.70 32.18 35.13
C ASP D 242 20.27 32.36 34.63
N VAL D 243 20.06 32.14 33.34
CA VAL D 243 18.73 32.23 32.75
C VAL D 243 17.84 31.05 33.17
N THR D 244 18.41 29.85 33.15
CA THR D 244 17.63 28.67 33.50
C THR D 244 17.46 28.55 35.01
N ALA D 245 18.35 29.17 35.78
CA ALA D 245 18.21 29.19 37.23
C ALA D 245 17.31 30.34 37.70
N ALA D 246 17.17 31.36 36.87
CA ALA D 246 16.38 32.54 37.25
C ALA D 246 14.91 32.23 37.37
N ILE D 247 14.25 32.90 38.32
CA ILE D 247 12.81 32.81 38.49
C ILE D 247 12.14 33.89 37.65
N LEU D 248 11.13 33.50 36.87
CA LEU D 248 10.37 34.46 36.09
C LEU D 248 9.53 35.34 37.02
N ARG D 249 9.76 36.64 36.96
CA ARG D 249 9.07 37.56 37.86
C ARG D 249 8.27 38.60 37.09
N ASN D 250 8.10 38.38 35.79
CA ASN D 250 7.26 39.23 34.97
C ASN D 250 6.29 38.41 34.13
N PRO D 251 5.04 38.88 34.02
CA PRO D 251 4.11 38.29 33.05
C PRO D 251 4.70 38.36 31.64
N ILE D 252 4.40 37.38 30.81
CA ILE D 252 4.91 37.37 29.44
C ILE D 252 3.75 37.21 28.46
N PRO D 253 3.91 37.72 27.23
CA PRO D 253 2.84 37.65 26.24
C PRO D 253 2.35 36.22 26.01
N THR D 254 1.06 36.05 26.02
CA THR D 254 0.45 34.76 25.84
C THR D 254 0.84 34.13 24.52
N LYS D 255 1.03 34.97 23.52
CA LYS D 255 1.40 34.53 22.21
C LYS D 255 2.77 33.85 22.19
N THR D 256 3.68 34.28 23.05
CA THR D 256 4.99 33.69 23.11
C THR D 256 5.01 32.39 23.85
N THR D 257 3.90 32.00 24.45
CA THR D 257 3.88 30.77 25.18
C THR D 257 3.10 29.72 24.48
N LEU D 258 2.43 30.10 23.43
CA LEU D 258 1.63 29.17 22.68
C LEU D 258 2.28 28.66 21.42
N PRO D 259 2.44 27.28 21.38
CA PRO D 259 3.05 26.80 20.15
C PRO D 259 2.30 27.26 18.93
N SER D 268 -1.45 33.66 1.18
CA SER D 268 -1.61 34.68 0.16
C SER D 268 -2.33 34.14 -1.06
N ARG D 269 -3.40 34.79 -1.46
CA ARG D 269 -4.19 34.33 -2.58
C ARG D 269 -3.47 34.34 -3.89
N ALA D 270 -2.59 35.29 -4.08
CA ALA D 270 -1.86 35.38 -5.31
C ALA D 270 -0.85 34.26 -5.39
N GLN D 271 -0.32 33.83 -4.26
CA GLN D 271 0.65 32.77 -4.21
C GLN D 271 0.01 31.45 -4.52
N ASP D 272 -1.17 31.22 -3.98
CA ASP D 272 -1.89 29.99 -4.21
C ASP D 272 -2.25 29.89 -5.66
N GLU D 273 -2.56 31.01 -6.27
CA GLU D 273 -2.93 31.04 -7.65
C GLU D 273 -1.74 30.85 -8.53
N PHE D 274 -0.61 31.31 -8.06
CA PHE D 274 0.60 31.14 -8.79
C PHE D 274 1.07 29.69 -8.73
N VAL D 275 0.89 29.04 -7.58
CA VAL D 275 1.29 27.65 -7.42
C VAL D 275 0.40 26.79 -8.29
N MET D 276 -0.87 27.11 -8.32
CA MET D 276 -1.79 26.38 -9.13
C MET D 276 -1.52 26.54 -10.60
N GLN D 277 -1.02 27.70 -10.98
CA GLN D 277 -0.64 28.00 -12.34
C GLN D 277 0.48 27.07 -12.74
N SER D 278 1.46 26.94 -11.87
CA SER D 278 2.59 26.13 -12.15
C SER D 278 2.27 24.65 -12.11
N ILE D 279 1.23 24.33 -11.39
CA ILE D 279 0.76 22.99 -11.30
C ILE D 279 0.09 22.64 -12.62
N ASN D 280 -0.61 23.59 -13.20
CA ASN D 280 -1.26 23.39 -14.45
C ASN D 280 -0.25 23.20 -15.54
N LYS D 281 0.84 23.94 -15.47
CA LYS D 281 1.85 23.86 -16.46
C LYS D 281 2.55 22.54 -16.42
N ALA D 282 2.82 22.07 -15.22
CA ALA D 282 3.49 20.79 -15.01
C ALA D 282 2.60 19.64 -15.45
N ALA D 283 1.30 19.75 -15.20
CA ALA D 283 0.36 18.75 -15.68
C ALA D 283 0.37 18.68 -17.21
N ASP D 284 0.46 19.84 -17.85
CA ASP D 284 0.50 19.91 -19.31
C ASP D 284 1.75 19.22 -19.85
N LEU D 285 2.89 19.43 -19.18
CA LEU D 285 4.14 18.80 -19.61
C LEU D 285 4.08 17.28 -19.45
N ILE D 286 3.52 16.83 -18.32
CA ILE D 286 3.41 15.40 -18.03
C ILE D 286 2.48 14.71 -19.03
N ASN D 287 1.38 15.36 -19.36
CA ASN D 287 0.43 14.80 -20.33
C ASN D 287 1.01 14.73 -21.73
N LEU D 288 2.14 15.41 -21.92
CA LEU D 288 2.79 15.47 -23.22
C LEU D 288 3.91 14.45 -23.35
N ALA D 289 4.47 14.03 -22.21
CA ALA D 289 5.65 13.18 -22.19
C ALA D 289 5.38 11.78 -22.75
N LYS D 290 6.38 11.22 -23.43
CA LYS D 290 6.27 9.87 -23.97
C LYS D 290 7.27 8.94 -23.29
N LYS D 291 8.29 9.51 -22.68
CA LYS D 291 9.26 8.73 -21.89
C LYS D 291 9.53 9.37 -20.52
N PRO D 292 8.49 9.51 -19.68
CA PRO D 292 8.69 10.20 -18.40
C PRO D 292 9.39 9.34 -17.36
N VAL D 293 10.11 10.00 -16.45
CA VAL D 293 10.69 9.32 -15.29
C VAL D 293 10.45 10.14 -14.04
N LEU D 294 9.90 9.49 -13.01
CA LEU D 294 9.77 10.12 -11.71
C LEU D 294 11.06 9.97 -10.91
N TYR D 295 11.66 11.10 -10.58
CA TYR D 295 12.91 11.14 -9.83
C TYR D 295 12.60 11.62 -8.40
N VAL D 296 12.58 10.66 -7.48
CA VAL D 296 11.99 10.88 -6.16
C VAL D 296 13.03 10.86 -5.04
N GLY D 297 12.92 11.81 -4.12
CA GLY D 297 13.85 11.89 -3.00
C GLY D 297 13.20 11.98 -1.64
N ALA D 298 13.98 12.40 -0.65
CA ALA D 298 13.54 12.43 0.75
C ALA D 298 12.29 13.28 0.98
N GLY D 299 12.07 14.28 0.13
CA GLY D 299 10.96 15.20 0.30
C GLY D 299 9.60 14.56 0.30
N ILE D 300 9.45 13.46 -0.43
CA ILE D 300 8.17 12.77 -0.50
C ILE D 300 7.83 12.10 0.83
N LEU D 301 8.84 11.88 1.67
CA LEU D 301 8.64 11.19 2.94
C LEU D 301 8.32 12.15 4.07
N ASN D 302 8.34 13.45 3.79
CA ASN D 302 8.03 14.43 4.82
C ASN D 302 6.54 14.71 4.91
N HIS D 303 5.74 13.84 4.30
CA HIS D 303 4.30 13.88 4.46
C HIS D 303 3.79 12.45 4.51
N ALA D 304 2.85 12.18 5.41
CA ALA D 304 2.35 10.83 5.63
C ALA D 304 1.76 10.20 4.36
N ASP D 305 1.15 11.04 3.53
CA ASP D 305 0.46 10.57 2.33
C ASP D 305 1.34 10.59 1.09
N GLY D 306 2.59 10.98 1.26
CA GLY D 306 3.55 11.08 0.17
C GLY D 306 3.67 9.85 -0.72
N PRO D 307 4.10 8.71 -0.14
CA PRO D 307 4.26 7.49 -0.94
C PRO D 307 2.96 7.06 -1.62
N ARG D 308 1.85 7.27 -0.94
CA ARG D 308 0.54 6.92 -1.48
C ARG D 308 0.22 7.72 -2.75
N LEU D 309 0.43 9.03 -2.71
CA LEU D 309 0.14 9.88 -3.86
C LEU D 309 1.15 9.66 -4.98
N LEU D 310 2.40 9.40 -4.61
CA LEU D 310 3.43 9.04 -5.58
C LEU D 310 2.99 7.83 -6.40
N LYS D 311 2.52 6.80 -5.69
CA LYS D 311 2.05 5.58 -6.34
C LYS D 311 0.86 5.87 -7.25
N GLU D 312 -0.07 6.68 -6.76
CA GLU D 312 -1.26 7.03 -7.54
C GLU D 312 -0.88 7.74 -8.85
N LEU D 313 0.07 8.67 -8.77
CA LEU D 313 0.55 9.36 -9.98
C LEU D 313 1.25 8.39 -10.91
N SER D 314 2.08 7.51 -10.34
CA SER D 314 2.79 6.52 -11.12
C SER D 314 1.83 5.59 -11.87
N ASP D 315 0.78 5.14 -11.20
CA ASP D 315 -0.19 4.23 -11.80
C ASP D 315 -1.08 4.92 -12.82
N ARG D 316 -1.45 6.16 -12.53
CA ARG D 316 -2.38 6.91 -13.37
C ARG D 316 -1.77 7.26 -14.72
N ALA D 317 -0.50 7.67 -14.70
CA ALA D 317 0.17 8.13 -15.92
C ALA D 317 1.21 7.13 -16.41
N GLN D 318 1.26 5.97 -15.74
CA GLN D 318 2.18 4.90 -16.09
C GLN D 318 3.63 5.39 -16.16
N ILE D 319 4.09 6.01 -15.08
CA ILE D 319 5.43 6.57 -15.02
C ILE D 319 6.34 5.74 -14.13
N PRO D 320 7.50 5.30 -14.66
CA PRO D 320 8.47 4.56 -13.85
C PRO D 320 9.09 5.46 -12.78
N VAL D 321 9.48 4.87 -11.67
CA VAL D 321 9.97 5.63 -10.52
C VAL D 321 11.36 5.18 -10.06
N THR D 322 12.31 6.12 -10.04
CA THR D 322 13.60 5.89 -9.38
C THR D 322 13.72 6.78 -8.15
N THR D 323 14.45 6.33 -7.15
CA THR D 323 14.66 7.16 -5.96
C THR D 323 16.13 7.39 -5.70
N THR D 324 16.43 8.48 -5.00
CA THR D 324 17.76 8.72 -4.45
C THR D 324 18.02 7.76 -3.30
N LEU D 325 19.22 7.80 -2.75
CA LEU D 325 19.54 7.09 -1.52
C LEU D 325 18.56 7.42 -0.42
N GLN D 326 18.16 8.69 -0.33
CA GLN D 326 17.32 9.14 0.77
C GLN D 326 15.83 9.02 0.49
N GLY D 327 15.49 8.56 -0.71
CA GLY D 327 14.12 8.30 -1.06
C GLY D 327 13.74 6.83 -0.97
N LEU D 328 14.73 5.99 -0.66
CA LEU D 328 14.48 4.55 -0.57
C LEU D 328 13.43 4.24 0.49
N GLY D 329 12.46 3.41 0.12
CA GLY D 329 11.35 3.11 1.00
C GLY D 329 10.08 3.87 0.61
N SER D 330 10.22 4.92 -0.20
CA SER D 330 9.06 5.70 -0.60
C SER D 330 8.29 5.01 -1.72
N PHE D 331 8.95 4.10 -2.42
CA PHE D 331 8.32 3.38 -3.52
C PHE D 331 8.55 1.88 -3.41
N ASP D 332 7.50 1.09 -3.64
CA ASP D 332 7.58 -0.35 -3.55
C ASP D 332 8.45 -0.92 -4.65
N GLN D 333 9.62 -1.44 -4.27
CA GLN D 333 10.59 -1.90 -5.26
C GLN D 333 10.20 -3.22 -5.92
N GLU D 334 9.11 -3.82 -5.46
CA GLU D 334 8.56 -5.02 -6.11
C GLU D 334 7.68 -4.64 -7.29
N ASP D 335 7.23 -3.38 -7.32
CA ASP D 335 6.38 -2.91 -8.39
C ASP D 335 7.13 -2.88 -9.71
N PRO D 336 6.49 -3.35 -10.79
CA PRO D 336 7.11 -3.40 -12.12
C PRO D 336 7.63 -2.04 -12.59
N LYS D 337 7.01 -0.95 -12.13
CA LYS D 337 7.43 0.38 -12.54
C LYS D 337 8.59 0.92 -11.71
N SER D 338 9.12 0.10 -10.80
CA SER D 338 10.24 0.53 -9.98
C SER D 338 11.56 0.43 -10.73
N LEU D 339 12.33 1.51 -10.68
CA LEU D 339 13.62 1.55 -11.37
C LEU D 339 14.78 1.30 -10.41
N ASP D 340 14.45 1.23 -9.12
CA ASP D 340 15.43 1.07 -8.03
C ASP D 340 16.21 2.39 -7.92
N MET D 341 17.38 2.37 -7.27
CA MET D 341 18.13 3.60 -6.99
C MET D 341 18.92 4.10 -8.18
N LEU D 342 19.06 5.42 -8.31
CA LEU D 342 19.89 6.00 -9.35
C LEU D 342 21.14 6.65 -8.76
N GLY D 343 22.10 6.95 -9.62
CA GLY D 343 23.27 7.72 -9.20
C GLY D 343 24.60 7.03 -9.35
N MET D 344 25.60 7.58 -8.65
CA MET D 344 26.97 7.10 -8.66
C MET D 344 27.09 5.60 -8.48
N HIS D 345 26.28 5.04 -7.58
CA HIS D 345 26.25 3.59 -7.39
C HIS D 345 24.84 3.06 -7.58
N GLY D 346 24.04 3.76 -8.38
CA GLY D 346 22.67 3.36 -8.64
C GLY D 346 22.57 2.24 -9.67
N CYS D 347 21.37 1.66 -9.77
CA CYS D 347 21.04 0.68 -10.80
C CYS D 347 21.28 1.24 -12.18
N ALA D 348 21.87 0.44 -13.07
CA ALA D 348 22.11 0.89 -14.43
C ALA D 348 20.81 1.26 -15.14
N THR D 349 19.75 0.51 -14.84
CA THR D 349 18.45 0.75 -15.45
C THR D 349 17.90 2.12 -15.09
N ALA D 350 17.99 2.49 -13.81
CA ALA D 350 17.56 3.80 -13.36
C ALA D 350 18.37 4.90 -14.04
N ASN D 351 19.68 4.72 -14.06
CA ASN D 351 20.57 5.68 -14.68
C ASN D 351 20.29 5.86 -16.17
N LEU D 352 20.10 4.75 -16.87
CA LEU D 352 19.82 4.78 -18.31
C LEU D 352 18.46 5.40 -18.60
N ALA D 353 17.48 5.09 -17.77
CA ALA D 353 16.13 5.64 -17.92
C ALA D 353 16.15 7.16 -17.81
N VAL D 354 16.89 7.66 -16.83
CA VAL D 354 17.04 9.10 -16.64
C VAL D 354 17.77 9.74 -17.82
N GLN D 355 18.78 9.06 -18.34
CA GLN D 355 19.57 9.59 -19.46
C GLN D 355 18.77 9.63 -20.76
N ASN D 356 17.69 8.86 -20.83
CA ASN D 356 16.93 8.75 -22.06
C ASN D 356 15.51 9.30 -21.96
N ALA D 357 15.14 9.79 -20.78
CA ALA D 357 13.81 10.34 -20.55
C ALA D 357 13.66 11.69 -21.23
N ASP D 358 12.46 11.96 -21.75
CA ASP D 358 12.18 13.28 -22.32
C ASP D 358 11.64 14.21 -21.24
N LEU D 359 11.18 13.64 -20.14
CA LEU D 359 10.71 14.43 -19.02
C LEU D 359 11.15 13.83 -17.68
N ILE D 360 11.81 14.64 -16.87
CA ILE D 360 12.17 14.22 -15.52
C ILE D 360 11.30 14.97 -14.53
N ILE D 361 10.53 14.21 -13.75
CA ILE D 361 9.68 14.79 -12.72
C ILE D 361 10.35 14.63 -11.37
N ALA D 362 11.01 15.70 -10.92
CA ALA D 362 11.76 15.67 -9.68
C ALA D 362 10.87 15.98 -8.48
N VAL D 363 10.75 15.01 -7.57
CA VAL D 363 9.87 15.13 -6.43
C VAL D 363 10.66 15.01 -5.13
N GLY D 364 10.92 16.14 -4.49
CA GLY D 364 11.63 16.16 -3.23
C GLY D 364 13.06 15.66 -3.28
N ALA D 365 13.80 16.08 -4.29
CA ALA D 365 15.21 15.70 -4.44
C ALA D 365 16.02 16.90 -4.93
N ARG D 366 17.30 16.99 -4.56
CA ARG D 366 18.02 18.24 -4.79
C ARG D 366 19.14 18.18 -5.84
N PHE D 367 19.19 17.13 -6.64
CA PHE D 367 20.14 17.02 -7.76
C PHE D 367 21.60 17.10 -7.32
N ASP D 368 21.96 16.38 -6.26
CA ASP D 368 23.35 16.31 -5.85
C ASP D 368 24.16 15.55 -6.90
N ASP D 369 25.43 15.83 -7.00
CA ASP D 369 26.28 15.20 -7.99
C ASP D 369 26.55 13.74 -7.74
N ARG D 370 26.17 13.25 -6.56
CA ARG D 370 26.29 11.87 -6.26
C ARG D 370 25.14 11.16 -6.96
N VAL D 371 24.21 11.93 -7.46
CA VAL D 371 23.07 11.42 -8.23
C VAL D 371 23.22 11.68 -9.72
N THR D 372 23.60 12.91 -10.07
CA THR D 372 23.59 13.34 -11.46
C THR D 372 24.82 12.90 -12.24
N GLY D 373 25.93 12.66 -11.53
CA GLY D 373 27.20 12.45 -12.20
C GLY D 373 27.62 13.75 -12.87
N ASN D 374 28.46 13.65 -13.89
CA ASN D 374 28.86 14.84 -14.66
C ASN D 374 27.63 15.58 -15.14
N ILE D 375 27.42 16.77 -14.59
CA ILE D 375 26.19 17.52 -14.80
C ILE D 375 26.00 17.94 -16.26
N SER D 376 27.09 18.13 -17.00
CA SER D 376 26.97 18.53 -18.40
C SER D 376 26.48 17.36 -19.25
N LYS D 377 26.66 16.14 -18.75
CA LYS D 377 26.21 14.95 -19.47
C LYS D 377 24.86 14.45 -18.94
N PHE D 378 24.33 15.14 -17.96
CA PHE D 378 23.12 14.70 -17.27
C PHE D 378 21.85 14.96 -18.07
N ALA D 379 21.01 13.93 -18.15
CA ALA D 379 19.70 14.00 -18.81
C ALA D 379 19.71 14.69 -20.17
N PRO D 380 20.48 14.15 -21.13
CA PRO D 380 20.58 14.81 -22.44
C PRO D 380 19.27 14.80 -23.21
N GLU D 381 18.47 13.76 -23.05
CA GLU D 381 17.20 13.65 -23.76
C GLU D 381 16.16 14.62 -23.18
N ALA D 382 16.28 14.93 -21.89
CA ALA D 382 15.39 15.89 -21.27
C ALA D 382 15.73 17.30 -21.72
N ARG D 383 17.04 17.57 -21.83
CA ARG D 383 17.51 18.88 -22.28
C ARG D 383 17.12 19.11 -23.74
N ARG D 384 17.17 18.04 -24.53
CA ARG D 384 16.76 18.09 -25.93
C ARG D 384 15.26 18.34 -26.05
N ALA D 385 14.48 17.67 -25.20
CA ALA D 385 13.03 17.86 -25.18
C ALA D 385 12.66 19.28 -24.79
N ALA D 386 13.37 19.82 -23.80
CA ALA D 386 13.14 21.20 -23.37
C ALA D 386 13.42 22.19 -24.49
N ALA D 387 14.48 21.95 -25.25
CA ALA D 387 14.85 22.82 -26.36
C ALA D 387 13.81 22.79 -27.47
N GLU D 388 13.06 21.70 -27.53
CA GLU D 388 12.02 21.54 -28.55
C GLU D 388 10.63 21.74 -27.94
N GLY D 389 10.59 22.26 -26.72
CA GLY D 389 9.34 22.58 -26.05
C GLY D 389 8.41 21.40 -25.84
N ARG D 390 8.98 20.23 -25.55
CA ARG D 390 8.17 19.02 -25.40
C ARG D 390 8.60 18.19 -24.20
N GLY D 391 9.30 18.81 -23.27
CA GLY D 391 9.74 18.12 -22.07
C GLY D 391 10.76 18.92 -21.29
N GLY D 392 11.62 18.21 -20.57
CA GLY D 392 12.61 18.86 -19.73
C GLY D 392 12.52 18.38 -18.30
N ILE D 393 12.53 19.31 -17.36
CA ILE D 393 12.55 18.93 -15.96
C ILE D 393 11.55 19.73 -15.12
N ILE D 394 10.70 19.00 -14.40
CA ILE D 394 9.75 19.58 -13.46
C ILE D 394 10.27 19.36 -12.05
N HIS D 395 10.18 20.38 -11.20
CA HIS D 395 10.77 20.30 -9.87
C HIS D 395 9.78 20.69 -8.77
N PHE D 396 9.35 19.68 -8.00
CA PHE D 396 8.56 19.90 -6.80
C PHE D 396 9.49 20.10 -5.62
N GLU D 397 9.67 21.36 -5.21
CA GLU D 397 10.66 21.69 -4.20
C GLU D 397 10.09 22.66 -3.17
N VAL D 398 10.34 22.38 -1.89
CA VAL D 398 9.79 23.18 -0.80
C VAL D 398 10.65 24.40 -0.46
N SER D 399 11.94 24.34 -0.79
CA SER D 399 12.85 25.42 -0.42
C SER D 399 13.33 26.21 -1.65
N PRO D 400 13.12 27.54 -1.62
CA PRO D 400 13.58 28.42 -2.70
C PRO D 400 15.09 28.31 -2.95
N LYS D 401 15.84 27.97 -1.91
CA LYS D 401 17.30 27.82 -2.01
C LYS D 401 17.70 26.75 -3.01
N ASN D 402 16.87 25.71 -3.16
CA ASN D 402 17.24 24.57 -3.99
C ASN D 402 16.56 24.56 -5.37
N ILE D 403 15.81 25.62 -5.66
CA ILE D 403 15.17 25.78 -6.96
C ILE D 403 16.13 26.50 -7.92
N ASN D 404 16.33 25.90 -9.09
CA ASN D 404 17.28 26.42 -10.10
C ASN D 404 18.70 26.50 -9.56
N LYS D 405 19.04 25.59 -8.66
CA LYS D 405 20.35 25.62 -8.01
C LYS D 405 21.40 24.86 -8.82
N VAL D 406 21.01 23.73 -9.38
CA VAL D 406 21.94 22.88 -10.13
C VAL D 406 21.52 22.78 -11.58
N VAL D 407 20.23 22.57 -11.78
CA VAL D 407 19.68 22.30 -13.10
C VAL D 407 18.71 23.41 -13.53
N GLN D 408 18.79 23.83 -14.78
CA GLN D 408 17.78 24.72 -15.33
C GLN D 408 16.48 23.93 -15.44
N THR D 409 15.46 24.36 -14.72
CA THR D 409 14.20 23.63 -14.72
C THR D 409 13.13 24.39 -15.47
N GLN D 410 12.31 23.65 -16.22
CA GLN D 410 11.27 24.25 -17.01
C GLN D 410 10.15 24.77 -16.12
N ILE D 411 9.77 23.95 -15.15
CA ILE D 411 8.70 24.32 -14.23
C ILE D 411 9.06 23.95 -12.79
N ALA D 412 9.05 24.95 -11.91
CA ALA D 412 9.23 24.71 -10.49
C ALA D 412 7.88 24.78 -9.79
N VAL D 413 7.51 23.72 -9.09
CA VAL D 413 6.28 23.75 -8.31
C VAL D 413 6.63 23.92 -6.84
N GLU D 414 6.37 25.12 -6.31
CA GLU D 414 6.83 25.49 -4.98
C GLU D 414 5.96 24.93 -3.85
N GLY D 415 6.60 24.41 -2.82
CA GLY D 415 5.88 23.98 -1.62
C GLY D 415 6.00 22.48 -1.35
N ASP D 416 5.15 21.99 -0.45
CA ASP D 416 5.14 20.58 -0.10
C ASP D 416 4.80 19.73 -1.31
N ALA D 417 5.68 18.78 -1.63
CA ALA D 417 5.52 17.94 -2.82
C ALA D 417 4.23 17.16 -2.79
N THR D 418 3.97 16.50 -1.67
CA THR D 418 2.77 15.67 -1.50
C THR D 418 1.50 16.48 -1.72
N THR D 419 1.43 17.64 -1.10
CA THR D 419 0.27 18.51 -1.21
C THR D 419 0.04 18.91 -2.67
N ASN D 420 1.13 19.23 -3.37
CA ASN D 420 1.03 19.67 -4.75
C ASN D 420 0.74 18.53 -5.72
N LEU D 421 1.19 17.32 -5.38
CA LEU D 421 0.84 16.15 -6.17
C LEU D 421 -0.66 15.88 -6.09
N GLY D 422 -1.21 16.04 -4.90
CA GLY D 422 -2.63 15.87 -4.67
C GLY D 422 -3.45 16.86 -5.48
N LYS D 423 -2.99 18.10 -5.54
CA LYS D 423 -3.68 19.14 -6.30
C LYS D 423 -3.61 18.89 -7.80
N MET D 424 -2.52 18.28 -8.25
CA MET D 424 -2.30 18.11 -9.68
C MET D 424 -3.02 16.88 -10.25
N MET D 425 -3.26 15.89 -9.39
CA MET D 425 -3.71 14.57 -9.81
C MET D 425 -4.86 14.57 -10.82
N SER D 426 -5.89 15.37 -10.57
CA SER D 426 -7.07 15.37 -11.42
C SER D 426 -6.77 15.94 -12.80
N LYS D 427 -5.64 16.62 -12.94
CA LYS D 427 -5.28 17.28 -14.19
C LYS D 427 -4.45 16.36 -15.07
N ILE D 428 -4.03 15.23 -14.53
CA ILE D 428 -3.23 14.26 -15.27
C ILE D 428 -4.13 13.31 -16.07
N PHE D 429 -3.91 13.23 -17.39
CA PHE D 429 -4.66 12.28 -18.20
C PHE D 429 -4.26 10.86 -17.87
N PRO D 430 -5.24 9.99 -17.61
CA PRO D 430 -4.96 8.56 -17.39
C PRO D 430 -4.31 7.94 -18.63
N VAL D 431 -3.24 7.18 -18.40
CA VAL D 431 -2.52 6.53 -19.48
C VAL D 431 -2.70 5.02 -19.40
N LYS D 432 -3.12 4.41 -20.51
CA LYS D 432 -3.34 2.97 -20.57
C LYS D 432 -2.03 2.20 -20.44
N GLU D 433 -1.03 2.60 -21.23
CA GLU D 433 0.25 1.89 -21.27
C GLU D 433 1.34 2.68 -22.00
N ARG D 434 2.58 2.34 -21.70
CA ARG D 434 3.74 2.86 -22.45
C ARG D 434 4.60 1.67 -22.88
N SER D 435 4.18 0.99 -23.93
CA SER D 435 4.79 -0.26 -24.36
C SER D 435 6.27 -0.15 -24.70
N GLU D 436 6.61 0.75 -25.60
CA GLU D 436 7.99 0.92 -26.05
C GLU D 436 8.92 1.32 -24.90
N TRP D 437 8.48 2.28 -24.10
CA TRP D 437 9.28 2.80 -23.00
C TRP D 437 9.57 1.71 -21.97
N PHE D 438 8.54 0.97 -21.59
CA PHE D 438 8.72 -0.08 -20.58
C PHE D 438 9.40 -1.32 -21.15
N ALA D 439 9.33 -1.50 -22.47
CA ALA D 439 10.04 -2.60 -23.12
C ALA D 439 11.54 -2.34 -23.02
N GLN D 440 11.93 -1.11 -23.32
CA GLN D 440 13.32 -0.69 -23.21
C GLN D 440 13.82 -0.84 -21.79
N ILE D 441 13.01 -0.39 -20.84
CA ILE D 441 13.35 -0.44 -19.42
C ILE D 441 13.54 -1.88 -18.94
N ASN D 442 12.61 -2.75 -19.31
CA ASN D 442 12.68 -4.16 -18.94
C ASN D 442 13.88 -4.88 -19.56
N LYS D 443 14.29 -4.41 -20.73
CA LYS D 443 15.44 -5.00 -21.40
C LYS D 443 16.71 -4.58 -20.65
N TRP D 444 16.75 -3.33 -20.23
CA TRP D 444 17.84 -2.85 -19.38
C TRP D 444 17.92 -3.62 -18.07
N LYS D 445 16.76 -3.95 -17.51
CA LYS D 445 16.70 -4.70 -16.26
C LYS D 445 17.31 -6.08 -16.42
N LYS D 446 17.00 -6.74 -17.54
CA LYS D 446 17.53 -8.08 -17.80
C LYS D 446 19.03 -8.04 -18.03
N GLU D 447 19.52 -6.97 -18.66
CA GLU D 447 20.91 -6.87 -19.02
C GLU D 447 21.80 -6.43 -17.87
N TYR D 448 21.28 -5.54 -17.02
CA TYR D 448 22.12 -4.93 -15.99
C TYR D 448 21.63 -5.14 -14.56
N PRO D 449 21.60 -6.40 -14.09
CA PRO D 449 21.27 -6.56 -12.68
C PRO D 449 22.44 -6.14 -11.79
N TYR D 450 22.20 -6.07 -10.49
CA TYR D 450 23.26 -5.80 -9.52
C TYR D 450 24.22 -6.99 -9.42
N ALA D 451 25.01 -7.23 -10.45
CA ALA D 451 25.88 -8.39 -10.49
C ALA D 451 27.12 -8.20 -9.62
N TYR D 452 27.61 -9.32 -9.07
CA TYR D 452 28.82 -9.31 -8.25
C TYR D 452 29.45 -10.71 -8.23
N MET D 453 30.67 -10.79 -7.74
CA MET D 453 31.35 -12.08 -7.64
C MET D 453 30.80 -12.90 -6.48
N GLU D 454 30.11 -13.99 -6.81
CA GLU D 454 29.45 -14.78 -5.79
C GLU D 454 30.39 -15.76 -5.12
N GLU D 455 29.91 -16.38 -4.03
CA GLU D 455 30.70 -17.33 -3.26
C GLU D 455 31.17 -18.51 -4.12
N THR D 456 32.38 -18.96 -3.84
CA THR D 456 32.92 -20.19 -4.39
C THR D 456 33.47 -21.02 -3.24
N PRO D 457 33.68 -22.33 -3.45
CA PRO D 457 34.29 -23.16 -2.41
C PRO D 457 35.60 -22.58 -1.88
N GLY D 458 35.71 -22.48 -0.56
CA GLY D 458 36.92 -21.99 0.08
C GLY D 458 37.03 -20.48 0.14
N SER D 459 36.12 -19.78 -0.54
CA SER D 459 36.16 -18.31 -0.52
C SER D 459 35.49 -17.78 0.74
N LYS D 460 35.79 -16.53 1.06
CA LYS D 460 35.12 -15.87 2.17
C LYS D 460 33.68 -15.56 1.79
N ILE D 461 32.87 -15.24 2.80
CA ILE D 461 31.50 -14.81 2.58
C ILE D 461 31.51 -13.49 1.81
N LYS D 462 30.59 -13.34 0.86
CA LYS D 462 30.48 -12.10 0.10
C LYS D 462 29.51 -11.14 0.78
N PRO D 463 29.91 -9.87 0.91
CA PRO D 463 29.09 -8.87 1.61
C PRO D 463 27.74 -8.65 0.93
N GLN D 464 27.69 -8.72 -0.39
CA GLN D 464 26.44 -8.52 -1.13
C GLN D 464 25.46 -9.67 -0.82
N THR D 465 26.00 -10.87 -0.66
CA THR D 465 25.19 -12.03 -0.32
C THR D 465 24.54 -11.89 1.06
N VAL D 466 25.28 -11.33 2.01
CA VAL D 466 24.75 -11.14 3.36
C VAL D 466 23.52 -10.23 3.34
N ILE D 467 23.59 -9.15 2.59
CA ILE D 467 22.47 -8.21 2.51
C ILE D 467 21.25 -8.89 1.92
N LYS D 468 21.43 -9.61 0.82
CA LYS D 468 20.33 -10.27 0.14
C LYS D 468 19.65 -11.28 1.06
N LYS D 469 20.45 -12.07 1.76
CA LYS D 469 19.91 -13.06 2.68
C LYS D 469 19.20 -12.40 3.87
N LEU D 470 19.82 -11.41 4.47
CA LEU D 470 19.24 -10.74 5.64
C LEU D 470 17.95 -10.02 5.26
N SER D 471 17.92 -9.43 4.08
CA SER D 471 16.73 -8.77 3.57
C SER D 471 15.54 -9.70 3.55
N LYS D 472 15.73 -10.92 3.05
CA LYS D 472 14.64 -11.89 3.03
C LYS D 472 14.30 -12.38 4.43
N VAL D 473 15.31 -12.70 5.23
CA VAL D 473 15.09 -13.18 6.59
C VAL D 473 14.33 -12.17 7.44
N ALA D 474 14.77 -10.91 7.41
CA ALA D 474 14.11 -9.86 8.19
C ALA D 474 12.68 -9.62 7.69
N ASN D 475 12.50 -9.59 6.38
CA ASN D 475 11.18 -9.35 5.81
C ASN D 475 10.19 -10.47 6.15
N ASP D 476 10.68 -11.70 6.22
CA ASP D 476 9.82 -12.85 6.48
C ASP D 476 9.30 -12.90 7.92
N THR D 477 9.85 -12.05 8.80
CA THR D 477 9.43 -12.05 10.19
C THR D 477 8.02 -11.52 10.37
N GLY D 478 7.57 -10.71 9.43
CA GLY D 478 6.26 -10.08 9.52
C GLY D 478 6.27 -8.86 10.41
N ARG D 479 7.46 -8.47 10.88
CA ARG D 479 7.60 -7.29 11.70
C ARG D 479 7.91 -6.07 10.86
N HIS D 480 7.68 -4.89 11.43
CA HIS D 480 8.10 -3.66 10.80
C HIS D 480 9.60 -3.52 10.97
N VAL D 481 10.33 -3.40 9.87
CA VAL D 481 11.79 -3.40 9.90
C VAL D 481 12.36 -2.03 9.61
N ILE D 482 13.29 -1.59 10.46
CA ILE D 482 14.01 -0.34 10.24
C ILE D 482 15.48 -0.63 10.07
N VAL D 483 16.09 -0.07 9.04
CA VAL D 483 17.51 -0.29 8.79
C VAL D 483 18.30 1.01 8.89
N THR D 484 19.34 0.99 9.72
CA THR D 484 20.33 2.06 9.75
C THR D 484 21.66 1.52 9.23
N THR D 485 22.56 2.41 8.85
CA THR D 485 23.87 2.00 8.37
C THR D 485 24.97 2.94 8.85
N GLY D 486 26.22 2.52 8.66
CA GLY D 486 27.34 3.42 8.75
C GLY D 486 27.58 4.04 7.38
N VAL D 487 28.81 4.43 7.10
CA VAL D 487 29.15 5.03 5.81
C VAL D 487 30.25 4.25 5.10
N GLY D 488 30.02 3.94 3.83
CA GLY D 488 30.99 3.21 3.03
C GLY D 488 30.35 2.19 2.11
N GLN D 489 31.08 1.10 1.85
CA GLN D 489 30.62 0.08 0.94
C GLN D 489 29.41 -0.68 1.46
N HIS D 490 29.45 -1.08 2.74
CA HIS D 490 28.34 -1.78 3.36
C HIS D 490 27.05 -0.96 3.22
N GLN D 491 27.20 0.36 3.28
CA GLN D 491 26.08 1.28 3.12
C GLN D 491 25.46 1.19 1.72
N TRP D 493 25.89 -1.24 -0.44
CA TRP D 493 25.39 -2.60 -0.66
C TRP D 493 24.04 -2.82 0.03
N ALA D 494 23.88 -2.24 1.22
CA ALA D 494 22.58 -2.24 1.90
C ALA D 494 21.53 -1.55 1.04
N ALA D 495 21.88 -0.38 0.51
CA ALA D 495 20.98 0.37 -0.35
C ALA D 495 20.58 -0.44 -1.59
N GLN D 496 21.55 -1.03 -2.26
CA GLN D 496 21.32 -1.75 -3.51
C GLN D 496 20.53 -3.04 -3.33
N HIS D 497 21.02 -3.93 -2.45
CA HIS D 497 20.57 -5.31 -2.44
C HIS D 497 19.41 -5.59 -1.48
N TRP D 498 19.08 -4.63 -0.63
CA TRP D 498 17.87 -4.75 0.18
C TRP D 498 16.69 -4.46 -0.73
N THR D 499 15.55 -5.08 -0.45
CA THR D 499 14.33 -4.77 -1.19
C THR D 499 13.47 -3.81 -0.36
N TRP D 500 13.41 -2.56 -0.79
CA TRP D 500 12.71 -1.51 -0.06
C TRP D 500 11.25 -1.43 -0.44
N ARG D 501 10.37 -1.35 0.56
CA ARG D 501 8.93 -1.37 0.33
C ARG D 501 8.18 -0.39 1.22
N ASN D 502 8.77 0.00 2.34
CA ASN D 502 8.07 0.80 3.34
C ASN D 502 8.75 2.12 3.68
N PRO D 503 7.96 3.20 3.77
CA PRO D 503 8.45 4.55 4.11
C PRO D 503 9.08 4.62 5.50
N HIS D 504 10.16 5.38 5.61
CA HIS D 504 10.87 5.59 6.88
C HIS D 504 11.42 4.30 7.46
N THR D 505 12.00 3.47 6.61
CA THR D 505 12.60 2.23 7.07
C THR D 505 14.08 2.16 6.66
N PHE D 506 14.55 3.15 5.92
CA PHE D 506 15.99 3.27 5.64
C PHE D 506 16.52 4.58 6.19
N ILE D 507 17.41 4.46 7.17
CA ILE D 507 17.92 5.63 7.89
C ILE D 507 19.44 5.65 7.80
N THR D 508 19.96 6.47 6.88
CA THR D 508 21.38 6.47 6.59
C THR D 508 21.89 7.90 6.39
N SER D 509 23.17 8.11 6.67
CA SER D 509 23.78 9.42 6.53
C SER D 509 24.27 9.64 5.10
N GLY D 510 23.60 10.52 4.36
CA GLY D 510 23.86 10.67 2.94
C GLY D 510 24.63 11.90 2.53
N GLY D 511 24.22 13.06 3.03
CA GLY D 511 24.80 14.33 2.62
C GLY D 511 26.17 14.58 3.22
N LEU D 512 26.25 14.49 4.54
CA LEU D 512 27.52 14.66 5.24
C LEU D 512 28.29 13.33 5.25
N GLY D 513 27.56 12.22 5.30
CA GLY D 513 28.15 10.90 5.29
C GLY D 513 29.01 10.60 6.52
N THR D 514 28.38 10.63 7.70
CA THR D 514 29.10 10.50 8.96
C THR D 514 29.30 9.06 9.40
N MET D 515 30.54 8.58 9.40
CA MET D 515 30.85 7.28 9.99
C MET D 515 30.48 7.30 11.45
N GLY D 516 29.91 6.20 11.93
CA GLY D 516 29.53 6.10 13.33
C GLY D 516 28.05 6.34 13.54
N TYR D 517 27.39 6.79 12.48
CA TYR D 517 25.96 7.07 12.48
C TYR D 517 25.11 5.86 12.87
N GLY D 518 25.52 4.68 12.41
CA GLY D 518 24.71 3.47 12.48
C GLY D 518 24.14 3.06 13.82
N LEU D 519 25.00 2.89 14.82
CA LEU D 519 24.56 2.38 16.12
C LEU D 519 23.69 3.40 16.87
N PRO D 520 24.15 4.65 17.06
CA PRO D 520 23.27 5.58 17.77
C PRO D 520 21.97 5.87 17.02
N ALA D 521 22.00 5.89 15.69
CA ALA D 521 20.78 6.12 14.93
C ALA D 521 19.79 4.96 15.15
N ALA D 522 20.31 3.74 15.24
CA ALA D 522 19.47 2.57 15.48
C ALA D 522 18.81 2.65 16.85
N ILE D 523 19.58 3.04 17.86
CA ILE D 523 19.06 3.20 19.22
C ILE D 523 17.93 4.23 19.23
N GLY D 524 18.16 5.37 18.59
CA GLY D 524 17.15 6.39 18.46
C GLY D 524 15.89 5.91 17.77
N ALA D 525 16.07 5.22 16.64
CA ALA D 525 14.94 4.69 15.89
C ALA D 525 14.15 3.68 16.71
N GLN D 526 14.87 2.85 17.46
CA GLN D 526 14.24 1.84 18.31
C GLN D 526 13.41 2.51 19.40
N VAL D 527 13.89 3.62 19.94
CA VAL D 527 13.14 4.39 20.92
C VAL D 527 11.85 4.92 20.29
N ALA D 528 11.97 5.46 19.08
CA ALA D 528 10.82 5.97 18.33
C ALA D 528 9.81 4.88 18.02
N LYS D 529 10.31 3.69 17.68
CA LYS D 529 9.47 2.57 17.26
C LYS D 529 9.78 1.30 18.03
N PRO D 530 9.30 1.20 19.29
CA PRO D 530 9.64 0.11 20.21
C PRO D 530 9.26 -1.28 19.68
N GLU D 531 8.29 -1.38 18.80
CA GLU D 531 7.86 -2.69 18.30
C GLU D 531 8.63 -3.11 17.06
N SER D 532 9.26 -2.16 16.38
CA SER D 532 9.97 -2.44 15.14
C SER D 532 11.24 -3.25 15.37
N LEU D 533 11.57 -4.09 14.40
CA LEU D 533 12.88 -4.72 14.34
C LEU D 533 13.86 -3.71 13.74
N VAL D 534 14.84 -3.29 14.52
CA VAL D 534 15.77 -2.27 14.08
C VAL D 534 17.16 -2.87 13.86
N ILE D 535 17.62 -2.80 12.63
CA ILE D 535 18.91 -3.39 12.26
C ILE D 535 19.92 -2.34 11.81
N ASP D 536 21.06 -2.29 12.49
CA ASP D 536 22.17 -1.47 12.04
C ASP D 536 23.11 -2.30 11.17
N ILE D 537 23.08 -2.06 9.87
CA ILE D 537 24.02 -2.68 8.94
C ILE D 537 25.25 -1.80 8.87
N ASP D 538 26.33 -2.22 9.54
CA ASP D 538 27.46 -1.33 9.76
C ASP D 538 28.77 -1.83 9.15
N GLY D 539 29.73 -0.93 9.03
CA GLY D 539 31.07 -1.30 8.62
C GLY D 539 31.95 -1.38 9.84
N ASP D 540 33.08 -2.08 9.74
CA ASP D 540 33.95 -2.23 10.90
C ASP D 540 34.60 -0.90 11.29
N ALA D 541 35.03 -0.12 10.31
CA ALA D 541 35.65 1.17 10.60
C ALA D 541 34.60 2.15 11.13
N SER D 542 33.42 2.16 10.53
CA SER D 542 32.32 3.01 10.99
C SER D 542 31.93 2.68 12.42
N PHE D 543 31.79 1.40 12.71
CA PHE D 543 31.35 0.96 14.03
C PHE D 543 32.32 1.38 15.12
N ASN D 544 33.61 1.37 14.81
CA ASN D 544 34.64 1.76 15.75
C ASN D 544 34.49 3.21 16.23
N MET D 545 33.92 4.05 15.37
CA MET D 545 33.77 5.46 15.68
C MET D 545 32.92 5.72 16.93
N THR D 546 31.81 5.01 17.06
CA THR D 546 30.85 5.26 18.13
C THR D 546 30.45 4.01 18.91
N LEU D 547 31.32 3.00 18.94
CA LEU D 547 30.96 1.71 19.52
C LEU D 547 30.68 1.76 21.03
N THR D 548 31.09 2.83 21.68
CA THR D 548 30.87 2.95 23.12
C THR D 548 29.39 3.02 23.46
N GLU D 549 28.56 3.32 22.46
CA GLU D 549 27.12 3.45 22.69
C GLU D 549 26.41 2.10 22.78
N LEU D 550 27.18 1.01 22.69
CA LEU D 550 26.62 -0.33 22.89
C LEU D 550 26.00 -0.46 24.27
N SER D 551 26.70 0.04 25.28
CA SER D 551 26.22 -0.01 26.66
C SER D 551 24.98 0.86 26.83
N SER D 552 24.91 1.95 26.07
CA SER D 552 23.76 2.85 26.10
C SER D 552 22.49 2.14 25.64
N ALA D 553 22.63 1.27 24.64
CA ALA D 553 21.52 0.47 24.15
C ALA D 553 20.97 -0.45 25.24
N VAL D 554 21.88 -0.99 26.06
CA VAL D 554 21.46 -1.84 27.16
C VAL D 554 20.72 -1.00 28.20
N GLN D 555 21.29 0.15 28.56
CA GLN D 555 20.67 1.03 29.53
C GLN D 555 19.31 1.58 29.05
N ALA D 556 19.20 1.84 27.75
CA ALA D 556 17.96 2.39 27.20
C ALA D 556 16.89 1.33 26.99
N GLY D 557 17.29 0.06 27.01
CA GLY D 557 16.35 -1.03 26.77
C GLY D 557 15.97 -1.15 25.31
N THR D 558 16.90 -0.79 24.43
CA THR D 558 16.68 -0.88 22.99
C THR D 558 17.33 -2.14 22.41
N PRO D 559 16.52 -3.12 22.02
CA PRO D 559 17.03 -4.40 21.51
C PRO D 559 17.46 -4.33 20.05
N VAL D 560 18.41 -3.44 19.75
CA VAL D 560 18.88 -3.25 18.39
C VAL D 560 19.67 -4.45 17.89
N LYS D 561 19.58 -4.69 16.58
CA LYS D 561 20.32 -5.76 15.93
C LYS D 561 21.50 -5.17 15.18
N ILE D 562 22.70 -5.37 15.70
CA ILE D 562 23.91 -4.79 15.10
C ILE D 562 24.61 -5.78 14.20
N LEU D 563 24.60 -5.51 12.89
CA LEU D 563 25.32 -6.33 11.92
C LEU D 563 26.61 -5.66 11.47
N ILE D 564 27.73 -6.32 11.68
CA ILE D 564 29.00 -5.79 11.20
C ILE D 564 29.53 -6.58 10.00
N LEU D 565 29.55 -5.94 8.85
CA LEU D 565 30.21 -6.52 7.68
C LEU D 565 31.69 -6.24 7.77
N ASN D 566 32.42 -7.14 8.42
CA ASN D 566 33.83 -6.91 8.71
C ASN D 566 34.74 -7.33 7.55
N ASN D 567 35.23 -6.34 6.82
CA ASN D 567 36.21 -6.58 5.78
C ASN D 567 37.61 -6.14 6.23
N GLU D 568 37.71 -5.77 7.51
CA GLU D 568 38.97 -5.34 8.12
C GLU D 568 39.64 -4.23 7.35
N GLU D 569 38.83 -3.30 6.85
CA GLU D 569 39.33 -2.17 6.07
C GLU D 569 38.31 -1.05 6.03
N GLN D 570 38.79 0.14 5.70
CA GLN D 570 37.94 1.24 5.29
C GLN D 570 37.65 1.06 3.80
N GLY D 571 36.72 0.16 3.50
CA GLY D 571 36.50 -0.35 2.16
C GLY D 571 36.25 0.66 1.06
N MET D 572 35.43 1.65 1.35
CA MET D 572 35.10 2.66 0.35
C MET D 572 36.35 3.46 -0.03
N VAL D 573 37.26 3.63 0.92
CA VAL D 573 38.48 4.37 0.64
C VAL D 573 39.51 3.51 -0.08
N THR D 574 39.61 2.24 0.30
CA THR D 574 40.52 1.34 -0.41
C THR D 574 40.03 1.13 -1.84
N GLN D 575 38.72 1.22 -2.04
CA GLN D 575 38.15 1.12 -3.38
C GLN D 575 38.67 2.25 -4.26
N TRP D 576 38.63 3.46 -3.72
CA TRP D 576 39.11 4.63 -4.45
C TRP D 576 40.62 4.60 -4.61
N GLN D 577 41.32 4.04 -3.62
CA GLN D 577 42.77 3.90 -3.73
C GLN D 577 43.15 2.83 -4.76
N SER D 578 42.36 1.76 -4.84
CA SER D 578 42.54 0.75 -5.86
C SER D 578 42.37 1.32 -7.26
N LEU D 579 41.33 2.13 -7.43
CA LEU D 579 40.96 2.63 -8.75
C LEU D 579 41.81 3.78 -9.25
N PHE D 580 42.11 4.74 -8.37
CA PHE D 580 42.74 5.99 -8.81
C PHE D 580 44.14 6.21 -8.26
N TYR D 581 44.57 5.37 -7.32
CA TYR D 581 45.88 5.55 -6.71
C TYR D 581 46.71 4.27 -6.76
N GLU D 582 46.44 3.45 -7.77
CA GLU D 582 47.24 2.27 -8.08
C GLU D 582 47.51 1.39 -6.86
N HIS D 583 46.45 1.15 -6.08
CA HIS D 583 46.49 0.22 -4.95
C HIS D 583 47.46 0.63 -3.85
N ARG D 584 47.71 1.93 -3.74
CA ARG D 584 48.43 2.46 -2.58
C ARG D 584 47.45 2.69 -1.44
N TYR D 585 47.47 1.79 -0.47
CA TYR D 585 46.52 1.90 0.65
C TYR D 585 47.14 2.64 1.81
N SER D 586 46.97 3.96 1.79
CA SER D 586 47.54 4.84 2.80
C SER D 586 46.63 4.95 4.01
N HIS D 587 46.99 4.23 5.08
CA HIS D 587 46.36 4.35 6.38
C HIS D 587 44.87 4.07 6.38
N THR D 588 44.47 3.05 5.64
CA THR D 588 43.05 2.71 5.53
C THR D 588 42.73 1.35 6.14
N HIS D 589 43.63 0.84 6.97
CA HIS D 589 43.39 -0.41 7.68
C HIS D 589 43.56 -0.23 9.19
N GLN D 590 42.44 -0.03 9.88
CA GLN D 590 42.47 0.15 11.33
C GLN D 590 42.43 -1.21 12.03
N LEU D 591 43.11 -1.30 13.16
CA LEU D 591 43.13 -2.54 13.95
C LEU D 591 41.82 -2.67 14.73
N ASN D 592 40.99 -3.63 14.32
CA ASN D 592 39.71 -3.87 14.98
C ASN D 592 39.86 -4.57 16.33
N PRO D 593 38.92 -4.32 17.25
CA PRO D 593 38.84 -5.12 18.47
C PRO D 593 38.11 -6.43 18.21
N ASP D 594 38.11 -7.33 19.18
CA ASP D 594 37.27 -8.52 19.13
C ASP D 594 35.83 -8.07 19.35
N PHE D 595 35.05 -8.01 18.27
CA PHE D 595 33.69 -7.47 18.34
C PHE D 595 32.75 -8.30 19.20
N ILE D 596 33.02 -9.59 19.31
CA ILE D 596 32.17 -10.49 20.08
C ILE D 596 32.46 -10.32 21.57
N LYS D 597 33.74 -10.24 21.93
CA LYS D 597 34.11 -10.00 23.31
C LYS D 597 33.71 -8.59 23.71
N LEU D 598 33.77 -7.66 22.76
CA LEU D 598 33.35 -6.29 22.99
C LEU D 598 31.87 -6.23 23.35
N ALA D 599 31.04 -6.83 22.48
CA ALA D 599 29.61 -6.87 22.70
C ALA D 599 29.25 -7.43 24.08
N GLU D 600 29.91 -8.52 24.46
CA GLU D 600 29.60 -9.16 25.73
C GLU D 600 30.09 -8.32 26.91
N ALA D 601 31.21 -7.62 26.72
CA ALA D 601 31.69 -6.69 27.74
C ALA D 601 30.69 -5.56 27.94
N MET D 602 30.01 -5.18 26.86
CA MET D 602 29.03 -4.11 26.88
C MET D 602 27.65 -4.58 27.34
N GLY D 603 27.50 -5.89 27.50
CA GLY D 603 26.25 -6.45 28.00
C GLY D 603 25.29 -6.98 26.94
N LEU D 604 25.81 -7.21 25.73
CA LEU D 604 25.00 -7.74 24.63
C LEU D 604 25.39 -9.16 24.29
N LYS D 605 24.54 -9.85 23.55
CA LYS D 605 24.92 -11.13 22.97
C LYS D 605 25.78 -10.88 21.73
N GLY D 606 26.84 -11.66 21.57
CA GLY D 606 27.73 -11.52 20.44
C GLY D 606 27.77 -12.78 19.60
N LEU D 607 27.66 -12.61 18.29
CA LEU D 607 27.70 -13.73 17.35
C LEU D 607 28.70 -13.45 16.24
N ARG D 608 29.33 -14.51 15.75
CA ARG D 608 30.28 -14.38 14.64
C ARG D 608 30.07 -15.49 13.61
N VAL D 609 30.21 -15.13 12.33
CA VAL D 609 30.21 -16.14 11.25
C VAL D 609 31.42 -15.96 10.36
N LYS D 610 32.08 -17.08 10.05
CA LYS D 610 33.17 -17.13 9.09
C LYS D 610 32.75 -17.95 7.87
N LYS D 611 32.15 -19.11 8.14
CA LYS D 611 31.87 -20.10 7.12
C LYS D 611 30.58 -19.80 6.36
N GLN D 612 30.61 -20.00 5.05
CA GLN D 612 29.44 -19.84 4.20
C GLN D 612 28.28 -20.69 4.69
N GLU D 613 28.59 -21.89 5.18
CA GLU D 613 27.58 -22.87 5.55
C GLU D 613 26.79 -22.48 6.80
N GLU D 614 27.34 -21.56 7.59
CA GLU D 614 26.71 -21.15 8.84
C GLU D 614 25.96 -19.83 8.73
N LEU D 615 26.03 -19.18 7.58
CA LEU D 615 25.46 -17.84 7.41
C LEU D 615 23.95 -17.82 7.65
N ASP D 616 23.24 -18.76 7.01
CA ASP D 616 21.79 -18.82 7.13
C ASP D 616 21.32 -18.96 8.57
N ALA D 617 21.85 -19.96 9.27
CA ALA D 617 21.44 -20.23 10.64
C ALA D 617 21.76 -19.06 11.57
N LYS D 618 22.92 -18.45 11.37
CA LYS D 618 23.37 -17.34 12.21
C LYS D 618 22.51 -16.10 11.99
N LEU D 619 22.14 -15.84 10.75
CA LEU D 619 21.28 -14.70 10.43
C LEU D 619 19.92 -14.88 11.10
N LYS D 620 19.42 -16.12 11.15
CA LYS D 620 18.15 -16.38 11.78
C LYS D 620 18.23 -16.24 13.30
N GLU D 621 19.31 -16.74 13.90
CA GLU D 621 19.53 -16.56 15.33
C GLU D 621 19.66 -15.08 15.67
N PHE D 622 20.33 -14.35 14.79
CA PHE D 622 20.52 -12.90 14.90
C PHE D 622 19.18 -12.18 15.02
N VAL D 623 18.34 -12.39 14.03
CA VAL D 623 17.04 -11.73 13.95
C VAL D 623 16.07 -12.21 15.05
N SER D 624 16.22 -13.46 15.47
CA SER D 624 15.31 -14.06 16.44
C SER D 624 15.63 -13.73 17.90
N THR D 625 16.81 -13.19 18.15
CA THR D 625 17.22 -12.86 19.51
C THR D 625 16.34 -11.77 20.10
N LYS D 626 15.92 -11.96 21.35
CA LYS D 626 15.01 -11.03 22.00
C LYS D 626 15.66 -9.69 22.31
N GLY D 627 16.81 -9.73 22.97
CA GLY D 627 17.48 -8.50 23.38
C GLY D 627 18.38 -7.92 22.30
N PRO D 628 19.24 -6.97 22.68
CA PRO D 628 20.22 -6.41 21.74
C PRO D 628 21.27 -7.47 21.41
N VAL D 629 21.74 -7.47 20.17
CA VAL D 629 22.67 -8.50 19.73
C VAL D 629 23.56 -7.96 18.62
N LEU D 630 24.83 -8.36 18.65
CA LEU D 630 25.77 -8.02 17.59
C LEU D 630 26.16 -9.27 16.83
N LEU D 631 26.07 -9.20 15.51
CA LEU D 631 26.55 -10.27 14.65
C LEU D 631 27.65 -9.76 13.74
N GLU D 632 28.86 -10.27 13.94
CA GLU D 632 29.98 -9.97 13.04
C GLU D 632 30.05 -11.00 11.93
N VAL D 633 29.98 -10.53 10.70
CA VAL D 633 30.22 -11.41 9.55
C VAL D 633 31.56 -11.07 8.94
N GLU D 634 32.46 -12.04 8.90
CA GLU D 634 33.72 -11.88 8.19
C GLU D 634 33.43 -11.97 6.70
N VAL D 635 33.62 -10.86 5.99
CA VAL D 635 33.34 -10.84 4.57
C VAL D 635 34.62 -10.63 3.77
N ASP D 636 34.53 -10.86 2.46
CA ASP D 636 35.69 -10.75 1.59
C ASP D 636 36.19 -9.31 1.51
N LYS D 637 37.46 -9.16 1.19
CA LYS D 637 38.11 -7.86 1.20
C LYS D 637 38.41 -7.34 -0.20
N LYS D 638 38.57 -6.01 -0.30
CA LYS D 638 38.96 -5.35 -1.54
C LYS D 638 37.95 -5.63 -2.66
N VAL D 639 36.67 -5.62 -2.30
CA VAL D 639 35.58 -5.80 -3.25
C VAL D 639 34.92 -4.47 -3.57
N PRO D 640 34.98 -4.04 -4.83
CA PRO D 640 34.40 -2.73 -5.17
C PRO D 640 32.88 -2.75 -5.25
N VAL D 641 32.26 -1.65 -4.86
CA VAL D 641 30.84 -1.43 -5.09
C VAL D 641 30.63 -1.04 -6.55
N LEU D 642 29.84 -1.84 -7.27
CA LEU D 642 29.52 -1.55 -8.66
C LEU D 642 28.01 -1.67 -8.86
N PRO D 643 27.45 -0.95 -9.85
CA PRO D 643 28.09 -0.06 -10.83
C PRO D 643 28.66 1.20 -10.18
N MET D 644 29.53 1.90 -10.91
CA MET D 644 30.12 3.13 -10.40
C MET D 644 30.27 4.18 -11.49
N VAL D 645 29.68 5.34 -11.26
CA VAL D 645 29.88 6.50 -12.11
C VAL D 645 30.90 7.40 -11.43
N ALA D 646 32.06 7.57 -12.04
CA ALA D 646 33.12 8.38 -11.44
C ALA D 646 33.85 9.20 -12.49
N GLY D 647 34.64 10.16 -12.02
CA GLY D 647 35.34 11.07 -12.91
C GLY D 647 34.34 11.95 -13.64
N GLY D 648 34.58 12.18 -14.91
CA GLY D 648 33.69 13.00 -15.71
C GLY D 648 32.66 12.18 -16.46
N SER D 649 32.48 10.94 -16.03
CA SER D 649 31.52 10.04 -16.66
C SER D 649 30.09 10.54 -16.49
N GLY D 650 29.28 10.35 -17.54
CA GLY D 650 27.85 10.59 -17.42
C GLY D 650 27.19 9.43 -16.72
N LEU D 651 25.92 9.59 -16.37
CA LEU D 651 25.17 8.54 -15.67
C LEU D 651 25.13 7.24 -16.46
N ASP D 652 25.23 7.32 -17.78
CA ASP D 652 25.18 6.15 -18.63
C ASP D 652 26.56 5.62 -18.97
N GLU D 653 27.60 6.18 -18.35
CA GLU D 653 28.97 5.72 -18.57
C GLU D 653 29.54 5.07 -17.31
N PHE D 654 28.70 4.30 -16.64
CA PHE D 654 29.07 3.60 -15.41
C PHE D 654 30.06 2.47 -15.68
N ILE D 655 30.89 2.17 -14.69
CA ILE D 655 31.67 0.95 -14.70
C ILE D 655 30.78 -0.19 -14.22
N ASN D 656 30.69 -1.26 -15.01
CA ASN D 656 29.85 -2.40 -14.66
C ASN D 656 30.70 -3.52 -14.06
N PHE D 657 30.06 -4.42 -13.31
CA PHE D 657 30.79 -5.57 -12.77
C PHE D 657 31.25 -6.49 -13.89
N ASP D 658 32.50 -6.94 -13.77
CA ASP D 658 33.10 -7.86 -14.72
C ASP D 658 33.98 -8.83 -13.94
N PRO D 659 33.63 -10.12 -13.96
CA PRO D 659 34.33 -11.14 -13.18
C PRO D 659 35.82 -11.27 -13.55
N GLU D 660 36.14 -11.21 -14.85
CA GLU D 660 37.53 -11.30 -15.29
C GLU D 660 38.35 -10.09 -14.81
N VAL D 661 37.72 -8.91 -14.84
CA VAL D 661 38.36 -7.69 -14.36
C VAL D 661 38.71 -7.79 -12.86
N GLU D 662 37.77 -8.28 -12.07
CA GLU D 662 38.00 -8.47 -10.64
C GLU D 662 39.19 -9.40 -10.37
N ARG D 663 39.30 -10.45 -11.17
CA ARG D 663 40.42 -11.39 -11.05
C ARG D 663 41.74 -10.70 -11.40
N GLN D 664 41.74 -9.92 -12.48
CA GLN D 664 42.93 -9.18 -12.89
C GLN D 664 43.32 -8.15 -11.83
N GLN D 665 42.32 -7.51 -11.24
CA GLN D 665 42.57 -6.53 -10.20
C GLN D 665 43.20 -7.19 -8.98
N THR D 666 42.79 -8.43 -8.70
CA THR D 666 43.35 -9.18 -7.59
C THR D 666 44.84 -9.49 -7.80
N GLU D 667 45.20 -9.93 -9.01
CA GLU D 667 46.61 -10.19 -9.31
C GLU D 667 47.43 -8.91 -9.20
N LEU D 668 46.92 -7.85 -9.82
CA LEU D 668 47.59 -6.55 -9.83
C LEU D 668 47.77 -6.02 -8.41
N ARG D 669 46.76 -6.21 -7.58
CA ARG D 669 46.81 -5.74 -6.19
C ARG D 669 47.88 -6.48 -5.40
N HIS D 670 47.93 -7.80 -5.55
CA HIS D 670 48.91 -8.64 -4.87
C HIS D 670 50.33 -8.18 -5.19
N LYS D 671 50.58 -7.88 -6.45
CA LYS D 671 51.90 -7.49 -6.92
C LYS D 671 52.29 -6.10 -6.41
N ARG D 672 51.35 -5.16 -6.50
CA ARG D 672 51.63 -3.78 -6.10
C ARG D 672 51.78 -3.62 -4.59
N THR D 673 51.06 -4.41 -3.80
CA THR D 673 51.15 -4.33 -2.35
C THR D 673 52.17 -5.30 -1.77
N GLY D 674 53.03 -5.83 -2.62
CA GLY D 674 54.02 -6.80 -2.20
C GLY D 674 53.44 -7.97 -1.45
N GLY D 675 52.21 -8.34 -1.78
CA GLY D 675 51.56 -9.49 -1.16
C GLY D 675 50.76 -9.20 0.10
N LYS D 676 50.77 -7.94 0.56
CA LYS D 676 50.08 -7.59 1.81
C LYS D 676 48.57 -7.60 1.66
N HIS D 677 48.07 -7.31 0.46
CA HIS D 677 46.62 -7.29 0.23
C HIS D 677 46.26 -7.93 -1.10
#